data_3J2U
#
_entry.id   3J2U
#
_cell.length_a   1.000
_cell.length_b   1.000
_cell.length_c   1.000
_cell.angle_alpha   90.00
_cell.angle_beta   90.00
_cell.angle_gamma   90.00
#
_symmetry.space_group_name_H-M   'P 1'
#
loop_
_entity.id
_entity.type
_entity.pdbx_description
1 polymer 'Kinesin-like protein Klp10A'
2 polymer 'Tubulin alpha-1A chain'
3 polymer 'Tubulin beta-2B chain'
#
loop_
_entity_poly.entity_id
_entity_poly.type
_entity_poly.pdbx_seq_one_letter_code
_entity_poly.pdbx_strand_id
1 'polypeptide(L)'
;MRGSHHHHHHGMASMTGGQQMGRDLYDDDDKDPSSRSITVCVRKRPISRKEVNRKEIDVISVPRKDMLIVHEPRSKVDLT
KFLENHKFRFDYAFNDTCDNAMVYKYTAKPLVKTIFEGGMATCFAYGQTGSGKTHTMGGEFNGKVQDCKNGIYAMAAKDV
FVTLNMPRYRAMNLVVSASFFEIYSGKVFDLLSDKQKLRVLEDGKQQVQVVGLTEKVVDGVEEVLKLIQHGNAARTSGQT
SANSNSSRSHAVFQIVLRPQGSTKIHGKFSFIDLAGNERGVDTSSADRQTRMEGAEINKSLLALKECIRALGKQSAHLPF
RVSKLTQVLRDSFIGEKSKTCMIAMISPGLSSCEHTLNTLRYADRVKELVVKDI
;
K
2 'polypeptide(L)'
;MRECISIHVGQAGVQIGNACWELYCLEHGIQPDGQMPSDKTIGGGDDSFNTFFSETGAGKHVPRAVFVDLEPTVIDEVRT
GTYRQLFHPEQLITGKEDAANNYARGHYTIGKEIIDLVLDRIRKLADQCTGLQGFSVFHSFGGGTGSGFTSLLMERLSVD
YGKKSKLEFSIYPAPQVSTAVVEPYNSILTTHTTLEHSDCAFMVDNEAIYDICRRNLDIERPTYTNLNRLIGQIVSSITA
SLRFDGALNVDLTEFQTNLVPYPRGHFPLATYAPVISAEKAYHEQLSVAEITNACFEPANQMVKCDPRHGKYMACCLLYR
GDVVPKDVNAAIATIKTKRTIQFVDWCPTGFKVGINYEPPTVVPGGDLAKVQRAVCMLSNTTAIAEAWARLDHKFDLMYA
KRAFVHWYVGEGMEEGEFSEAREDMAALEKDYEEVGVDSVEGEGEEEGEEY
;
A,C
3 'polypeptide(L)'
;MREIVHIQAGQCGNQIGAKFWEVISDEHGIDPTGSYHGDSDLQLERINVYYNEAAGNKYVPRAILVDLEPGTMDSVRSGP
FGQIFRPDNFVFGQSGAGNNWAKGHYTEGAELVDSVLDVVRKESESCDCLQGFQLTHSLGGGTGSGMGTLLISKIREEYP
DRIMNTFSVVPSPKVSDTVVEPYNATLSVHQLVENTDETYCIDNEALYDICFRTLKLTTPTYGDLNHLVSATMSGVTTCL
RFPGQLNADLRKLAVNMVPFPRLHFFMPGFAPLTSRGSQQYRALTVPELTQQMFDAKNMMAACDPRHGRYLTVAAVFRGR
MSMKEVDEQMLNVQNKNSSYFVEWIPNNVKTAVCDIPPRGLKMSATFIGNSTAIQELFKRISEQFTAMFRRKAFLHWYTG
EGMDEMEFTEAESNMNDLVSEYQQYQDATADEQGEFEEEGEEDEA
;
B,D
#
# COMPACT_ATOMS: atom_id res chain seq x y z
N ILE A 38 -1.59 -3.16 -9.88
CA ILE A 38 -0.88 -2.38 -8.84
C ILE A 38 -0.72 -3.14 -7.57
N THR A 39 0.53 -3.26 -7.11
CA THR A 39 0.78 -3.94 -5.87
C THR A 39 1.54 -3.00 -4.99
N VAL A 40 1.19 -2.95 -3.68
CA VAL A 40 1.92 -2.07 -2.82
C VAL A 40 2.39 -2.85 -1.62
N CYS A 41 3.68 -2.69 -1.29
CA CYS A 41 4.25 -3.41 -0.20
C CYS A 41 5.00 -2.45 0.68
N VAL A 42 5.34 -2.91 1.90
CA VAL A 42 6.07 -2.08 2.81
C VAL A 42 7.21 -2.89 3.34
N ARG A 43 8.41 -2.28 3.50
CA ARG A 43 9.49 -3.03 4.04
C ARG A 43 10.14 -2.26 5.15
N LYS A 44 10.24 -2.88 6.34
CA LYS A 44 10.88 -2.26 7.46
C LYS A 44 12.31 -2.71 7.47
N ARG A 45 13.22 -1.74 7.65
CA ARG A 45 14.63 -1.98 7.75
C ARG A 45 14.92 -2.13 9.21
N PRO A 46 15.94 -2.85 9.57
CA PRO A 46 16.26 -3.02 10.96
C PRO A 46 16.96 -1.79 11.44
N ILE A 47 17.04 -1.62 12.76
CA ILE A 47 17.71 -0.48 13.30
C ILE A 47 19.16 -0.69 13.03
N SER A 48 19.87 0.40 12.62
CA SER A 48 21.26 0.35 12.30
C SER A 48 22.04 0.43 13.57
N ARG A 49 23.38 0.27 13.45
CA ARG A 49 24.22 0.29 14.62
C ARG A 49 24.20 1.66 15.23
N LYS A 50 24.18 2.73 14.40
CA LYS A 50 24.16 4.07 14.90
C LYS A 50 22.92 4.32 15.70
N GLU A 51 21.75 3.87 15.21
CA GLU A 51 20.51 4.07 15.92
C GLU A 51 20.53 3.29 17.19
N VAL A 52 21.06 2.06 17.15
CA VAL A 52 21.08 1.20 18.30
C VAL A 52 21.92 1.82 19.37
N ASN A 53 23.08 2.36 18.98
CA ASN A 53 23.99 2.93 19.94
C ASN A 53 23.32 4.09 20.59
N ARG A 54 22.54 4.85 19.79
CA ARG A 54 21.77 5.98 20.22
C ARG A 54 20.71 5.46 21.13
N LYS A 55 20.44 4.16 21.06
CA LYS A 55 19.43 3.57 21.87
C LYS A 55 18.09 4.01 21.38
N GLU A 56 17.93 4.11 20.04
CA GLU A 56 16.66 4.45 19.48
C GLU A 56 15.74 3.29 19.68
N ILE A 57 14.45 3.59 19.91
CA ILE A 57 13.48 2.57 20.16
C ILE A 57 12.88 2.17 18.85
N ASP A 58 12.64 0.85 18.68
CA ASP A 58 12.05 0.29 17.49
C ASP A 58 10.56 0.35 17.68
N VAL A 59 9.91 1.24 16.93
CA VAL A 59 8.50 1.54 16.89
C VAL A 59 7.70 0.63 16.01
N ILE A 60 8.31 -0.22 15.16
CA ILE A 60 7.46 -0.91 14.24
C ILE A 60 7.48 -2.40 14.41
N SER A 61 6.32 -3.03 14.15
CA SER A 61 6.20 -4.45 14.24
C SER A 61 5.44 -4.93 13.05
N VAL A 62 5.79 -6.12 12.56
CA VAL A 62 5.10 -6.72 11.46
C VAL A 62 4.77 -8.13 11.89
N PRO A 63 3.67 -8.25 12.57
CA PRO A 63 3.22 -9.50 13.13
C PRO A 63 2.75 -10.48 12.12
N ARG A 64 2.41 -10.04 10.89
CA ARG A 64 1.87 -10.93 9.90
C ARG A 64 2.48 -10.54 8.59
N LYS A 65 2.21 -11.36 7.54
CA LYS A 65 2.74 -11.14 6.22
C LYS A 65 2.17 -9.91 5.61
N ASP A 66 0.97 -9.45 6.04
CA ASP A 66 0.49 -8.27 5.40
C ASP A 66 0.09 -7.22 6.39
N MET A 67 0.54 -7.35 7.66
CA MET A 67 0.15 -6.40 8.66
C MET A 67 1.37 -5.69 9.20
N LEU A 68 1.31 -4.34 9.27
CA LEU A 68 2.39 -3.55 9.78
C LEU A 68 1.81 -2.72 10.89
N ILE A 69 2.48 -2.69 12.07
CA ILE A 69 1.93 -1.91 13.14
C ILE A 69 2.93 -0.86 13.57
N VAL A 70 2.42 0.36 13.82
CA VAL A 70 3.27 1.43 14.27
C VAL A 70 2.87 1.73 15.68
N HIS A 71 3.83 1.62 16.62
CA HIS A 71 3.53 1.88 18.01
C HIS A 71 3.92 3.30 18.26
N GLU A 72 3.02 4.24 17.90
CA GLU A 72 3.32 5.64 18.01
C GLU A 72 3.32 6.08 19.45
N PRO A 73 4.41 6.68 19.84
CA PRO A 73 4.49 7.19 21.19
C PRO A 73 3.75 8.47 21.23
N ARG A 74 3.09 8.79 22.36
CA ARG A 74 2.41 10.05 22.37
C ARG A 74 2.29 10.50 23.77
N SER A 75 2.05 11.81 23.94
CA SER A 75 1.88 12.33 25.26
C SER A 75 0.65 13.15 25.27
N LYS A 76 -0.13 13.06 26.37
CA LYS A 76 -1.29 13.89 26.45
C LYS A 76 -0.79 15.24 26.85
N VAL A 77 -1.70 16.21 26.98
CA VAL A 77 -1.35 17.56 27.33
C VAL A 77 -0.68 17.53 28.68
N ASP A 78 -1.19 16.69 29.59
CA ASP A 78 -0.64 16.56 30.91
C ASP A 78 0.68 15.84 30.78
N LEU A 79 0.99 15.38 29.57
CA LEU A 79 2.22 14.67 29.30
C LEU A 79 2.17 13.26 29.79
N THR A 80 0.97 12.67 29.84
CA THR A 80 0.85 11.27 30.15
C THR A 80 1.36 10.54 28.93
N LYS A 81 2.13 9.45 29.13
CA LYS A 81 2.63 8.72 28.00
C LYS A 81 1.68 7.63 27.65
N PHE A 82 1.42 7.45 26.33
CA PHE A 82 0.57 6.38 25.91
C PHE A 82 0.99 5.99 24.52
N LEU A 83 0.59 4.78 24.08
CA LEU A 83 0.92 4.31 22.77
C LEU A 83 -0.33 4.23 21.95
N GLU A 84 -0.29 4.84 20.74
CA GLU A 84 -1.37 4.69 19.82
C GLU A 84 -0.83 3.77 18.77
N ASN A 85 -1.34 2.53 18.78
CA ASN A 85 -0.81 1.58 17.86
C ASN A 85 -1.68 1.62 16.65
N HIS A 86 -1.08 1.89 15.48
CA HIS A 86 -1.86 1.98 14.28
C HIS A 86 -1.55 0.78 13.45
N LYS A 87 -2.56 0.29 12.68
CA LYS A 87 -2.37 -0.89 11.88
C LYS A 87 -2.53 -0.54 10.44
N PHE A 88 -1.65 -1.11 9.58
CA PHE A 88 -1.67 -0.92 8.15
C PHE A 88 -1.58 -2.28 7.52
N ARG A 89 -2.27 -2.48 6.38
CA ARG A 89 -2.26 -3.74 5.70
C ARG A 89 -1.72 -3.51 4.33
N PHE A 90 -0.85 -4.42 3.85
CA PHE A 90 -0.29 -4.27 2.53
C PHE A 90 -0.32 -5.61 1.87
N ASP A 91 -0.09 -5.63 0.55
CA ASP A 91 -0.14 -6.87 -0.16
C ASP A 91 0.92 -7.72 0.46
N TYR A 92 2.12 -7.14 0.71
CA TYR A 92 3.15 -7.86 1.40
C TYR A 92 3.85 -6.92 2.33
N ALA A 93 4.08 -7.36 3.58
CA ALA A 93 4.78 -6.55 4.54
C ALA A 93 6.00 -7.32 4.94
N PHE A 94 7.19 -6.69 4.81
CA PHE A 94 8.45 -7.35 5.06
C PHE A 94 9.05 -6.82 6.34
N ASN A 95 9.56 -7.74 7.17
CA ASN A 95 10.17 -7.51 8.44
C ASN A 95 11.63 -7.16 8.23
N ASP A 96 12.33 -6.75 9.31
CA ASP A 96 13.71 -6.35 9.25
C ASP A 96 14.58 -7.49 8.84
N THR A 97 14.14 -8.74 9.08
CA THR A 97 14.91 -9.91 8.75
C THR A 97 15.01 -10.12 7.27
N CYS A 98 13.97 -9.73 6.51
CA CYS A 98 13.86 -10.02 5.10
C CYS A 98 15.01 -9.45 4.30
N ASP A 99 15.58 -10.31 3.42
CA ASP A 99 16.69 -9.97 2.55
C ASP A 99 16.14 -9.35 1.30
N ASN A 100 17.03 -8.79 0.46
CA ASN A 100 16.66 -8.15 -0.77
C ASN A 100 16.10 -9.16 -1.72
N ALA A 101 16.65 -10.40 -1.69
CA ALA A 101 16.17 -11.43 -2.58
C ALA A 101 14.74 -11.71 -2.24
N MET A 102 14.40 -11.79 -0.94
CA MET A 102 13.07 -12.10 -0.54
C MET A 102 12.14 -11.00 -0.97
N VAL A 103 12.56 -9.72 -0.78
CA VAL A 103 11.75 -8.59 -1.13
C VAL A 103 11.53 -8.60 -2.61
N TYR A 104 12.60 -8.85 -3.37
CA TYR A 104 12.56 -8.84 -4.80
C TYR A 104 11.58 -9.88 -5.29
N LYS A 105 11.55 -11.04 -4.65
CA LYS A 105 10.70 -12.13 -5.08
C LYS A 105 9.26 -11.69 -5.08
N TYR A 106 8.82 -11.00 -4.02
CA TYR A 106 7.46 -10.56 -3.90
C TYR A 106 7.09 -9.35 -4.71
N THR A 107 8.03 -8.40 -4.93
CA THR A 107 7.66 -7.21 -5.67
C THR A 107 7.87 -7.18 -7.17
N ALA A 108 9.17 -7.08 -7.59
CA ALA A 108 9.61 -6.91 -8.95
C ALA A 108 9.52 -8.15 -9.78
N LYS A 109 9.80 -9.31 -9.16
CA LYS A 109 9.91 -10.53 -9.89
C LYS A 109 8.66 -10.81 -10.65
N PRO A 110 7.51 -10.63 -10.09
CA PRO A 110 6.29 -10.93 -10.79
C PRO A 110 6.04 -10.03 -11.98
N LEU A 111 6.72 -8.87 -12.05
CA LEU A 111 6.58 -7.91 -13.13
C LEU A 111 7.34 -8.26 -14.37
N VAL A 112 8.44 -9.02 -14.25
CA VAL A 112 9.31 -9.27 -15.37
C VAL A 112 8.55 -9.89 -16.50
N LYS A 113 7.67 -10.86 -16.20
CA LYS A 113 6.95 -11.55 -17.24
C LYS A 113 6.16 -10.56 -18.02
N THR A 114 5.70 -9.48 -17.36
CA THR A 114 4.85 -8.50 -17.97
C THR A 114 5.52 -7.91 -19.18
N ILE A 115 6.84 -7.63 -19.11
CA ILE A 115 7.54 -7.04 -20.22
C ILE A 115 7.63 -8.01 -21.38
N PHE A 116 7.83 -9.32 -21.09
CA PHE A 116 7.91 -10.33 -22.10
C PHE A 116 6.57 -10.47 -22.76
N GLU A 117 5.51 -10.22 -21.98
CA GLU A 117 4.15 -10.21 -22.43
C GLU A 117 3.99 -9.05 -23.37
N GLY A 118 4.90 -8.08 -23.31
CA GLY A 118 4.79 -6.94 -24.17
C GLY A 118 4.20 -5.77 -23.43
N GLY A 119 4.21 -5.83 -22.08
CA GLY A 119 3.66 -4.74 -21.33
C GLY A 119 4.73 -3.81 -20.83
N MET A 120 4.34 -2.88 -19.94
CA MET A 120 5.26 -1.93 -19.36
C MET A 120 5.11 -2.02 -17.87
N ALA A 121 6.22 -2.25 -17.16
CA ALA A 121 6.15 -2.42 -15.73
C ALA A 121 7.01 -1.40 -15.05
N THR A 122 6.61 -1.01 -13.83
CA THR A 122 7.35 -0.04 -13.09
C THR A 122 7.39 -0.49 -11.66
N CYS A 123 8.55 -0.31 -10.99
CA CYS A 123 8.65 -0.63 -9.59
C CYS A 123 9.26 0.56 -8.93
N PHE A 124 8.63 1.05 -7.84
CA PHE A 124 9.09 2.26 -7.21
C PHE A 124 9.49 1.95 -5.80
N ALA A 125 10.63 2.55 -5.36
CA ALA A 125 11.04 2.48 -3.99
C ALA A 125 10.71 3.81 -3.42
N TYR A 126 9.86 3.86 -2.38
CA TYR A 126 9.39 5.11 -1.84
C TYR A 126 9.60 5.13 -0.35
N GLY A 127 9.97 6.31 0.22
CA GLY A 127 10.14 6.36 1.64
C GLY A 127 11.04 7.51 2.02
N GLN A 128 11.30 7.63 3.35
CA GLN A 128 12.07 8.69 3.90
C GLN A 128 13.51 8.46 3.64
N THR A 129 14.31 9.51 3.87
CA THR A 129 15.73 9.46 3.64
C THR A 129 16.30 8.47 4.61
N GLY A 130 17.10 7.51 4.10
CA GLY A 130 17.77 6.53 4.90
C GLY A 130 16.87 5.35 5.18
N SER A 131 15.71 5.28 4.51
CA SER A 131 14.76 4.20 4.72
C SER A 131 15.22 2.93 4.08
N GLY A 132 16.15 2.98 3.09
CA GLY A 132 16.61 1.76 2.47
C GLY A 132 16.24 1.67 1.01
N LYS A 133 15.80 2.77 0.37
CA LYS A 133 15.44 2.64 -1.02
C LYS A 133 16.60 2.31 -1.92
N THR A 134 17.77 2.96 -1.76
CA THR A 134 18.91 2.73 -2.61
C THR A 134 19.45 1.35 -2.36
N HIS A 135 19.45 0.93 -1.08
CA HIS A 135 19.96 -0.35 -0.69
C HIS A 135 19.19 -1.42 -1.42
N THR A 136 17.85 -1.29 -1.46
CA THR A 136 17.05 -2.31 -2.09
C THR A 136 17.22 -2.35 -3.58
N MET A 137 17.12 -1.20 -4.27
CA MET A 137 17.26 -1.18 -5.70
C MET A 137 18.66 -1.40 -6.22
N GLY A 138 19.62 -0.61 -5.72
CA GLY A 138 20.99 -0.57 -6.19
C GLY A 138 21.89 -1.66 -5.69
N GLY A 139 21.77 -2.06 -4.42
CA GLY A 139 22.70 -3.01 -3.89
C GLY A 139 22.92 -2.66 -2.47
N GLU A 140 23.42 -3.64 -1.70
CA GLU A 140 23.56 -3.55 -0.28
C GLU A 140 24.61 -2.57 0.09
N PHE A 141 24.19 -1.46 0.72
CA PHE A 141 25.21 -0.64 1.29
C PHE A 141 24.57 0.40 2.13
N ASN A 142 25.17 0.60 3.32
CA ASN A 142 24.80 1.68 4.17
C ASN A 142 25.73 2.73 3.70
N GLY A 143 25.22 3.48 2.71
CA GLY A 143 25.90 4.46 1.93
C GLY A 143 25.09 4.38 0.69
N LYS A 144 24.28 3.31 0.65
CA LYS A 144 23.35 3.01 -0.38
C LYS A 144 24.13 2.68 -1.60
N VAL A 145 25.46 2.58 -1.47
CA VAL A 145 26.16 2.30 -2.69
C VAL A 145 27.08 1.14 -2.47
N GLN A 146 26.84 0.04 -3.21
CA GLN A 146 27.73 -1.08 -3.14
C GLN A 146 27.39 -2.08 -4.19
N ASP A 147 27.35 -3.36 -3.74
CA ASP A 147 27.20 -4.52 -4.54
C ASP A 147 25.93 -4.41 -5.34
N CYS A 148 26.10 -4.23 -6.66
CA CYS A 148 25.02 -4.11 -7.61
C CYS A 148 24.25 -5.40 -7.68
N LYS A 149 24.95 -6.54 -7.63
CA LYS A 149 24.40 -7.85 -7.80
C LYS A 149 23.31 -8.09 -6.79
N ASN A 150 23.48 -7.52 -5.59
CA ASN A 150 22.62 -7.66 -4.44
C ASN A 150 21.29 -6.99 -4.62
N GLY A 151 21.17 -6.02 -5.55
CA GLY A 151 19.96 -5.22 -5.62
C GLY A 151 18.99 -5.71 -6.66
N ILE A 152 17.77 -5.09 -6.63
CA ILE A 152 16.68 -5.43 -7.50
C ILE A 152 16.99 -5.17 -8.94
N TYR A 153 17.79 -4.12 -9.27
CA TYR A 153 18.04 -3.89 -10.66
C TYR A 153 18.73 -5.11 -11.22
N ALA A 154 19.74 -5.63 -10.50
CA ALA A 154 20.51 -6.77 -10.92
C ALA A 154 19.67 -8.01 -10.96
N MET A 155 18.90 -8.27 -9.89
CA MET A 155 18.12 -9.48 -9.78
C MET A 155 17.12 -9.51 -10.90
N ALA A 156 16.50 -8.37 -11.22
CA ALA A 156 15.51 -8.31 -12.24
C ALA A 156 16.15 -8.66 -13.56
N ALA A 157 17.38 -8.14 -13.79
CA ALA A 157 18.09 -8.37 -15.02
C ALA A 157 18.37 -9.84 -15.15
N LYS A 158 18.74 -10.49 -14.03
CA LYS A 158 19.09 -11.88 -14.04
C LYS A 158 17.93 -12.65 -14.57
N ASP A 159 16.71 -12.35 -14.09
CA ASP A 159 15.51 -13.03 -14.50
C ASP A 159 15.19 -12.75 -15.94
N VAL A 160 15.55 -11.55 -16.43
CA VAL A 160 15.24 -11.21 -17.79
C VAL A 160 15.99 -12.09 -18.74
N PHE A 161 17.27 -12.38 -18.44
CA PHE A 161 18.03 -13.21 -19.33
C PHE A 161 17.54 -14.62 -19.29
N VAL A 162 17.18 -15.11 -18.10
CA VAL A 162 16.72 -16.48 -17.99
C VAL A 162 15.45 -16.67 -18.76
N THR A 163 14.48 -15.75 -18.64
CA THR A 163 13.19 -15.90 -19.29
C THR A 163 13.32 -15.84 -20.78
N LEU A 164 14.20 -14.96 -21.30
CA LEU A 164 14.36 -14.72 -22.70
C LEU A 164 14.75 -16.04 -23.32
N ASN A 165 15.55 -16.82 -22.58
CA ASN A 165 16.06 -18.10 -22.99
C ASN A 165 15.00 -19.16 -23.04
N MET A 166 13.85 -18.97 -22.34
CA MET A 166 12.85 -20.01 -22.31
C MET A 166 12.16 -20.14 -23.64
N PRO A 167 11.69 -21.34 -23.92
CA PRO A 167 11.10 -21.68 -25.19
C PRO A 167 10.01 -20.77 -25.65
N ARG A 168 9.08 -20.34 -24.77
CA ARG A 168 8.00 -19.53 -25.26
C ARG A 168 8.54 -18.23 -25.75
N TYR A 169 9.57 -17.71 -25.07
CA TYR A 169 10.20 -16.47 -25.42
C TYR A 169 11.21 -16.54 -26.53
N ARG A 170 11.94 -17.66 -26.69
CA ARG A 170 13.07 -17.68 -27.58
C ARG A 170 12.70 -17.26 -28.97
N ALA A 171 11.51 -17.65 -29.43
CA ALA A 171 11.07 -17.36 -30.76
C ALA A 171 11.09 -15.87 -30.97
N MET A 172 10.92 -15.09 -29.88
CA MET A 172 10.78 -13.67 -29.92
C MET A 172 11.98 -13.00 -30.51
N ASN A 173 13.21 -13.55 -30.34
CA ASN A 173 14.37 -12.93 -30.93
C ASN A 173 14.46 -11.51 -30.45
N LEU A 174 14.52 -11.33 -29.12
CA LEU A 174 14.55 -10.06 -28.47
C LEU A 174 15.97 -9.73 -28.12
N VAL A 175 16.25 -8.42 -28.02
CA VAL A 175 17.54 -7.91 -27.65
C VAL A 175 17.31 -7.16 -26.37
N VAL A 176 18.27 -7.22 -25.44
CA VAL A 176 18.04 -6.54 -24.18
C VAL A 176 18.88 -5.29 -24.11
N SER A 177 18.24 -4.16 -23.71
CA SER A 177 18.96 -2.91 -23.59
C SER A 177 18.71 -2.35 -22.24
N ALA A 178 19.64 -1.50 -21.73
CA ALA A 178 19.50 -0.95 -20.42
C ALA A 178 19.84 0.51 -20.46
N SER A 179 19.22 1.31 -19.56
CA SER A 179 19.57 2.70 -19.49
C SER A 179 19.49 3.10 -18.06
N PHE A 180 20.23 4.17 -17.66
CA PHE A 180 20.14 4.60 -16.30
C PHE A 180 20.23 6.10 -16.32
N PHE A 181 19.25 6.79 -15.69
CA PHE A 181 19.30 8.23 -15.65
C PHE A 181 18.67 8.70 -14.38
N GLU A 182 18.93 9.98 -14.03
CA GLU A 182 18.42 10.53 -12.81
C GLU A 182 17.71 11.82 -13.14
N ILE A 183 16.72 12.18 -12.30
CA ILE A 183 16.01 13.40 -12.51
C ILE A 183 16.26 14.27 -11.32
N TYR A 184 16.77 15.49 -11.59
CA TYR A 184 17.16 16.39 -10.55
C TYR A 184 16.65 17.74 -10.93
N SER A 185 15.78 18.33 -10.09
CA SER A 185 15.25 19.65 -10.31
C SER A 185 14.72 19.81 -11.70
N GLY A 186 13.88 18.86 -12.17
CA GLY A 186 13.23 19.00 -13.44
C GLY A 186 14.20 18.75 -14.55
N LYS A 187 15.42 18.29 -14.24
CA LYS A 187 16.37 18.05 -15.29
C LYS A 187 16.68 16.58 -15.34
N VAL A 188 16.94 16.06 -16.55
CA VAL A 188 17.26 14.66 -16.71
C VAL A 188 18.70 14.54 -17.05
N PHE A 189 19.42 13.61 -16.37
CA PHE A 189 20.83 13.43 -16.62
C PHE A 189 21.10 11.99 -16.91
N ASP A 190 21.93 11.72 -17.94
CA ASP A 190 22.23 10.38 -18.35
C ASP A 190 23.40 9.90 -17.54
N LEU A 191 23.15 8.92 -16.64
CA LEU A 191 24.13 8.35 -15.77
C LEU A 191 25.11 7.52 -16.55
N LEU A 192 24.64 6.95 -17.67
CA LEU A 192 25.38 6.15 -18.60
C LEU A 192 26.28 6.99 -19.44
N SER A 193 25.95 8.29 -19.61
CA SER A 193 26.76 9.13 -20.44
C SER A 193 27.21 10.32 -19.66
N ASP A 194 27.97 10.11 -18.57
CA ASP A 194 28.57 11.13 -17.76
C ASP A 194 27.67 12.28 -17.43
N LYS A 195 26.51 12.01 -16.79
CA LYS A 195 25.67 13.07 -16.29
C LYS A 195 25.26 13.99 -17.40
N GLN A 196 25.31 13.55 -18.66
CA GLN A 196 24.99 14.43 -19.74
C GLN A 196 23.56 14.87 -19.57
N LYS A 197 23.32 16.20 -19.63
CA LYS A 197 22.00 16.77 -19.50
C LYS A 197 21.24 16.44 -20.75
N LEU A 198 19.99 15.96 -20.58
CA LEU A 198 19.18 15.57 -21.71
C LEU A 198 17.99 16.49 -21.81
N ARG A 199 17.38 16.58 -23.01
CA ARG A 199 16.24 17.41 -23.19
C ARG A 199 15.04 16.53 -23.35
N VAL A 200 13.88 16.96 -22.79
CA VAL A 200 12.70 16.14 -22.88
C VAL A 200 11.65 16.92 -23.64
N LEU A 201 11.09 16.31 -24.70
CA LEU A 201 10.11 16.97 -25.50
C LEU A 201 8.83 16.22 -25.49
N GLU A 202 7.72 16.94 -25.77
CA GLU A 202 6.43 16.33 -25.86
C GLU A 202 5.77 16.84 -27.11
N ASP A 203 5.16 15.90 -27.85
CA ASP A 203 4.48 16.12 -29.08
C ASP A 203 3.10 16.59 -28.74
N GLY A 204 2.30 16.95 -29.76
CA GLY A 204 0.93 17.33 -29.57
C GLY A 204 0.21 16.11 -29.09
N LYS A 205 0.66 14.95 -29.62
CA LYS A 205 0.12 13.65 -29.31
C LYS A 205 0.32 13.46 -27.85
N GLN A 206 1.29 14.21 -27.28
CA GLN A 206 1.61 14.17 -25.89
C GLN A 206 2.47 12.99 -25.53
N GLN A 207 3.02 12.26 -26.51
CA GLN A 207 3.93 11.21 -26.13
C GLN A 207 5.24 11.88 -25.83
N VAL A 208 5.97 11.44 -24.78
CA VAL A 208 7.18 12.10 -24.40
C VAL A 208 8.37 11.32 -24.87
N GLN A 209 9.49 12.03 -25.20
CA GLN A 209 10.69 11.33 -25.55
C GLN A 209 11.84 12.04 -24.90
N VAL A 210 12.81 11.27 -24.36
CA VAL A 210 13.97 11.90 -23.84
C VAL A 210 15.04 11.72 -24.87
N VAL A 211 15.39 12.80 -25.56
CA VAL A 211 16.35 12.66 -26.61
C VAL A 211 17.72 12.65 -26.03
N GLY A 212 18.57 11.76 -26.58
CA GLY A 212 19.95 11.66 -26.20
C GLY A 212 20.16 10.58 -25.18
N LEU A 213 19.08 9.98 -24.65
CA LEU A 213 19.23 8.97 -23.64
C LEU A 213 19.99 7.84 -24.28
N THR A 214 20.99 7.28 -23.57
CA THR A 214 21.79 6.26 -24.21
C THR A 214 21.35 4.90 -23.76
N GLU A 215 21.10 4.02 -24.75
CA GLU A 215 20.71 2.67 -24.45
C GLU A 215 21.90 1.80 -24.71
N LYS A 216 22.22 0.90 -23.76
CA LYS A 216 23.37 0.05 -23.93
C LYS A 216 22.90 -1.38 -24.07
N VAL A 217 23.51 -2.10 -25.01
CA VAL A 217 23.18 -3.47 -25.29
C VAL A 217 23.81 -4.34 -24.24
N VAL A 218 23.03 -5.27 -23.65
CA VAL A 218 23.55 -6.15 -22.65
C VAL A 218 23.18 -7.54 -23.04
N ASP A 219 24.10 -8.52 -22.86
CA ASP A 219 23.76 -9.87 -23.19
C ASP A 219 24.11 -10.73 -22.02
N GLY A 220 24.43 -10.11 -20.86
CA GLY A 220 24.78 -10.89 -19.71
C GLY A 220 24.53 -10.07 -18.50
N VAL A 221 24.25 -10.73 -17.37
CA VAL A 221 23.96 -10.07 -16.13
C VAL A 221 25.16 -9.28 -15.73
N GLU A 222 26.34 -9.80 -16.08
CA GLU A 222 27.60 -9.18 -15.78
C GLU A 222 27.60 -7.84 -16.45
N GLU A 223 27.04 -7.77 -17.66
CA GLU A 223 27.02 -6.54 -18.40
C GLU A 223 26.22 -5.53 -17.62
N VAL A 224 25.01 -5.92 -17.18
CA VAL A 224 24.12 -5.03 -16.49
C VAL A 224 24.76 -4.53 -15.23
N LEU A 225 25.51 -5.40 -14.54
CA LEU A 225 26.14 -5.04 -13.30
C LEU A 225 27.14 -3.95 -13.58
N LYS A 226 27.83 -4.01 -14.74
CA LYS A 226 28.81 -3.00 -15.04
C LYS A 226 28.15 -1.68 -15.16
N LEU A 227 27.00 -1.63 -15.86
CA LEU A 227 26.31 -0.39 -16.11
C LEU A 227 25.77 0.18 -14.85
N ILE A 228 25.30 -0.68 -13.92
CA ILE A 228 24.76 -0.24 -12.67
C ILE A 228 25.85 0.41 -11.85
N GLN A 229 27.05 -0.21 -11.84
CA GLN A 229 28.15 0.29 -11.07
C GLN A 229 28.49 1.66 -11.60
N HIS A 230 28.56 1.78 -12.93
CA HIS A 230 28.96 3.00 -13.56
C HIS A 230 28.00 4.10 -13.23
N GLY A 231 26.69 3.82 -13.37
CA GLY A 231 25.69 4.83 -13.16
C GLY A 231 25.68 5.27 -11.73
N ASN A 232 25.78 4.31 -10.79
CA ASN A 232 25.70 4.59 -9.39
C ASN A 232 26.84 5.44 -8.97
N ALA A 233 28.04 5.26 -9.56
CA ALA A 233 29.14 6.06 -9.11
C ALA A 233 28.85 7.50 -9.40
N ALA A 234 28.34 7.76 -10.61
CA ALA A 234 28.02 9.02 -11.23
C ALA A 234 26.84 9.71 -10.62
N ARG A 235 26.02 9.02 -9.82
CA ARG A 235 24.81 9.53 -9.24
C ARG A 235 25.05 10.81 -8.49
N THR A 236 24.01 11.67 -8.45
CA THR A 236 24.09 12.99 -7.90
C THR A 236 24.14 12.96 -6.41
N SER A 237 24.63 14.06 -5.82
CA SER A 237 24.70 14.11 -4.39
C SER A 237 25.33 15.42 -4.05
N GLY A 238 25.62 15.61 -2.75
CA GLY A 238 26.27 16.79 -2.28
C GLY A 238 27.71 16.45 -2.13
N GLN A 239 28.38 17.14 -1.18
CA GLN A 239 29.77 16.84 -0.97
C GLN A 239 29.83 15.45 -0.46
N THR A 240 31.05 14.90 -0.42
CA THR A 240 31.19 13.59 0.11
C THR A 240 30.70 13.67 1.51
N SER A 241 29.59 12.95 1.79
CA SER A 241 29.09 12.95 3.12
C SER A 241 29.93 11.99 3.88
N ALA A 242 29.86 12.08 5.21
CA ALA A 242 30.66 11.21 6.02
C ALA A 242 30.22 9.82 5.72
N ASN A 243 28.89 9.61 5.63
CA ASN A 243 28.40 8.30 5.37
C ASN A 243 27.15 8.38 4.56
N SER A 244 26.83 7.27 3.88
CA SER A 244 25.61 7.13 3.15
C SER A 244 25.65 7.95 1.91
N ASN A 245 24.72 7.65 0.99
CA ASN A 245 24.54 8.35 -0.25
C ASN A 245 23.52 9.40 0.07
N SER A 246 22.79 9.91 -0.94
CA SER A 246 21.77 10.88 -0.67
C SER A 246 20.80 10.80 -1.80
N SER A 247 19.54 11.24 -1.59
CA SER A 247 18.61 11.13 -2.68
C SER A 247 18.09 12.46 -3.11
N ARG A 248 18.95 13.33 -3.58
CA ARG A 248 18.51 14.61 -4.02
C ARG A 248 17.72 14.40 -5.28
N SER A 249 18.01 13.29 -5.98
CA SER A 249 17.39 13.04 -7.26
C SER A 249 16.54 11.81 -7.20
N HIS A 250 15.95 11.51 -8.39
CA HIS A 250 15.16 10.36 -8.69
C HIS A 250 16.01 9.47 -9.54
N ALA A 251 16.19 8.20 -9.14
CA ALA A 251 17.02 7.33 -9.95
C ALA A 251 16.13 6.40 -10.72
N VAL A 252 16.43 6.22 -12.03
CA VAL A 252 15.61 5.31 -12.80
C VAL A 252 16.48 4.48 -13.70
N PHE A 253 16.48 3.15 -13.45
CA PHE A 253 17.23 2.21 -14.25
C PHE A 253 16.20 1.45 -15.05
N GLN A 254 16.39 1.33 -16.38
CA GLN A 254 15.37 0.65 -17.13
C GLN A 254 15.93 -0.48 -17.95
N ILE A 255 15.08 -1.52 -18.14
CA ILE A 255 15.41 -2.68 -18.93
C ILE A 255 14.44 -2.68 -20.07
N VAL A 256 14.95 -2.60 -21.32
CA VAL A 256 14.06 -2.56 -22.44
C VAL A 256 14.29 -3.74 -23.33
N LEU A 257 13.20 -4.25 -23.96
CA LEU A 257 13.28 -5.39 -24.83
C LEU A 257 12.90 -4.91 -26.21
N ARG A 258 13.75 -5.17 -27.24
CA ARG A 258 13.34 -4.69 -28.53
C ARG A 258 13.66 -5.66 -29.62
N PRO A 259 12.64 -6.00 -30.37
CA PRO A 259 12.82 -6.77 -31.59
C PRO A 259 13.29 -5.96 -32.77
N GLN A 260 12.62 -4.79 -33.02
CA GLN A 260 12.75 -3.82 -34.09
C GLN A 260 11.58 -2.96 -33.83
N GLY A 261 11.69 -2.15 -32.77
CA GLY A 261 10.55 -1.43 -32.32
C GLY A 261 9.65 -2.46 -31.75
N SER A 262 8.35 -2.29 -32.06
CA SER A 262 7.25 -3.07 -31.62
C SER A 262 6.33 -1.99 -31.18
N THR A 263 5.76 -2.10 -29.98
CA THR A 263 5.09 -0.94 -29.51
C THR A 263 6.19 -0.03 -29.04
N LYS A 264 6.98 0.49 -30.00
CA LYS A 264 8.10 1.35 -29.71
C LYS A 264 9.07 0.59 -28.85
N ILE A 265 9.21 -0.75 -29.05
CA ILE A 265 9.99 -1.67 -28.25
C ILE A 265 9.01 -2.69 -27.78
N HIS A 266 9.48 -3.93 -27.56
CA HIS A 266 8.63 -5.00 -27.13
C HIS A 266 8.07 -4.75 -25.76
N GLY A 267 8.95 -4.46 -24.77
CA GLY A 267 8.47 -4.27 -23.42
C GLY A 267 9.51 -3.50 -22.67
N LYS A 268 9.10 -2.84 -21.57
CA LYS A 268 10.05 -2.05 -20.82
C LYS A 268 9.72 -2.11 -19.35
N PHE A 269 10.78 -2.22 -18.52
CA PHE A 269 10.65 -2.29 -17.09
C PHE A 269 11.41 -1.12 -16.54
N SER A 270 10.74 -0.21 -15.79
CA SER A 270 11.45 0.91 -15.24
C SER A 270 11.51 0.76 -13.74
N PHE A 271 12.74 0.67 -13.19
CA PHE A 271 12.92 0.54 -11.77
C PHE A 271 13.29 1.88 -11.24
N ILE A 272 12.50 2.42 -10.27
CA ILE A 272 12.83 3.75 -9.83
C ILE A 272 13.16 3.82 -8.38
N ASP A 273 14.29 4.52 -8.11
CA ASP A 273 14.80 4.79 -6.79
C ASP A 273 14.42 6.22 -6.52
N LEU A 274 13.32 6.44 -5.78
CA LEU A 274 12.80 7.76 -5.54
C LEU A 274 13.61 8.52 -4.52
N ALA A 275 13.48 9.85 -4.55
CA ALA A 275 14.15 10.73 -3.61
C ALA A 275 13.35 10.71 -2.33
N GLY A 276 14.00 11.07 -1.21
CA GLY A 276 13.38 11.03 0.09
C GLY A 276 12.13 11.85 0.06
N ASN A 277 11.03 11.28 0.60
CA ASN A 277 9.76 11.91 0.65
C ASN A 277 9.74 13.00 1.68
N GLU A 296 9.82 20.44 -5.85
CA GLU A 296 9.84 19.64 -7.03
C GLU A 296 9.59 18.20 -6.65
N ILE A 297 10.21 17.75 -5.55
CA ILE A 297 10.07 16.39 -5.10
C ILE A 297 8.65 16.11 -4.72
N ASN A 298 8.01 17.06 -4.01
CA ASN A 298 6.66 16.87 -3.55
C ASN A 298 5.74 16.80 -4.71
N LYS A 299 5.96 17.66 -5.73
CA LYS A 299 5.06 17.69 -6.84
C LYS A 299 5.13 16.38 -7.57
N SER A 300 6.35 15.83 -7.73
CA SER A 300 6.52 14.60 -8.45
C SER A 300 5.80 13.51 -7.71
N LEU A 301 5.94 13.47 -6.37
CA LEU A 301 5.29 12.43 -5.61
C LEU A 301 3.80 12.58 -5.72
N LEU A 302 3.28 13.81 -5.70
CA LEU A 302 1.86 13.95 -5.85
C LEU A 302 1.47 13.49 -7.20
N ALA A 303 2.26 13.86 -8.22
CA ALA A 303 1.97 13.51 -9.58
C ALA A 303 2.01 12.02 -9.72
N LEU A 304 2.99 11.37 -9.08
CA LEU A 304 3.17 9.95 -9.20
C LEU A 304 1.94 9.24 -8.69
N LYS A 305 1.39 9.68 -7.55
CA LYS A 305 0.27 9.01 -6.97
C LYS A 305 -0.87 9.00 -7.94
N GLU A 306 -1.18 10.15 -8.56
CA GLU A 306 -2.32 10.23 -9.44
C GLU A 306 -2.11 9.38 -10.65
N CYS A 307 -0.88 9.27 -11.16
CA CYS A 307 -0.65 8.48 -12.33
C CYS A 307 -0.87 7.03 -12.05
N ILE A 308 -0.41 6.53 -10.89
CA ILE A 308 -0.55 5.13 -10.56
C ILE A 308 -2.00 4.82 -10.35
N ARG A 309 -2.75 5.69 -9.66
CA ARG A 309 -4.13 5.43 -9.41
C ARG A 309 -4.87 5.46 -10.71
N ALA A 310 -4.43 6.32 -11.64
CA ALA A 310 -5.03 6.43 -12.93
C ALA A 310 -4.84 5.12 -13.60
N LEU A 311 -3.78 4.39 -13.24
CA LEU A 311 -3.48 3.14 -13.88
C LEU A 311 -4.62 2.21 -13.68
N GLY A 312 -5.23 2.19 -12.48
CA GLY A 312 -6.26 1.22 -12.28
C GLY A 312 -7.37 1.48 -13.26
N LYS A 313 -7.94 2.70 -13.25
CA LYS A 313 -9.04 3.02 -14.12
C LYS A 313 -8.64 3.18 -15.56
N GLN A 314 -7.75 4.13 -15.83
CA GLN A 314 -7.44 4.57 -17.16
C GLN A 314 -8.59 5.42 -17.60
N ARG A 321 -0.83 18.31 -12.60
CA ARG A 321 0.21 19.06 -11.96
C ARG A 321 1.45 18.28 -12.23
N VAL A 322 1.76 18.19 -13.54
CA VAL A 322 2.81 17.46 -14.18
C VAL A 322 4.12 17.66 -13.47
N SER A 323 5.02 16.68 -13.68
CA SER A 323 6.35 16.68 -13.14
C SER A 323 7.22 15.99 -14.16
N LYS A 324 8.55 16.15 -14.02
CA LYS A 324 9.46 15.57 -14.97
C LYS A 324 9.36 14.07 -14.91
N LEU A 325 9.36 13.50 -13.68
CA LEU A 325 9.39 12.08 -13.49
C LEU A 325 8.18 11.44 -14.12
N THR A 326 6.99 11.98 -13.87
CA THR A 326 5.76 11.45 -14.40
C THR A 326 5.71 11.63 -15.88
N GLN A 327 6.35 12.69 -16.40
CA GLN A 327 6.37 12.94 -17.81
C GLN A 327 7.15 11.89 -18.53
N VAL A 328 8.35 11.54 -18.01
CA VAL A 328 9.20 10.59 -18.65
C VAL A 328 8.59 9.22 -18.63
N LEU A 329 7.97 8.86 -17.49
CA LEU A 329 7.32 7.62 -17.16
C LEU A 329 5.94 7.51 -17.77
N ARG A 330 5.40 8.58 -18.37
CA ARG A 330 4.01 8.59 -18.73
C ARG A 330 3.56 7.42 -19.57
N ASP A 331 4.35 6.95 -20.54
CA ASP A 331 3.92 5.85 -21.38
C ASP A 331 3.69 4.62 -20.56
N SER A 332 4.34 4.51 -19.39
CA SER A 332 4.23 3.35 -18.54
C SER A 332 2.92 3.28 -17.79
N PHE A 333 2.21 4.41 -17.65
CA PHE A 333 0.94 4.45 -16.98
C PHE A 333 -0.26 4.28 -17.88
N ILE A 334 -0.16 4.81 -19.12
CA ILE A 334 -1.21 4.92 -20.09
C ILE A 334 -1.67 3.63 -20.68
N GLY A 335 -0.75 2.69 -20.99
CA GLY A 335 -1.13 1.48 -21.68
C GLY A 335 -1.98 0.60 -20.82
N GLU A 336 -2.81 -0.25 -21.49
CA GLU A 336 -3.67 -1.21 -20.84
C GLU A 336 -2.85 -2.30 -20.24
N LYS A 337 -1.78 -2.73 -20.93
CA LYS A 337 -1.00 -3.81 -20.40
C LYS A 337 0.16 -3.24 -19.67
N SER A 338 -0.09 -2.73 -18.45
CA SER A 338 0.98 -2.18 -17.67
C SER A 338 0.70 -2.46 -16.23
N LYS A 339 1.77 -2.79 -15.48
CA LYS A 339 1.63 -3.11 -14.07
C LYS A 339 2.64 -2.33 -13.30
N THR A 340 2.36 -2.07 -11.99
CA THR A 340 3.30 -1.32 -11.21
C THR A 340 3.35 -1.93 -9.84
N CYS A 341 4.47 -1.72 -9.13
CA CYS A 341 4.59 -2.18 -7.77
C CYS A 341 5.20 -1.06 -7.00
N MET A 342 4.68 -0.77 -5.79
CA MET A 342 5.29 0.27 -5.01
C MET A 342 5.76 -0.34 -3.73
N ILE A 343 7.02 -0.06 -3.36
CA ILE A 343 7.55 -0.58 -2.14
C ILE A 343 7.83 0.58 -1.22
N ALA A 344 7.17 0.60 -0.04
CA ALA A 344 7.36 1.69 0.87
C ALA A 344 8.38 1.28 1.90
N MET A 345 9.46 2.08 2.02
CA MET A 345 10.54 1.76 2.93
C MET A 345 10.30 2.50 4.21
N ILE A 346 10.56 1.83 5.36
CA ILE A 346 10.29 2.46 6.63
C ILE A 346 11.47 2.33 7.54
N SER A 347 11.84 3.42 8.22
CA SER A 347 12.91 3.33 9.19
C SER A 347 12.21 3.21 10.51
N PRO A 348 12.55 2.16 11.21
CA PRO A 348 11.94 1.73 12.46
C PRO A 348 12.12 2.65 13.65
N GLY A 349 13.04 3.62 13.60
CA GLY A 349 13.35 4.40 14.78
C GLY A 349 12.20 5.26 15.22
N LEU A 350 12.13 5.48 16.55
CA LEU A 350 11.11 6.25 17.18
C LEU A 350 11.21 7.65 16.67
N SER A 351 12.44 8.14 16.45
CA SER A 351 12.59 9.50 16.02
C SER A 351 11.92 9.70 14.69
N SER A 352 11.88 8.66 13.84
CA SER A 352 11.33 8.74 12.51
C SER A 352 9.84 8.51 12.44
N CYS A 353 9.14 8.42 13.57
CA CYS A 353 7.76 8.04 13.54
C CYS A 353 6.94 8.95 12.66
N GLU A 354 7.21 10.27 12.68
CA GLU A 354 6.40 11.17 11.89
C GLU A 354 6.59 10.83 10.44
N HIS A 355 7.83 10.54 10.04
CA HIS A 355 8.15 10.28 8.67
C HIS A 355 7.45 9.05 8.22
N THR A 356 7.41 8.02 9.08
CA THR A 356 6.85 6.76 8.68
C THR A 356 5.37 6.87 8.44
N LEU A 357 4.63 7.56 9.32
CA LEU A 357 3.22 7.66 9.13
C LEU A 357 2.97 8.35 7.83
N ASN A 358 3.80 9.34 7.47
CA ASN A 358 3.61 10.05 6.24
C ASN A 358 3.75 9.08 5.11
N THR A 359 4.77 8.20 5.18
CA THR A 359 5.02 7.25 4.14
C THR A 359 3.88 6.27 4.03
N LEU A 360 3.40 5.76 5.17
CA LEU A 360 2.36 4.76 5.19
C LEU A 360 1.08 5.27 4.63
N ARG A 361 0.70 6.51 5.00
CA ARG A 361 -0.55 7.05 4.55
C ARG A 361 -0.53 7.24 3.06
N TYR A 362 0.63 7.65 2.53
CA TYR A 362 0.78 7.86 1.12
C TYR A 362 0.54 6.54 0.43
N ALA A 363 1.11 5.48 1.02
CA ALA A 363 1.03 4.14 0.50
C ALA A 363 -0.40 3.68 0.48
N ASP A 364 -1.17 4.01 1.52
CA ASP A 364 -2.53 3.55 1.63
C ASP A 364 -3.33 4.08 0.49
N ARG A 365 -3.13 5.36 0.14
CA ARG A 365 -3.92 5.95 -0.90
C ARG A 365 -3.59 5.29 -2.22
N VAL A 366 -2.31 4.93 -2.44
CA VAL A 366 -1.91 4.34 -3.68
C VAL A 366 -2.58 3.01 -3.90
N LYS A 367 -2.54 2.15 -2.87
CA LYS A 367 -3.11 0.83 -2.88
C LYS A 367 -4.59 0.96 -3.01
N GLU A 368 -5.13 2.10 -2.56
CA GLU A 368 -6.56 2.27 -2.52
C GLU A 368 -7.12 2.03 -3.88
N LEU A 369 -6.35 2.40 -4.92
CA LEU A 369 -6.78 2.30 -6.28
C LEU A 369 -7.05 0.86 -6.59
N VAL A 370 -6.34 -0.06 -5.92
CA VAL A 370 -6.55 -1.46 -6.12
C VAL A 370 -8.02 -1.78 -5.83
N ARG B 2 13.27 40.71 42.98
CA ARG B 2 12.56 42.01 43.12
C ARG B 2 12.48 42.80 41.81
N GLU B 3 13.59 42.91 41.10
CA GLU B 3 13.61 43.65 39.85
C GLU B 3 13.23 42.79 38.65
N CYS B 4 13.29 43.41 37.47
CA CYS B 4 12.96 42.76 36.22
C CYS B 4 13.68 43.47 35.09
N ILE B 5 14.79 42.90 34.61
CA ILE B 5 15.53 43.52 33.52
C ILE B 5 14.63 43.55 32.28
N SER B 6 15.05 44.27 31.26
CA SER B 6 14.30 44.36 30.02
C SER B 6 15.24 44.47 28.83
N ILE B 7 14.94 43.69 27.80
CA ILE B 7 15.75 43.69 26.60
C ILE B 7 14.89 44.05 25.41
N HIS B 8 15.04 45.30 24.96
CA HIS B 8 14.28 45.80 23.83
C HIS B 8 15.00 45.43 22.55
N VAL B 9 14.46 44.44 21.84
CA VAL B 9 15.08 43.97 20.61
C VAL B 9 14.31 44.33 19.33
N GLY B 10 15.07 44.78 18.33
CA GLY B 10 14.51 45.16 17.04
C GLY B 10 14.21 46.65 17.03
N GLN B 11 14.38 47.32 15.90
CA GLN B 11 14.08 48.75 15.85
C GLN B 11 12.82 49.02 16.61
N ALA B 12 11.74 48.37 16.22
CA ALA B 12 10.45 48.57 16.89
C ALA B 12 10.56 48.43 18.39
N GLY B 13 10.96 47.24 18.84
CA GLY B 13 11.08 46.98 20.27
C GLY B 13 11.90 48.05 20.95
N VAL B 14 12.64 48.79 20.15
CA VAL B 14 13.50 49.87 20.63
C VAL B 14 12.74 51.20 20.63
N GLN B 15 11.88 51.40 19.64
CA GLN B 15 11.07 52.60 19.53
C GLN B 15 10.06 52.57 20.67
N ILE B 16 9.42 51.42 20.80
CA ILE B 16 8.45 51.17 21.85
C ILE B 16 9.23 51.29 23.16
N GLY B 17 10.47 50.83 23.13
CA GLY B 17 11.32 50.90 24.30
C GLY B 17 11.55 52.32 24.73
N ASN B 18 11.99 53.15 23.79
CA ASN B 18 12.25 54.54 24.10
C ASN B 18 11.00 55.16 24.71
N ALA B 19 9.84 54.70 24.23
CA ALA B 19 8.54 55.20 24.69
C ALA B 19 8.20 54.76 26.11
N CYS B 20 8.15 53.45 26.31
CA CYS B 20 7.86 52.88 27.62
C CYS B 20 8.90 53.43 28.56
N TRP B 21 10.11 53.60 28.07
CA TRP B 21 11.16 54.12 28.91
C TRP B 21 10.95 55.58 29.23
N GLU B 22 10.24 56.27 28.36
CA GLU B 22 9.95 57.67 28.58
C GLU B 22 8.92 57.77 29.69
N LEU B 23 7.73 57.23 29.44
CA LEU B 23 6.67 57.27 30.41
C LEU B 23 7.24 57.06 31.80
N TYR B 24 8.22 56.16 31.91
CA TYR B 24 8.81 55.87 33.21
C TYR B 24 9.27 57.08 34.01
N CYS B 25 10.45 57.59 33.68
CA CYS B 25 10.99 58.73 34.40
C CYS B 25 9.91 59.78 34.61
N LEU B 26 9.08 59.94 33.60
CA LEU B 26 7.99 60.91 33.60
C LEU B 26 7.09 60.81 34.84
N GLU B 27 6.91 59.61 35.35
CA GLU B 27 6.07 59.38 36.53
C GLU B 27 6.91 58.97 37.73
N HIS B 28 8.20 59.28 37.67
CA HIS B 28 9.11 58.97 38.76
C HIS B 28 10.01 60.17 39.08
N GLY B 29 9.69 61.30 38.47
CA GLY B 29 10.44 62.53 38.70
C GLY B 29 11.93 62.50 38.43
N ILE B 30 12.33 61.72 37.44
CA ILE B 30 13.73 61.59 37.09
C ILE B 30 13.92 62.09 35.64
N GLN B 31 14.16 63.39 35.52
CA GLN B 31 14.37 64.08 34.26
C GLN B 31 15.48 63.46 33.41
N PRO B 32 15.74 64.05 32.21
CA PRO B 32 16.78 63.57 31.27
C PRO B 32 17.97 62.88 31.88
N ASP B 33 18.65 63.62 32.75
CA ASP B 33 19.83 63.18 33.45
C ASP B 33 19.58 63.09 34.97
N GLY B 34 19.26 61.90 35.45
CA GLY B 34 19.02 61.73 36.88
C GLY B 34 20.04 60.84 37.58
N HIS B 61 18.78 58.54 37.05
CA HIS B 61 19.62 57.64 37.82
C HIS B 61 20.41 56.79 36.84
N VAL B 62 19.87 55.60 36.57
CA VAL B 62 20.46 54.62 35.66
C VAL B 62 19.32 53.64 35.31
N PRO B 63 19.13 53.39 34.01
CA PRO B 63 18.06 52.45 33.61
C PRO B 63 18.27 51.07 34.20
N ARG B 64 17.77 50.04 33.53
CA ARG B 64 17.94 48.69 34.01
C ARG B 64 17.56 47.77 32.87
N ALA B 65 18.03 48.10 31.68
CA ALA B 65 17.72 47.32 30.49
C ALA B 65 18.79 47.44 29.42
N VAL B 66 18.51 46.86 28.26
CA VAL B 66 19.46 46.94 27.15
C VAL B 66 18.74 47.14 25.83
N PHE B 67 19.51 47.49 24.80
CA PHE B 67 18.97 47.73 23.47
C PHE B 67 19.74 47.02 22.37
N VAL B 68 19.06 46.11 21.67
CA VAL B 68 19.70 45.34 20.60
C VAL B 68 19.12 45.58 19.20
N ASP B 69 20.00 45.68 18.21
CA ASP B 69 19.60 45.89 16.82
C ASP B 69 20.79 45.69 15.89
N LEU B 70 20.52 45.16 14.70
CA LEU B 70 21.55 44.90 13.72
C LEU B 70 21.57 46.00 12.67
N GLU B 71 20.90 47.11 12.97
CA GLU B 71 20.86 48.30 12.11
C GLU B 71 21.22 49.42 13.08
N PRO B 72 22.44 49.94 12.96
CA PRO B 72 22.88 51.01 13.84
C PRO B 72 21.99 52.25 13.91
N THR B 73 21.67 52.82 12.75
CA THR B 73 20.88 54.04 12.71
C THR B 73 19.68 54.15 13.67
N VAL B 74 19.09 53.03 14.07
CA VAL B 74 17.93 53.07 14.99
C VAL B 74 18.25 53.22 16.47
N ILE B 75 19.24 52.45 16.95
CA ILE B 75 19.66 52.49 18.34
C ILE B 75 20.37 53.84 18.47
N ASP B 76 20.88 54.31 17.34
CA ASP B 76 21.54 55.60 17.29
C ASP B 76 20.51 56.66 17.70
N GLU B 77 19.25 56.45 17.33
CA GLU B 77 18.19 57.40 17.66
C GLU B 77 18.07 57.55 19.16
N VAL B 78 18.53 56.56 19.89
CA VAL B 78 18.49 56.60 21.34
C VAL B 78 19.79 57.21 21.78
N ARG B 79 20.74 57.25 20.85
CA ARG B 79 22.06 57.82 21.08
C ARG B 79 22.13 59.28 20.62
N THR B 80 21.17 59.69 19.80
CA THR B 80 21.13 61.06 19.28
C THR B 80 19.96 61.84 19.88
N GLY B 81 18.77 61.25 19.83
CA GLY B 81 17.58 61.91 20.34
C GLY B 81 17.43 62.01 21.85
N THR B 82 16.19 62.22 22.27
CA THR B 82 15.86 62.36 23.69
C THR B 82 16.36 61.17 24.49
N TYR B 83 16.38 61.31 25.81
CA TYR B 83 16.84 60.26 26.70
C TYR B 83 18.17 59.72 26.19
N ARG B 84 19.02 60.66 25.80
CA ARG B 84 20.33 60.37 25.25
C ARG B 84 21.34 59.91 26.30
N GLN B 85 21.50 60.70 27.36
CA GLN B 85 22.46 60.39 28.42
C GLN B 85 21.91 59.60 29.61
N LEU B 86 20.68 59.10 29.48
CA LEU B 86 20.09 58.34 30.56
C LEU B 86 20.48 56.87 30.40
N PHE B 87 21.30 56.58 29.40
CA PHE B 87 21.75 55.22 29.15
C PHE B 87 23.27 55.13 29.10
N HIS B 88 23.74 53.91 29.28
CA HIS B 88 25.16 53.61 29.23
C HIS B 88 25.44 53.01 27.87
N PRO B 89 26.40 53.60 27.15
CA PRO B 89 26.73 53.06 25.83
C PRO B 89 27.04 51.58 25.91
N GLU B 90 26.86 51.02 27.10
CA GLU B 90 27.12 49.61 27.34
C GLU B 90 25.84 48.79 27.22
N GLN B 91 24.69 49.42 27.51
CA GLN B 91 23.40 48.75 27.42
C GLN B 91 22.73 49.08 26.09
N LEU B 92 23.55 49.50 25.14
CA LEU B 92 23.12 49.84 23.79
C LEU B 92 23.96 49.03 22.81
N ILE B 93 23.47 47.84 22.46
CA ILE B 93 24.17 46.95 21.54
C ILE B 93 23.72 47.17 20.10
N THR B 94 24.70 47.20 19.19
CA THR B 94 24.45 47.39 17.77
C THR B 94 25.40 46.54 16.93
N GLY B 95 24.92 46.17 15.74
CA GLY B 95 25.73 45.39 14.83
C GLY B 95 25.72 46.13 13.50
N LYS B 96 26.58 47.15 13.39
CA LYS B 96 26.70 48.00 12.20
C LYS B 96 26.30 47.28 10.91
N GLU B 97 26.47 45.97 10.93
CA GLU B 97 26.17 45.14 9.78
C GLU B 97 24.80 45.35 9.18
N ASP B 98 24.10 44.26 8.94
CA ASP B 98 22.80 44.36 8.30
C ASP B 98 21.65 43.74 9.08
N ALA B 99 20.52 44.44 9.07
CA ALA B 99 19.33 43.97 9.76
C ALA B 99 18.70 42.75 9.07
N ALA B 100 18.17 42.98 7.87
CA ALA B 100 17.55 41.93 7.05
C ALA B 100 16.21 41.52 7.58
N ASN B 101 15.16 41.83 6.84
CA ASN B 101 13.84 41.47 7.34
C ASN B 101 13.56 39.99 7.25
N ASN B 102 14.56 39.21 7.64
CA ASN B 102 14.41 37.79 7.61
C ASN B 102 14.97 37.10 8.83
N TYR B 103 14.09 36.33 9.46
CA TYR B 103 14.38 35.55 10.66
C TYR B 103 15.78 34.94 10.55
N ALA B 104 15.89 33.86 9.79
CA ALA B 104 17.14 33.16 9.57
C ALA B 104 18.40 33.99 9.81
N ARG B 105 18.62 34.95 8.93
CA ARG B 105 19.77 35.83 9.00
C ARG B 105 19.90 36.44 10.39
N GLY B 106 18.81 36.97 10.92
CA GLY B 106 18.89 37.57 12.24
C GLY B 106 19.11 36.59 13.37
N HIS B 107 18.54 35.40 13.26
CA HIS B 107 18.70 34.40 14.29
C HIS B 107 20.06 33.74 14.11
N TYR B 108 20.18 32.96 13.04
CA TYR B 108 21.40 32.22 12.71
C TYR B 108 22.50 33.17 12.25
N THR B 109 22.93 33.01 10.99
CA THR B 109 23.97 33.82 10.38
C THR B 109 24.41 35.08 11.11
N ILE B 110 23.84 36.24 10.80
CA ILE B 110 24.30 37.45 11.44
C ILE B 110 23.98 37.54 12.93
N GLY B 111 22.70 37.71 13.28
CA GLY B 111 22.32 37.83 14.67
C GLY B 111 23.20 37.07 15.67
N LYS B 112 23.74 35.93 15.24
CA LYS B 112 24.58 35.11 16.11
C LYS B 112 25.76 35.89 16.67
N GLU B 113 26.58 36.43 15.79
CA GLU B 113 27.76 37.19 16.17
C GLU B 113 27.60 38.12 17.37
N ILE B 114 26.45 38.78 17.47
CA ILE B 114 26.19 39.72 18.54
C ILE B 114 25.73 39.11 19.87
N ILE B 115 24.87 38.11 19.78
CA ILE B 115 24.29 37.43 20.94
C ILE B 115 25.20 37.35 22.17
N ASP B 116 26.37 36.72 22.03
CA ASP B 116 27.30 36.63 23.15
C ASP B 116 27.26 37.97 23.86
N LEU B 117 27.87 38.95 23.20
CA LEU B 117 27.94 40.31 23.69
C LEU B 117 26.62 40.72 24.31
N VAL B 118 25.52 40.49 23.60
CA VAL B 118 24.20 40.84 24.11
C VAL B 118 24.05 40.22 25.49
N LEU B 119 24.08 38.89 25.53
CA LEU B 119 23.96 38.15 26.77
C LEU B 119 24.80 38.80 27.85
N ASP B 120 26.09 38.94 27.57
CA ASP B 120 27.02 39.53 28.51
C ASP B 120 26.40 40.65 29.33
N ARG B 121 25.64 41.54 28.69
CA ARG B 121 25.02 42.62 29.44
C ARG B 121 23.90 42.12 30.33
N ILE B 122 23.08 41.20 29.83
CA ILE B 122 21.98 40.67 30.60
C ILE B 122 22.48 39.66 31.63
N ARG B 123 23.80 39.61 31.78
CA ARG B 123 24.46 38.75 32.75
C ARG B 123 25.32 39.67 33.62
N LYS B 124 25.66 40.82 33.06
CA LYS B 124 26.44 41.84 33.73
C LYS B 124 25.48 42.77 34.46
N LEU B 125 24.30 42.95 33.88
CA LEU B 125 23.24 43.80 34.45
C LEU B 125 22.41 42.94 35.40
N ALA B 126 22.44 41.63 35.17
CA ALA B 126 21.67 40.69 35.99
C ALA B 126 22.38 40.37 37.29
N ASP B 127 23.68 40.64 37.31
CA ASP B 127 24.50 40.37 38.49
C ASP B 127 24.44 41.54 39.46
N GLN B 128 24.77 42.72 38.94
CA GLN B 128 24.77 43.96 39.71
C GLN B 128 23.59 44.13 40.67
N CYS B 129 22.41 43.68 40.27
CA CYS B 129 21.19 43.81 41.08
C CYS B 129 21.14 42.99 42.38
N THR B 130 19.93 42.86 42.93
CA THR B 130 19.69 42.13 44.18
C THR B 130 18.47 41.23 44.00
N GLY B 131 18.67 39.92 43.95
CA GLY B 131 17.57 38.99 43.77
C GLY B 131 16.53 39.54 42.81
N LEU B 132 16.74 39.33 41.51
CA LEU B 132 15.81 39.79 40.47
C LEU B 132 14.66 38.82 40.29
N GLN B 133 13.77 39.13 39.36
CA GLN B 133 12.60 38.29 39.09
C GLN B 133 12.53 37.85 37.64
N GLY B 134 13.14 38.61 36.74
CA GLY B 134 13.09 38.24 35.34
C GLY B 134 13.43 39.38 34.38
N PHE B 135 13.25 39.10 33.08
CA PHE B 135 13.55 40.06 32.03
C PHE B 135 12.35 40.38 31.14
N SER B 136 11.87 41.61 31.21
CA SER B 136 10.76 42.01 30.37
C SER B 136 11.39 42.26 29.00
N VAL B 137 11.15 41.35 28.06
CA VAL B 137 11.68 41.43 26.69
C VAL B 137 10.76 42.20 25.75
N PHE B 138 11.30 43.10 24.93
CA PHE B 138 10.47 43.86 24.00
C PHE B 138 10.86 43.64 22.55
N HIS B 139 10.04 42.87 21.81
CA HIS B 139 10.35 42.60 20.41
C HIS B 139 9.13 42.72 19.50
N SER B 140 9.39 42.80 18.20
CA SER B 140 8.33 42.95 17.21
C SER B 140 8.13 41.77 16.27
N PHE B 141 7.70 40.65 16.84
CA PHE B 141 7.42 39.43 16.10
C PHE B 141 7.86 39.33 14.66
N GLY B 142 7.25 40.12 13.78
CA GLY B 142 7.59 40.05 12.36
C GLY B 142 8.69 40.94 11.82
N GLY B 143 9.90 40.78 12.36
CA GLY B 143 11.01 41.58 11.89
C GLY B 143 12.19 40.68 11.67
N GLY B 144 13.36 41.26 11.48
CA GLY B 144 14.55 40.46 11.29
C GLY B 144 15.28 40.37 12.62
N THR B 145 15.65 41.52 13.16
CA THR B 145 16.35 41.60 14.43
C THR B 145 15.38 41.30 15.56
N GLY B 146 14.10 41.53 15.32
CA GLY B 146 13.12 41.30 16.37
C GLY B 146 12.62 39.87 16.53
N SER B 147 12.42 39.19 15.40
CA SER B 147 11.95 37.82 15.42
C SER B 147 13.12 36.91 15.68
N GLY B 148 13.99 36.81 14.68
CA GLY B 148 15.16 35.96 14.75
C GLY B 148 15.96 36.13 16.02
N PHE B 149 16.84 37.12 16.02
CA PHE B 149 17.68 37.38 17.19
C PHE B 149 17.07 36.93 18.52
N THR B 150 16.09 37.67 19.01
CA THR B 150 15.46 37.35 20.27
C THR B 150 15.28 35.87 20.37
N SER B 151 14.69 35.29 19.34
CA SER B 151 14.46 33.86 19.31
C SER B 151 15.59 33.16 20.06
N LEU B 152 16.83 33.48 19.71
CA LEU B 152 17.93 32.84 20.40
C LEU B 152 18.35 33.56 21.69
N LEU B 153 17.95 34.81 21.84
CA LEU B 153 18.26 35.55 23.06
C LEU B 153 17.44 34.92 24.17
N MET B 154 16.13 34.89 23.99
CA MET B 154 15.25 34.28 24.97
C MET B 154 15.69 32.84 25.09
N GLU B 155 16.16 32.30 23.97
CA GLU B 155 16.61 30.93 23.91
C GLU B 155 17.73 30.74 24.90
N ARG B 156 18.80 31.51 24.74
CA ARG B 156 19.94 31.42 25.65
C ARG B 156 19.64 31.82 27.11
N LEU B 157 18.49 32.45 27.34
CA LEU B 157 18.07 32.86 28.70
C LEU B 157 17.43 31.69 29.43
N SER B 158 16.43 31.08 28.79
CA SER B 158 15.74 29.95 29.37
C SER B 158 16.68 28.90 29.91
N VAL B 159 17.93 28.94 29.48
CA VAL B 159 18.91 27.97 29.95
C VAL B 159 19.82 28.56 31.01
N ASP B 160 20.17 29.82 30.85
CA ASP B 160 21.05 30.49 31.78
C ASP B 160 20.35 30.95 33.05
N TYR B 161 19.02 31.07 32.99
CA TYR B 161 18.26 31.48 34.16
C TYR B 161 16.90 30.82 34.16
N GLY B 162 16.84 29.53 33.85
CA GLY B 162 15.54 28.86 33.83
C GLY B 162 14.73 29.19 35.06
N LYS B 163 15.44 29.52 36.13
CA LYS B 163 14.87 29.84 37.42
C LYS B 163 14.36 31.28 37.58
N LYS B 164 13.66 31.78 36.57
CA LYS B 164 13.13 33.15 36.64
C LYS B 164 11.92 33.33 35.73
N SER B 165 11.51 34.57 35.57
CA SER B 165 10.38 34.90 34.72
C SER B 165 10.84 35.43 33.38
N LYS B 166 10.17 34.97 32.34
CA LYS B 166 10.48 35.38 30.97
C LYS B 166 9.18 35.87 30.32
N LEU B 167 8.82 37.10 30.64
CA LEU B 167 7.63 37.66 30.08
C LEU B 167 8.07 38.52 28.90
N GLU B 168 7.72 38.08 27.71
CA GLU B 168 8.09 38.82 26.52
C GLU B 168 6.90 39.60 26.00
N PHE B 169 7.10 40.91 25.90
CA PHE B 169 6.08 41.81 25.42
C PHE B 169 6.20 42.01 23.91
N SER B 170 5.36 41.32 23.15
CA SER B 170 5.39 41.39 21.70
C SER B 170 4.36 42.30 21.01
N ILE B 171 4.65 42.63 19.76
CA ILE B 171 3.80 43.47 18.91
C ILE B 171 3.61 42.61 17.67
N TYR B 172 2.73 41.63 17.80
CA TYR B 172 2.50 40.69 16.72
C TYR B 172 1.71 41.28 15.55
N PRO B 173 2.06 40.85 14.30
CA PRO B 173 1.56 41.16 12.95
C PRO B 173 0.15 41.70 12.80
N ALA B 174 0.04 42.90 12.24
CA ALA B 174 -1.27 43.52 12.02
C ALA B 174 -2.06 42.55 11.15
N PRO B 175 -3.29 42.24 11.56
CA PRO B 175 -4.19 41.30 10.87
C PRO B 175 -4.37 41.48 9.35
N GLN B 176 -4.23 42.69 8.85
CA GLN B 176 -4.40 42.94 7.42
C GLN B 176 -3.43 44.01 6.96
N VAL B 177 -2.96 44.80 7.91
CA VAL B 177 -2.06 45.89 7.64
C VAL B 177 -0.63 45.53 8.05
N SER B 178 -0.10 44.46 7.50
CA SER B 178 1.27 44.08 7.84
C SER B 178 2.18 44.99 7.02
N THR B 179 3.47 44.88 7.25
CA THR B 179 4.41 45.71 6.52
C THR B 179 5.30 44.82 5.67
N ALA B 180 6.27 44.18 6.29
CA ALA B 180 7.18 43.29 5.59
C ALA B 180 6.36 42.36 4.72
N VAL B 181 6.95 41.95 3.61
CA VAL B 181 6.28 41.06 2.68
C VAL B 181 6.27 39.66 3.23
N VAL B 182 7.29 39.34 3.98
CA VAL B 182 7.45 38.02 4.57
C VAL B 182 6.86 37.84 5.97
N GLU B 183 6.75 38.93 6.72
CA GLU B 183 6.20 38.96 8.09
C GLU B 183 5.89 37.60 8.71
N PRO B 184 4.93 36.83 8.14
CA PRO B 184 4.61 35.52 8.71
C PRO B 184 5.83 34.58 8.85
N TYR B 185 6.66 34.52 7.82
CA TYR B 185 7.83 33.69 7.92
C TYR B 185 8.53 34.05 9.22
N ASN B 186 8.73 35.34 9.42
CA ASN B 186 9.40 35.83 10.61
C ASN B 186 8.66 35.66 11.93
N SER B 187 7.34 35.50 11.86
CA SER B 187 6.53 35.38 13.08
C SER B 187 6.10 33.97 13.41
N ILE B 188 6.17 33.08 12.46
CA ILE B 188 5.80 31.72 12.77
C ILE B 188 7.07 31.13 13.33
N LEU B 189 8.18 31.82 13.04
CA LEU B 189 9.51 31.39 13.48
C LEU B 189 9.93 31.94 14.81
N THR B 190 9.41 33.10 15.20
CA THR B 190 9.78 33.65 16.48
C THR B 190 8.88 33.03 17.54
N THR B 191 7.74 32.52 17.12
CA THR B 191 6.79 31.91 18.03
C THR B 191 7.24 30.52 18.44
N HIS B 192 7.65 29.71 17.47
CA HIS B 192 8.06 28.33 17.72
C HIS B 192 9.36 28.19 18.48
N THR B 193 10.25 29.15 18.27
CA THR B 193 11.55 29.13 18.93
C THR B 193 11.49 29.73 20.33
N THR B 194 10.57 30.66 20.54
CA THR B 194 10.44 31.31 21.83
C THR B 194 9.44 30.58 22.73
N LEU B 195 8.47 29.92 22.10
CA LEU B 195 7.42 29.18 22.79
C LEU B 195 7.88 28.34 23.94
N GLU B 196 8.94 27.59 23.71
CA GLU B 196 9.49 26.69 24.71
C GLU B 196 10.51 27.41 25.59
N HIS B 197 10.38 28.73 25.69
CA HIS B 197 11.32 29.53 26.48
C HIS B 197 10.72 30.68 27.29
N SER B 198 9.57 31.19 26.87
CA SER B 198 8.95 32.30 27.59
C SER B 198 8.07 31.82 28.73
N ASP B 199 7.75 32.76 29.61
CA ASP B 199 6.92 32.48 30.76
C ASP B 199 5.50 32.93 30.45
N CYS B 200 5.40 34.18 30.00
CA CYS B 200 4.13 34.79 29.63
C CYS B 200 4.46 35.78 28.53
N ALA B 201 3.80 35.66 27.40
CA ALA B 201 4.06 36.58 26.31
C ALA B 201 2.90 37.55 26.14
N PHE B 202 3.13 38.82 26.45
CA PHE B 202 2.08 39.82 26.28
C PHE B 202 2.02 40.19 24.82
N MET B 203 0.81 40.49 24.36
CA MET B 203 0.63 40.84 22.96
C MET B 203 -0.16 42.10 22.77
N VAL B 204 0.35 42.97 21.89
CA VAL B 204 -0.28 44.24 21.56
C VAL B 204 -0.24 44.36 20.03
N ASP B 205 -1.42 44.32 19.44
CA ASP B 205 -1.58 44.37 17.99
C ASP B 205 -1.46 45.77 17.45
N ASN B 206 -0.47 46.00 16.59
CA ASN B 206 -0.25 47.32 16.02
C ASN B 206 -1.50 47.93 15.37
N GLU B 207 -2.19 47.20 14.51
CA GLU B 207 -3.40 47.72 13.85
C GLU B 207 -4.54 47.97 14.83
N ALA B 208 -4.94 46.93 15.55
CA ALA B 208 -6.01 47.04 16.52
C ALA B 208 -5.80 48.17 17.55
N ILE B 209 -4.63 48.81 17.50
CA ILE B 209 -4.34 49.91 18.40
C ILE B 209 -4.71 51.18 17.63
N TYR B 210 -4.59 51.12 16.31
CA TYR B 210 -4.94 52.27 15.49
C TYR B 210 -6.42 52.54 15.66
N ASP B 211 -7.20 51.49 15.64
CA ASP B 211 -8.63 51.63 15.80
C ASP B 211 -8.85 52.48 17.01
N ILE B 212 -8.20 52.11 18.10
CA ILE B 212 -8.33 52.88 19.34
C ILE B 212 -7.97 54.34 19.11
N CYS B 213 -7.04 54.61 18.21
CA CYS B 213 -6.63 55.98 17.94
C CYS B 213 -7.60 56.70 17.02
N ARG B 214 -8.41 55.92 16.33
CA ARG B 214 -9.40 56.46 15.42
C ARG B 214 -10.74 56.56 16.17
N ARG B 215 -11.15 55.46 16.77
CA ARG B 215 -12.42 55.35 17.48
C ARG B 215 -12.46 55.84 18.92
N ASN B 216 -11.37 55.69 19.66
CA ASN B 216 -11.36 56.10 21.05
C ASN B 216 -10.38 57.18 21.39
N LEU B 217 -10.27 58.19 20.55
CA LEU B 217 -9.33 59.26 20.80
C LEU B 217 -9.39 60.22 19.62
N ASP B 218 -9.86 59.69 18.50
CA ASP B 218 -10.01 60.46 17.28
C ASP B 218 -8.74 61.15 16.79
N ILE B 219 -8.13 60.58 15.76
CA ILE B 219 -6.93 61.12 15.13
C ILE B 219 -6.52 60.20 13.99
N GLU B 220 -6.49 60.72 12.77
CA GLU B 220 -6.09 59.92 11.63
C GLU B 220 -4.61 60.20 11.39
N ARG B 221 -4.03 60.90 12.35
CA ARG B 221 -2.61 61.27 12.34
C ARG B 221 -1.87 60.54 13.48
N PRO B 222 -1.94 59.20 13.51
CA PRO B 222 -1.24 58.52 14.59
C PRO B 222 0.18 58.13 14.17
N THR B 223 1.15 58.83 14.74
CA THR B 223 2.55 58.51 14.43
C THR B 223 2.92 57.29 15.24
N TYR B 224 3.90 56.53 14.78
CA TYR B 224 4.34 55.36 15.51
C TYR B 224 4.58 55.83 16.92
N THR B 225 5.12 57.04 17.04
CA THR B 225 5.41 57.63 18.33
C THR B 225 4.20 57.65 19.26
N ASN B 226 3.02 57.33 18.74
CA ASN B 226 1.84 57.32 19.57
C ASN B 226 1.56 55.92 20.07
N LEU B 227 1.43 54.98 19.15
CA LEU B 227 1.17 53.61 19.53
C LEU B 227 2.14 53.29 20.62
N ASN B 228 3.34 53.83 20.50
CA ASN B 228 4.37 53.58 21.50
C ASN B 228 3.98 54.18 22.86
N ARG B 229 3.37 55.37 22.83
CA ARG B 229 2.94 56.05 24.05
C ARG B 229 1.89 55.22 24.72
N LEU B 230 1.13 54.53 23.89
CA LEU B 230 0.06 53.69 24.38
C LEU B 230 0.62 52.47 25.06
N ILE B 231 1.27 51.59 24.30
CA ILE B 231 1.83 50.41 24.95
C ILE B 231 2.66 50.99 26.08
N GLY B 232 3.32 52.11 25.78
CA GLY B 232 4.15 52.79 26.75
C GLY B 232 3.35 53.04 28.01
N GLN B 233 2.04 52.91 27.91
CA GLN B 233 1.14 53.11 29.04
C GLN B 233 0.79 51.77 29.64
N ILE B 234 0.14 50.92 28.84
CA ILE B 234 -0.26 49.59 29.28
C ILE B 234 0.91 48.89 29.97
N VAL B 235 2.11 49.11 29.45
CA VAL B 235 3.30 48.49 30.02
C VAL B 235 3.60 49.10 31.38
N SER B 236 3.41 50.40 31.51
CA SER B 236 3.70 51.07 32.76
C SER B 236 2.86 50.48 33.87
N SER B 237 1.71 49.95 33.48
CA SER B 237 0.77 49.34 34.42
C SER B 237 1.24 47.95 34.85
N ILE B 238 2.02 47.33 33.98
CA ILE B 238 2.55 46.01 34.27
C ILE B 238 3.63 46.18 35.32
N THR B 239 4.87 46.43 34.87
CA THR B 239 6.01 46.58 35.76
C THR B 239 5.93 47.79 36.64
N ALA B 240 6.41 48.92 36.12
CA ALA B 240 6.44 50.18 36.85
C ALA B 240 5.64 50.17 38.16
N SER B 241 4.37 50.54 38.05
CA SER B 241 3.44 50.64 39.17
C SER B 241 3.22 49.38 40.00
N LEU B 242 3.20 48.23 39.34
CA LEU B 242 2.97 46.99 40.07
C LEU B 242 4.12 46.66 41.01
N ARG B 243 5.34 46.74 40.49
CA ARG B 243 6.53 46.48 41.29
C ARG B 243 6.59 47.58 42.34
N PHE B 244 5.61 48.48 42.25
CA PHE B 244 5.44 49.63 43.16
C PHE B 244 4.34 49.28 44.17
N ASP B 245 4.62 49.52 45.45
CA ASP B 245 3.69 49.26 46.56
C ASP B 245 2.25 49.60 46.23
N GLY B 246 1.32 48.99 46.94
CA GLY B 246 -0.08 49.24 46.68
C GLY B 246 -0.98 48.47 47.63
N ALA B 247 -2.30 48.58 47.43
CA ALA B 247 -3.26 47.90 48.30
C ALA B 247 -3.49 46.44 47.93
N LEU B 248 -2.93 46.01 46.80
CA LEU B 248 -3.08 44.62 46.35
C LEU B 248 -1.96 44.14 45.41
N ASN B 249 -0.72 44.47 45.75
CA ASN B 249 0.45 44.12 44.96
C ASN B 249 0.35 42.83 44.17
N VAL B 250 1.04 42.83 43.04
CA VAL B 250 1.10 41.68 42.13
C VAL B 250 2.50 41.56 41.53
N ASP B 251 3.24 40.57 41.99
CA ASP B 251 4.60 40.31 41.55
C ASP B 251 4.61 39.81 40.09
N LEU B 252 5.77 39.81 39.44
CA LEU B 252 5.82 39.32 38.06
C LEU B 252 5.46 37.86 38.04
N THR B 253 6.09 37.10 38.92
CA THR B 253 5.77 35.69 39.00
C THR B 253 4.25 35.62 38.99
N GLU B 254 3.63 36.30 39.95
CA GLU B 254 2.17 36.34 40.08
C GLU B 254 1.50 36.14 38.74
N PHE B 255 1.89 36.96 37.78
CA PHE B 255 1.31 36.87 36.45
C PHE B 255 1.30 35.46 35.97
N GLN B 256 2.40 35.06 35.33
CA GLN B 256 2.51 33.73 34.80
C GLN B 256 1.74 32.70 35.62
N THR B 257 1.77 32.82 36.95
CA THR B 257 1.03 31.87 37.79
C THR B 257 -0.46 32.04 37.59
N ASN B 258 -0.96 33.23 37.91
CA ASN B 258 -2.39 33.51 37.77
C ASN B 258 -2.82 33.71 36.33
N LEU B 259 -1.85 33.76 35.41
CA LEU B 259 -2.16 33.99 33.99
C LEU B 259 -1.95 32.88 32.95
N VAL B 260 -1.08 31.92 33.23
CA VAL B 260 -0.91 30.85 32.24
C VAL B 260 -1.44 29.53 32.80
N PRO B 261 -2.37 28.92 32.09
CA PRO B 261 -2.91 27.66 32.57
C PRO B 261 -2.00 26.56 32.10
N TYR B 262 -1.28 26.81 31.01
CA TYR B 262 -0.39 25.77 30.48
C TYR B 262 0.94 26.23 29.90
N PRO B 263 1.99 25.44 30.16
CA PRO B 263 3.37 25.66 29.74
C PRO B 263 3.61 26.41 28.43
N ARG B 264 2.72 26.27 27.46
CA ARG B 264 2.94 27.02 26.23
C ARG B 264 3.10 28.44 26.76
N GLY B 265 4.19 29.11 26.37
CA GLY B 265 4.48 30.47 26.82
C GLY B 265 3.32 31.42 26.64
N HIS B 266 2.12 30.85 26.77
CA HIS B 266 0.86 31.52 26.60
C HIS B 266 0.91 33.03 26.52
N PHE B 267 0.13 33.51 25.57
CA PHE B 267 0.09 34.89 25.24
C PHE B 267 -1.18 35.63 25.59
N PRO B 268 -1.18 36.36 26.72
CA PRO B 268 -2.40 37.10 27.01
C PRO B 268 -2.43 38.37 26.14
N LEU B 269 -3.49 39.17 26.26
CA LEU B 269 -3.64 40.41 25.48
C LEU B 269 -3.66 41.61 26.41
N ALA B 270 -3.08 42.73 26.00
CA ALA B 270 -3.08 43.92 26.85
C ALA B 270 -4.25 44.82 26.51
N THR B 271 -4.85 45.41 27.53
CA THR B 271 -6.01 46.29 27.34
C THR B 271 -5.94 47.43 28.35
N TYR B 272 -6.37 48.60 27.96
CA TYR B 272 -6.33 49.69 28.91
C TYR B 272 -7.72 50.29 28.99
N ALA B 273 -8.10 50.89 30.12
CA ALA B 273 -9.45 51.42 30.18
C ALA B 273 -9.66 52.89 29.83
N PRO B 274 -9.21 53.81 30.69
CA PRO B 274 -9.44 55.22 30.31
C PRO B 274 -8.62 55.68 29.14
N VAL B 275 -9.02 55.27 27.94
CA VAL B 275 -8.31 55.65 26.73
C VAL B 275 -9.11 56.78 26.15
N ILE B 276 -9.43 57.76 26.97
CA ILE B 276 -10.20 58.89 26.48
C ILE B 276 -9.27 60.03 26.01
N SER B 277 -9.75 60.83 25.08
CA SER B 277 -8.99 61.92 24.51
C SER B 277 -8.83 63.17 25.37
N ALA B 278 -7.60 63.68 25.52
CA ALA B 278 -7.39 64.86 26.35
C ALA B 278 -7.65 66.14 25.61
N GLU B 279 -8.83 66.25 25.01
CA GLU B 279 -9.18 67.46 24.28
C GLU B 279 -10.64 67.41 23.94
N LYS B 280 -10.99 66.42 23.16
CA LYS B 280 -12.36 66.25 22.73
C LYS B 280 -13.34 66.16 23.87
N ALA B 281 -13.85 64.95 24.06
CA ALA B 281 -14.82 64.67 25.10
C ALA B 281 -14.22 64.78 26.47
N TYR B 282 -15.10 64.90 27.46
CA TYR B 282 -14.66 64.98 28.83
C TYR B 282 -15.67 64.58 29.83
N HIS B 283 -15.64 63.29 30.13
CA HIS B 283 -16.53 62.73 31.11
C HIS B 283 -15.53 62.11 32.08
N GLU B 284 -14.22 62.25 31.78
CA GLU B 284 -13.12 61.72 32.61
C GLU B 284 -13.64 60.96 33.85
N GLN B 285 -14.20 61.68 34.82
CA GLN B 285 -14.75 61.09 36.05
C GLN B 285 -15.66 59.94 35.70
N LEU B 286 -15.04 58.81 35.43
CA LEU B 286 -15.76 57.63 35.02
C LEU B 286 -15.52 56.50 36.04
N SER B 287 -16.14 56.62 37.20
CA SER B 287 -15.97 55.65 38.28
C SER B 287 -15.70 54.25 37.79
N VAL B 288 -14.95 53.51 38.61
CA VAL B 288 -14.58 52.14 38.35
C VAL B 288 -15.63 51.43 37.54
N ALA B 289 -16.81 51.28 38.14
CA ALA B 289 -17.94 50.61 37.52
C ALA B 289 -17.96 50.79 36.01
N GLU B 290 -17.39 51.89 35.51
CA GLU B 290 -17.37 52.15 34.08
C GLU B 290 -16.11 51.68 33.38
N ILE B 291 -14.97 52.15 33.85
CA ILE B 291 -13.67 51.80 33.26
C ILE B 291 -13.40 50.28 33.15
N THR B 292 -14.06 49.49 33.98
CA THR B 292 -13.87 48.06 33.97
C THR B 292 -14.73 47.42 32.90
N ASN B 293 -15.87 48.01 32.64
CA ASN B 293 -16.74 47.46 31.65
C ASN B 293 -16.13 47.79 30.29
N ALA B 294 -15.38 48.90 30.26
CA ALA B 294 -14.75 49.38 29.04
C ALA B 294 -13.56 48.56 28.62
N CYS B 295 -13.26 47.51 29.38
CA CYS B 295 -12.14 46.67 29.04
C CYS B 295 -12.58 45.49 28.21
N PHE B 296 -13.75 44.96 28.52
CA PHE B 296 -14.25 43.80 27.78
C PHE B 296 -14.92 44.09 26.44
N GLU B 297 -15.27 45.34 26.17
CA GLU B 297 -15.84 45.63 24.87
C GLU B 297 -14.63 45.47 23.98
N PRO B 298 -14.74 44.63 22.94
CA PRO B 298 -13.64 44.39 22.02
C PRO B 298 -12.98 45.59 21.33
N ALA B 299 -13.63 46.74 21.30
CA ALA B 299 -13.05 47.88 20.64
C ALA B 299 -12.14 48.66 21.56
N ASN B 300 -11.30 47.98 22.31
CA ASN B 300 -10.42 48.72 23.21
C ASN B 300 -9.36 47.80 23.77
N GLN B 301 -8.87 46.89 22.95
CA GLN B 301 -7.92 45.96 23.49
C GLN B 301 -6.55 45.77 22.88
N MET B 302 -6.09 46.75 22.12
CA MET B 302 -4.76 46.62 21.55
C MET B 302 -4.50 45.25 20.95
N VAL B 303 -5.49 44.70 20.24
CA VAL B 303 -5.36 43.40 19.59
C VAL B 303 -6.59 43.05 18.77
N LYS B 304 -6.37 42.77 17.49
CA LYS B 304 -7.44 42.44 16.56
C LYS B 304 -7.89 41.00 16.78
N CYS B 305 -8.14 40.68 18.03
CA CYS B 305 -8.58 39.34 18.39
C CYS B 305 -9.94 39.41 19.04
N ASP B 306 -10.75 40.34 18.56
CA ASP B 306 -12.11 40.55 19.06
C ASP B 306 -12.63 39.24 19.65
N PRO B 307 -13.12 39.24 20.91
CA PRO B 307 -13.62 38.00 21.52
C PRO B 307 -14.75 37.37 20.71
N ARG B 308 -14.38 37.04 19.46
CA ARG B 308 -15.24 36.43 18.47
C ARG B 308 -15.80 35.10 18.93
N HIS B 309 -15.27 34.60 20.04
CA HIS B 309 -15.69 33.33 20.63
C HIS B 309 -14.75 32.95 21.75
N GLY B 310 -13.51 33.42 21.63
CA GLY B 310 -12.50 33.12 22.62
C GLY B 310 -12.93 33.36 24.05
N LYS B 311 -13.09 32.28 24.79
CA LYS B 311 -13.47 32.35 26.18
C LYS B 311 -12.27 32.77 26.99
N TYR B 312 -12.43 33.77 27.84
CA TYR B 312 -11.33 34.18 28.67
C TYR B 312 -11.04 32.96 29.55
N MET B 313 -9.85 32.88 30.10
CA MET B 313 -9.50 31.77 30.97
C MET B 313 -8.70 32.28 32.15
N ALA B 314 -8.53 33.59 32.20
CA ALA B 314 -7.78 34.23 33.29
C ALA B 314 -7.46 35.67 32.91
N CYS B 315 -7.87 36.58 33.77
CA CYS B 315 -7.62 38.00 33.53
C CYS B 315 -6.97 38.58 34.77
N CYS B 316 -6.02 39.49 34.55
CA CYS B 316 -5.31 40.13 35.65
C CYS B 316 -5.65 41.59 35.64
N LEU B 317 -6.74 41.94 36.27
CA LEU B 317 -7.16 43.32 36.29
C LEU B 317 -6.30 44.21 37.14
N LEU B 318 -5.33 44.85 36.51
CA LEU B 318 -4.45 45.76 37.24
C LEU B 318 -5.06 47.15 37.24
N TYR B 319 -5.43 47.61 38.43
CA TYR B 319 -6.02 48.93 38.58
C TYR B 319 -4.96 49.80 39.20
N ARG B 320 -5.13 51.11 39.05
CA ARG B 320 -4.18 52.06 39.60
C ARG B 320 -4.94 53.35 39.84
N GLY B 321 -4.60 54.06 40.91
CA GLY B 321 -5.30 55.29 41.21
C GLY B 321 -6.27 55.10 42.35
N ASP B 322 -7.25 55.98 42.48
CA ASP B 322 -8.23 55.88 43.56
C ASP B 322 -9.32 54.84 43.30
N VAL B 323 -9.13 53.67 43.90
CA VAL B 323 -10.06 52.55 43.73
C VAL B 323 -10.36 51.81 45.04
N VAL B 324 -11.65 51.70 45.37
CA VAL B 324 -12.10 51.02 46.58
C VAL B 324 -12.28 49.55 46.26
N PRO B 325 -11.54 48.69 46.95
CA PRO B 325 -11.60 47.24 46.75
C PRO B 325 -12.99 46.66 46.60
N LYS B 326 -13.98 47.28 47.23
CA LYS B 326 -15.36 46.79 47.12
C LYS B 326 -15.85 47.18 45.74
N ASP B 327 -15.51 48.39 45.33
CA ASP B 327 -15.90 48.87 44.01
C ASP B 327 -15.51 47.82 42.99
N VAL B 328 -14.32 47.26 43.18
CA VAL B 328 -13.80 46.23 42.29
C VAL B 328 -14.50 44.93 42.58
N ASN B 329 -14.41 44.48 43.83
CA ASN B 329 -15.04 43.24 44.27
C ASN B 329 -16.55 43.47 44.23
N ALA B 330 -17.00 43.95 43.09
CA ALA B 330 -18.41 44.23 42.81
C ALA B 330 -18.55 44.50 41.32
N ALA B 331 -17.69 45.39 40.83
CA ALA B 331 -17.67 45.74 39.42
C ALA B 331 -17.32 44.47 38.67
N ILE B 332 -16.49 43.64 39.30
CA ILE B 332 -16.08 42.37 38.71
C ILE B 332 -17.18 41.35 38.90
N ALA B 333 -17.86 41.42 40.04
CA ALA B 333 -18.95 40.50 40.35
C ALA B 333 -20.01 40.68 39.29
N THR B 334 -20.37 41.92 39.02
CA THR B 334 -21.37 42.23 38.00
C THR B 334 -20.98 41.57 36.68
N ILE B 335 -19.69 41.63 36.36
CA ILE B 335 -19.17 41.05 35.14
C ILE B 335 -19.30 39.53 35.20
N LYS B 336 -18.75 38.92 36.23
CA LYS B 336 -18.81 37.47 36.36
C LYS B 336 -20.20 36.91 36.05
N THR B 337 -21.21 37.77 36.06
CA THR B 337 -22.56 37.33 35.80
C THR B 337 -23.21 37.96 34.58
N LYS B 338 -22.40 38.33 33.59
CA LYS B 338 -22.91 38.92 32.36
C LYS B 338 -23.05 37.80 31.33
N ARG B 339 -22.45 36.66 31.66
CA ARG B 339 -22.48 35.45 30.83
C ARG B 339 -22.06 35.60 29.38
N THR B 340 -22.52 36.67 28.73
CA THR B 340 -22.17 36.92 27.34
C THR B 340 -20.64 37.14 27.30
N ILE B 341 -20.01 37.07 28.47
CA ILE B 341 -18.57 37.24 28.61
C ILE B 341 -17.94 35.87 28.93
N GLN B 342 -18.74 34.83 28.74
CA GLN B 342 -18.37 33.44 28.96
C GLN B 342 -16.89 33.13 29.24
N PHE B 343 -16.60 32.69 30.46
CA PHE B 343 -15.24 32.31 30.88
C PHE B 343 -15.11 30.80 30.69
N VAL B 344 -13.90 30.30 30.63
CA VAL B 344 -13.74 28.87 30.44
C VAL B 344 -14.50 28.09 31.49
N ASP B 345 -14.68 26.80 31.21
CA ASP B 345 -15.39 25.88 32.10
C ASP B 345 -14.53 25.56 33.31
N TRP B 346 -13.45 24.83 33.04
CA TRP B 346 -12.52 24.41 34.06
C TRP B 346 -11.98 25.54 34.90
N CYS B 347 -12.59 26.70 34.77
CA CYS B 347 -12.12 27.82 35.53
C CYS B 347 -13.27 28.49 36.26
N PRO B 348 -13.35 28.29 37.57
CA PRO B 348 -14.39 28.88 38.41
C PRO B 348 -14.27 30.37 38.35
N THR B 349 -13.21 30.82 38.99
CA THR B 349 -12.85 32.24 39.08
C THR B 349 -11.45 32.46 38.51
N GLY B 350 -11.40 33.35 37.55
CA GLY B 350 -10.15 33.72 36.87
C GLY B 350 -10.06 35.24 36.77
N PHE B 351 -9.93 35.85 37.92
CA PHE B 351 -9.85 37.32 38.03
C PHE B 351 -8.87 37.73 39.12
N LYS B 352 -7.67 38.02 38.68
CA LYS B 352 -6.59 38.50 39.56
C LYS B 352 -6.69 40.02 39.65
N VAL B 353 -7.21 40.47 40.77
CA VAL B 353 -7.39 41.90 41.03
C VAL B 353 -6.13 42.51 41.63
N GLY B 354 -5.48 43.31 40.80
CA GLY B 354 -4.26 44.03 41.17
C GLY B 354 -4.57 45.51 41.33
N ILE B 355 -4.39 45.96 42.57
CA ILE B 355 -4.66 47.36 42.94
C ILE B 355 -3.37 48.07 43.34
N ASN B 356 -3.15 49.17 42.66
CA ASN B 356 -2.02 50.06 42.91
C ASN B 356 -2.60 51.36 43.44
N TYR B 357 -1.72 52.24 43.91
CA TYR B 357 -2.17 53.51 44.47
C TYR B 357 -2.08 54.65 43.45
N GLU B 358 -0.86 55.10 43.23
CA GLU B 358 -0.55 56.21 42.31
C GLU B 358 -1.36 56.09 41.02
N PRO B 359 -2.19 57.09 40.69
CA PRO B 359 -2.97 57.08 39.45
C PRO B 359 -2.04 57.04 38.25
N PRO B 360 -2.54 56.87 37.01
CA PRO B 360 -1.67 56.84 35.83
C PRO B 360 -0.92 58.16 35.67
N THR B 361 -0.10 58.25 34.63
CA THR B 361 0.66 59.47 34.39
C THR B 361 0.82 59.67 32.89
N VAL B 362 -0.02 60.54 32.38
CA VAL B 362 -0.08 60.86 30.96
C VAL B 362 0.96 61.87 30.52
N VAL B 363 1.43 61.68 29.29
CA VAL B 363 2.41 62.58 28.70
C VAL B 363 1.85 63.98 28.85
N PRO B 364 2.71 64.94 29.25
CA PRO B 364 2.34 66.35 29.45
C PRO B 364 1.37 66.90 28.43
N GLY B 365 1.61 66.58 27.15
CA GLY B 365 0.75 67.10 26.11
C GLY B 365 0.65 66.25 24.86
N GLY B 366 0.51 64.95 25.03
CA GLY B 366 0.37 64.07 23.88
C GLY B 366 -1.07 64.14 23.41
N ASP B 367 -1.86 63.13 23.76
CA ASP B 367 -3.27 63.07 23.40
C ASP B 367 -4.04 62.16 24.33
N LEU B 368 -3.38 61.72 25.40
CA LEU B 368 -4.02 60.84 26.39
C LEU B 368 -4.75 61.69 27.41
N ALA B 369 -6.02 61.39 27.60
CA ALA B 369 -6.88 62.11 28.54
C ALA B 369 -6.17 62.61 29.80
N LYS B 370 -5.97 61.67 30.73
CA LYS B 370 -5.35 61.88 32.04
C LYS B 370 -6.44 61.82 33.12
N VAL B 371 -6.80 60.59 33.45
CA VAL B 371 -7.82 60.29 34.44
C VAL B 371 -7.14 60.06 35.78
N GLN B 372 -7.93 59.75 36.80
CA GLN B 372 -7.40 59.48 38.13
C GLN B 372 -7.70 58.04 38.51
N ARG B 373 -7.56 57.15 37.53
CA ARG B 373 -7.77 55.74 37.73
C ARG B 373 -7.88 55.08 36.36
N ALA B 374 -7.30 53.88 36.24
CA ALA B 374 -7.30 53.14 34.99
C ALA B 374 -7.26 51.65 35.24
N VAL B 375 -7.58 50.88 34.20
CA VAL B 375 -7.60 49.43 34.25
C VAL B 375 -6.85 48.78 33.10
N CYS B 376 -5.64 48.31 33.39
CA CYS B 376 -4.81 47.65 32.39
C CYS B 376 -5.02 46.17 32.61
N MET B 377 -6.07 45.65 31.98
CA MET B 377 -6.40 44.26 32.13
C MET B 377 -5.82 43.49 30.98
N LEU B 378 -5.13 42.40 31.31
CA LEU B 378 -4.53 41.55 30.32
C LEU B 378 -5.12 40.19 30.58
N SER B 379 -5.10 39.32 29.56
CA SER B 379 -5.69 38.00 29.72
C SER B 379 -5.39 37.01 28.63
N ASN B 380 -5.64 35.74 28.94
CA ASN B 380 -5.47 34.66 27.99
C ASN B 380 -6.89 34.40 27.53
N THR B 381 -7.10 34.48 26.23
CA THR B 381 -8.43 34.28 25.66
C THR B 381 -8.34 33.26 24.56
N THR B 382 -9.24 32.30 24.57
CA THR B 382 -9.30 31.27 23.55
C THR B 382 -9.47 31.97 22.20
N ALA B 383 -9.49 33.29 22.27
CA ALA B 383 -9.67 34.10 21.10
C ALA B 383 -8.51 34.01 20.15
N ILE B 384 -7.30 34.11 20.67
CA ILE B 384 -6.14 34.05 19.80
C ILE B 384 -6.16 32.82 18.91
N ALA B 385 -7.04 31.87 19.20
CA ALA B 385 -7.17 30.66 18.37
C ALA B 385 -7.26 31.23 16.97
N GLU B 386 -7.91 32.38 16.87
CA GLU B 386 -8.05 33.10 15.62
C GLU B 386 -6.68 33.61 15.24
N ALA B 387 -6.37 34.83 15.69
CA ALA B 387 -5.11 35.51 15.42
C ALA B 387 -3.94 34.61 14.99
N TRP B 388 -3.77 33.47 15.66
CA TRP B 388 -2.70 32.56 15.30
C TRP B 388 -3.07 31.91 13.98
N ALA B 389 -4.30 31.41 13.93
CA ALA B 389 -4.84 30.78 12.73
C ALA B 389 -4.53 31.67 11.53
N ARG B 390 -5.21 32.80 11.48
CA ARG B 390 -5.05 33.79 10.41
C ARG B 390 -3.60 34.14 10.07
N LEU B 391 -2.68 33.89 10.98
CA LEU B 391 -1.30 34.25 10.74
C LEU B 391 -0.53 33.06 10.25
N ASP B 392 -1.05 31.89 10.58
CA ASP B 392 -0.44 30.64 10.19
C ASP B 392 -0.76 30.43 8.72
N HIS B 393 -2.05 30.54 8.40
CA HIS B 393 -2.55 30.39 7.05
C HIS B 393 -1.66 31.21 6.13
N LYS B 394 -1.49 32.49 6.45
CA LYS B 394 -0.62 33.39 5.69
C LYS B 394 0.61 32.62 5.22
N PHE B 395 1.39 32.23 6.23
CA PHE B 395 2.62 31.48 6.07
C PHE B 395 2.54 30.43 4.96
N ASP B 396 1.63 29.48 5.13
CA ASP B 396 1.44 28.42 4.16
C ASP B 396 1.41 28.95 2.75
N LEU B 397 0.44 29.81 2.48
CA LEU B 397 0.31 30.36 1.16
C LEU B 397 1.65 30.60 0.50
N MET B 398 2.55 31.29 1.20
CA MET B 398 3.87 31.58 0.66
C MET B 398 4.79 30.39 0.65
N TYR B 399 4.87 29.69 1.78
CA TYR B 399 5.71 28.52 1.86
C TYR B 399 5.27 27.56 0.75
N ALA B 400 3.97 27.49 0.56
CA ALA B 400 3.41 26.62 -0.45
C ALA B 400 4.09 26.84 -1.80
N LYS B 401 4.78 27.98 -1.94
CA LYS B 401 5.48 28.30 -3.18
C LYS B 401 6.93 28.67 -2.90
N ARG B 402 7.33 28.49 -1.65
CA ARG B 402 8.67 28.78 -1.23
C ARG B 402 8.98 30.26 -1.22
N ALA B 403 8.11 31.04 -1.85
CA ALA B 403 8.31 32.47 -1.93
C ALA B 403 9.72 32.85 -1.53
N PHE B 404 9.87 33.73 -0.56
CA PHE B 404 11.20 34.20 -0.15
C PHE B 404 11.96 33.19 0.67
N VAL B 405 11.91 31.93 0.28
CA VAL B 405 12.63 30.93 1.05
C VAL B 405 14.12 31.03 0.79
N HIS B 406 14.52 31.18 -0.46
CA HIS B 406 15.94 31.23 -0.74
C HIS B 406 16.67 32.26 0.09
N TRP B 407 15.93 33.15 0.74
CA TRP B 407 16.54 34.19 1.52
C TRP B 407 16.97 33.71 2.85
N TYR B 408 16.36 32.63 3.31
CA TYR B 408 16.71 32.10 4.63
C TYR B 408 17.69 30.97 4.47
N VAL B 409 17.37 30.05 3.58
CA VAL B 409 18.23 28.90 3.34
C VAL B 409 19.64 29.40 3.22
N GLY B 410 19.83 30.36 2.32
CA GLY B 410 21.14 30.92 2.09
C GLY B 410 21.63 31.66 3.32
N GLU B 411 20.93 31.46 4.43
CA GLU B 411 21.31 32.11 5.66
C GLU B 411 21.36 31.11 6.82
N GLY B 412 21.70 29.88 6.51
CA GLY B 412 21.81 28.88 7.56
C GLY B 412 20.52 28.46 8.23
N MET B 413 19.62 27.92 7.41
CA MET B 413 18.31 27.43 7.83
C MET B 413 18.06 26.28 6.87
N GLU B 414 16.90 25.66 6.96
CA GLU B 414 16.65 24.54 6.07
C GLU B 414 15.17 24.33 5.89
N GLU B 415 14.80 23.41 5.00
CA GLU B 415 13.39 23.10 4.79
C GLU B 415 12.88 22.60 6.13
N GLY B 416 13.82 22.20 6.98
CA GLY B 416 13.45 21.73 8.29
C GLY B 416 12.81 22.82 9.10
N GLU B 417 13.64 23.73 9.60
CA GLU B 417 13.16 24.82 10.43
C GLU B 417 11.83 25.41 10.03
N PHE B 418 11.55 25.53 8.73
CA PHE B 418 10.25 26.08 8.34
C PHE B 418 9.19 25.02 8.59
N SER B 419 9.18 23.99 7.77
CA SER B 419 8.21 22.91 7.90
C SER B 419 8.06 22.41 9.32
N GLU B 420 9.16 22.38 10.06
CA GLU B 420 9.11 21.87 11.42
C GLU B 420 8.70 22.90 12.46
N ALA B 421 8.51 24.14 12.04
CA ALA B 421 8.08 25.22 12.93
C ALA B 421 6.63 25.53 12.59
N ARG B 422 6.22 24.97 11.46
CA ARG B 422 4.86 25.12 11.00
C ARG B 422 4.10 24.09 11.81
N GLU B 423 4.58 22.84 11.75
CA GLU B 423 3.97 21.76 12.52
C GLU B 423 3.87 22.24 13.97
N ASP B 424 4.89 22.98 14.40
CA ASP B 424 4.95 23.52 15.75
C ASP B 424 3.66 24.25 16.07
N MET B 425 3.48 25.39 15.42
CA MET B 425 2.29 26.18 15.66
C MET B 425 1.02 25.39 15.43
N ALA B 426 1.04 24.45 14.50
CA ALA B 426 -0.15 23.64 14.25
C ALA B 426 -0.74 23.20 15.59
N ALA B 427 0.11 22.65 16.46
CA ALA B 427 -0.30 22.18 17.79
C ALA B 427 -0.47 23.34 18.75
N LEU B 428 -0.59 24.54 18.21
CA LEU B 428 -0.81 25.73 19.01
C LEU B 428 -2.21 26.20 18.63
N GLU B 429 -2.66 25.68 17.49
CA GLU B 429 -3.99 25.95 16.96
C GLU B 429 -4.91 24.90 17.57
N LYS B 430 -4.34 23.75 17.92
CA LYS B 430 -5.09 22.66 18.54
C LYS B 430 -5.10 22.91 20.04
N ASP B 431 -3.97 23.40 20.54
CA ASP B 431 -3.83 23.68 21.96
C ASP B 431 -4.86 24.72 22.39
N TYR B 432 -4.78 25.90 21.79
CA TYR B 432 -5.69 26.99 22.10
C TYR B 432 -7.13 26.64 21.78
N GLU B 433 -7.33 25.48 21.18
CA GLU B 433 -8.66 24.98 20.81
C GLU B 433 -9.14 24.02 21.89
N GLU B 434 -8.26 23.09 22.27
CA GLU B 434 -8.60 22.11 23.29
C GLU B 434 -8.81 22.71 24.68
N VAL B 435 -7.91 23.59 25.10
CA VAL B 435 -8.02 24.21 26.42
C VAL B 435 -9.30 25.00 26.55
N GLY B 436 -10.10 24.99 25.48
CA GLY B 436 -11.36 25.71 25.50
C GLY B 436 -12.34 25.06 24.54
N VAL B 437 -13.45 25.75 24.27
CA VAL B 437 -14.47 25.26 23.35
C VAL B 437 -15.04 23.90 23.80
N ASP B 438 -14.37 23.27 24.78
CA ASP B 438 -14.79 21.96 25.27
C ASP B 438 -14.95 21.93 26.80
N SER B 439 -15.82 21.06 27.28
CA SER B 439 -16.06 20.95 28.72
C SER B 439 -15.90 19.52 29.24
N ARG C 2 16.19 48.30 -3.70
CA ARG C 2 15.89 47.20 -4.66
C ARG C 2 16.33 47.61 -6.06
N GLU C 3 16.25 46.69 -7.02
CA GLU C 3 16.66 46.96 -8.40
C GLU C 3 16.03 46.03 -9.46
N ILE C 4 16.31 46.33 -10.72
CA ILE C 4 15.84 45.56 -11.88
C ILE C 4 16.77 45.86 -13.06
N VAL C 5 16.79 44.99 -14.07
CA VAL C 5 17.60 45.24 -15.26
C VAL C 5 16.83 44.91 -16.54
N HIS C 6 16.35 45.96 -17.18
CA HIS C 6 15.57 45.86 -18.40
C HIS C 6 16.29 45.06 -19.45
N ILE C 7 15.51 44.47 -20.37
CA ILE C 7 16.08 43.68 -21.46
C ILE C 7 15.32 43.90 -22.79
N GLN C 8 15.97 44.58 -23.74
CA GLN C 8 15.41 44.91 -25.06
C GLN C 8 15.67 43.85 -26.14
N ALA C 9 15.01 42.71 -26.03
CA ALA C 9 15.20 41.63 -27.00
C ALA C 9 14.55 41.87 -28.37
N GLY C 10 15.32 41.68 -29.42
CA GLY C 10 14.78 41.87 -30.76
C GLY C 10 14.67 43.33 -31.15
N GLN C 11 14.02 43.60 -32.28
CA GLN C 11 13.85 44.97 -32.74
C GLN C 11 12.71 45.59 -31.96
N CYS C 12 11.54 44.99 -32.07
CA CYS C 12 10.38 45.50 -31.37
C CYS C 12 10.76 45.78 -29.94
N GLY C 13 11.01 44.72 -29.19
CA GLY C 13 11.40 44.88 -27.80
C GLY C 13 12.39 46.01 -27.67
N ASN C 14 13.16 46.21 -28.73
CA ASN C 14 14.15 47.26 -28.74
C ASN C 14 13.48 48.61 -29.02
N GLN C 15 12.78 48.72 -30.15
CA GLN C 15 12.08 49.94 -30.52
C GLN C 15 11.38 50.48 -29.28
N ILE C 16 10.68 49.59 -28.59
CA ILE C 16 9.96 49.93 -27.36
C ILE C 16 10.92 50.39 -26.27
N GLY C 17 12.10 49.79 -26.22
CA GLY C 17 13.07 50.18 -25.23
C GLY C 17 13.20 51.69 -25.32
N ALA C 18 13.39 52.17 -26.54
CA ALA C 18 13.54 53.60 -26.75
C ALA C 18 12.38 54.37 -26.20
N LYS C 19 11.18 53.80 -26.24
CA LYS C 19 10.01 54.50 -25.73
C LYS C 19 9.88 54.30 -24.23
N PHE C 20 10.21 53.11 -23.75
CA PHE C 20 10.12 52.87 -22.32
C PHE C 20 11.13 53.73 -21.59
N TRP C 21 12.26 53.96 -22.22
CA TRP C 21 13.28 54.77 -21.59
C TRP C 21 13.07 56.24 -21.90
N GLU C 22 12.41 56.51 -23.02
CA GLU C 22 12.11 57.88 -23.39
C GLU C 22 11.32 58.39 -22.20
N VAL C 23 10.24 57.68 -21.90
CA VAL C 23 9.36 58.01 -20.79
C VAL C 23 10.09 58.02 -19.46
N ILE C 24 10.15 56.84 -18.86
CA ILE C 24 10.80 56.61 -17.59
C ILE C 24 11.82 57.66 -17.19
N SER C 25 12.69 58.04 -18.12
CA SER C 25 13.70 59.04 -17.84
C SER C 25 13.07 60.34 -17.37
N ASP C 26 12.17 60.87 -18.19
CA ASP C 26 11.44 62.11 -17.89
C ASP C 26 10.69 61.95 -16.56
N GLU C 27 10.29 60.70 -16.28
CA GLU C 27 9.60 60.36 -15.04
C GLU C 27 10.69 60.13 -13.99
N HIS C 28 11.86 60.68 -14.27
CA HIS C 28 13.00 60.58 -13.38
C HIS C 28 14.03 61.65 -13.72
N GLY C 29 13.59 62.67 -14.45
CA GLY C 29 14.46 63.78 -14.82
C GLY C 29 15.86 63.51 -15.33
N ILE C 30 16.01 62.49 -16.17
CA ILE C 30 17.31 62.15 -16.71
C ILE C 30 17.37 62.48 -18.19
N ASP C 31 18.09 63.55 -18.51
CA ASP C 31 18.26 64.02 -19.88
C ASP C 31 19.22 63.09 -20.61
N PRO C 32 19.16 63.04 -21.95
CA PRO C 32 20.04 62.18 -22.74
C PRO C 32 21.22 61.61 -21.94
N THR C 33 22.29 62.39 -21.83
CA THR C 33 23.45 61.94 -21.05
C THR C 33 23.45 62.73 -19.74
N GLY C 34 22.63 63.78 -19.71
CA GLY C 34 22.54 64.61 -18.52
C GLY C 34 22.26 63.81 -17.27
N SER C 35 21.99 64.50 -16.18
CA SER C 35 21.72 63.85 -14.91
C SER C 35 20.27 63.98 -14.48
N TYR C 36 20.11 64.25 -13.19
CA TYR C 36 18.80 64.41 -12.60
C TYR C 36 18.37 65.88 -12.52
N HIS C 37 17.59 66.32 -13.50
CA HIS C 37 17.07 67.68 -13.53
C HIS C 37 15.76 67.71 -12.73
N GLY C 38 15.33 66.50 -12.34
CA GLY C 38 14.11 66.30 -11.59
C GLY C 38 13.44 67.52 -11.00
N ASP C 39 12.24 67.79 -11.48
CA ASP C 39 11.46 68.91 -11.00
C ASP C 39 11.36 68.81 -9.49
N SER C 40 11.40 67.57 -8.99
CA SER C 40 11.31 67.32 -7.56
C SER C 40 12.61 66.74 -7.00
N ASP C 41 12.51 66.11 -5.84
CA ASP C 41 13.66 65.51 -5.17
C ASP C 41 13.37 64.05 -4.88
N LEU C 42 12.11 63.66 -5.10
CA LEU C 42 11.66 62.29 -4.85
C LEU C 42 11.93 61.34 -6.02
N GLN C 43 12.07 61.90 -7.21
CA GLN C 43 12.33 61.11 -8.41
C GLN C 43 13.78 60.67 -8.45
N LEU C 44 14.42 60.60 -7.29
CA LEU C 44 15.83 60.25 -7.22
C LEU C 44 16.23 59.27 -6.13
N GLU C 45 15.53 59.32 -4.99
CA GLU C 45 15.84 58.43 -3.88
C GLU C 45 15.67 56.95 -4.20
N ARG C 46 15.02 56.66 -5.33
CA ARG C 46 14.78 55.27 -5.70
C ARG C 46 15.20 54.93 -7.13
N ILE C 47 15.77 55.90 -7.85
CA ILE C 47 16.18 55.63 -9.24
C ILE C 47 16.93 54.34 -9.41
N ASN C 48 17.98 54.15 -8.60
CA ASN C 48 18.81 52.96 -8.64
C ASN C 48 18.14 51.82 -9.36
N VAL C 49 16.88 51.55 -9.04
CA VAL C 49 16.13 50.49 -9.68
C VAL C 49 16.40 50.33 -11.17
N TYR C 50 16.76 51.43 -11.85
CA TYR C 50 17.03 51.40 -13.29
C TYR C 50 18.33 52.01 -13.78
N TYR C 51 19.17 52.52 -12.89
CA TYR C 51 20.41 53.15 -13.33
C TYR C 51 21.65 52.74 -12.55
N ASN C 52 22.76 53.42 -12.82
CA ASN C 52 24.03 53.16 -12.14
C ASN C 52 24.85 54.43 -11.98
N GLU C 53 25.55 54.53 -10.84
CA GLU C 53 26.39 55.69 -10.54
C GLU C 53 27.83 55.53 -11.01
N ALA C 54 28.27 56.40 -11.91
CA ALA C 54 29.64 56.37 -12.42
C ALA C 54 30.24 57.77 -12.32
N ALA C 55 29.80 58.66 -13.20
CA ALA C 55 30.31 60.02 -13.20
C ALA C 55 29.74 60.80 -12.01
N GLY C 56 28.53 61.33 -12.17
CA GLY C 56 27.89 62.10 -11.11
C GLY C 56 26.76 62.91 -11.72
N ASN C 57 26.60 62.73 -13.02
CA ASN C 57 25.58 63.40 -13.82
C ASN C 57 25.14 62.38 -14.86
N LYS C 58 25.83 61.24 -14.86
CA LYS C 58 25.55 60.19 -15.81
C LYS C 58 25.02 58.92 -15.14
N TYR C 59 23.71 58.86 -14.97
CA TYR C 59 23.04 57.71 -14.41
C TYR C 59 22.62 56.96 -15.66
N VAL C 60 23.32 55.88 -15.98
CA VAL C 60 23.02 55.12 -17.19
C VAL C 60 22.02 54.00 -17.03
N PRO C 61 21.02 53.95 -17.91
CA PRO C 61 20.00 52.91 -17.86
C PRO C 61 20.67 51.55 -17.83
N ARG C 62 20.21 50.72 -16.91
CA ARG C 62 20.75 49.38 -16.75
C ARG C 62 19.88 48.36 -17.44
N ALA C 63 19.92 48.38 -18.76
CA ALA C 63 19.15 47.47 -19.61
C ALA C 63 20.08 46.74 -20.55
N ILE C 64 19.53 45.83 -21.33
CA ILE C 64 20.35 45.11 -22.30
C ILE C 64 19.68 45.25 -23.66
N LEU C 65 20.49 45.44 -24.70
CA LEU C 65 19.97 45.58 -26.05
C LEU C 65 20.48 44.43 -26.90
N VAL C 66 19.62 43.42 -27.03
CA VAL C 66 19.93 42.21 -27.76
C VAL C 66 19.23 42.18 -29.13
N ASP C 67 20.01 42.01 -30.18
CA ASP C 67 19.47 41.99 -31.55
C ASP C 67 20.49 41.55 -32.59
N LEU C 68 20.04 40.75 -33.55
CA LEU C 68 20.89 40.21 -34.61
C LEU C 68 20.84 41.05 -35.89
N GLU C 69 20.22 42.22 -35.81
CA GLU C 69 20.09 43.12 -36.95
C GLU C 69 20.73 44.43 -36.54
N PRO C 70 21.90 44.75 -37.09
CA PRO C 70 22.53 46.01 -36.70
C PRO C 70 21.60 47.22 -36.89
N GLY C 71 21.29 47.56 -38.14
CA GLY C 71 20.43 48.70 -38.44
C GLY C 71 19.48 49.15 -37.32
N THR C 72 18.84 48.19 -36.66
CA THR C 72 17.91 48.50 -35.57
C THR C 72 18.59 49.27 -34.46
N MET C 73 19.36 48.57 -33.63
CA MET C 73 20.05 49.20 -32.52
C MET C 73 20.84 50.42 -32.99
N ASP C 74 21.16 50.44 -34.29
CA ASP C 74 21.90 51.55 -34.89
C ASP C 74 20.95 52.67 -35.33
N SER C 75 19.69 52.56 -34.93
CA SER C 75 18.67 53.56 -35.22
C SER C 75 18.27 54.10 -33.85
N VAL C 76 18.32 53.19 -32.88
CA VAL C 76 17.98 53.52 -31.50
C VAL C 76 19.17 54.21 -30.88
N ARG C 77 20.37 53.86 -31.35
CA ARG C 77 21.58 54.46 -30.82
C ARG C 77 21.99 55.71 -31.60
N SER C 78 21.33 55.96 -32.74
CA SER C 78 21.66 57.13 -33.55
C SER C 78 20.56 58.19 -33.55
N GLY C 79 19.61 58.06 -32.64
CA GLY C 79 18.53 59.03 -32.56
C GLY C 79 18.52 59.86 -31.29
N PRO C 80 17.35 60.05 -30.65
CA PRO C 80 17.25 60.84 -29.42
C PRO C 80 18.07 60.27 -28.25
N PHE C 81 17.39 59.82 -27.21
CA PHE C 81 18.04 59.26 -26.02
C PHE C 81 19.02 58.13 -26.33
N GLY C 82 19.15 57.80 -27.61
CA GLY C 82 20.04 56.72 -27.99
C GLY C 82 21.45 56.75 -27.46
N GLN C 83 21.93 57.93 -27.07
CA GLN C 83 23.30 58.05 -26.57
C GLN C 83 23.46 58.08 -25.06
N ILE C 84 22.63 57.31 -24.36
CA ILE C 84 22.69 57.24 -22.90
C ILE C 84 23.11 55.85 -22.45
N PHE C 85 22.87 54.86 -23.31
CA PHE C 85 23.25 53.49 -23.00
C PHE C 85 24.76 53.37 -23.14
N ARG C 86 25.41 52.72 -22.18
CA ARG C 86 26.85 52.52 -22.28
C ARG C 86 26.95 51.50 -23.42
N PRO C 87 27.88 51.70 -24.36
CA PRO C 87 28.06 50.79 -25.50
C PRO C 87 28.12 49.32 -25.10
N ASP C 88 28.62 49.07 -23.89
CA ASP C 88 28.74 47.72 -23.36
C ASP C 88 27.37 47.03 -23.40
N ASN C 89 26.31 47.83 -23.30
CA ASN C 89 24.93 47.34 -23.29
C ASN C 89 24.50 46.71 -24.61
N PHE C 90 25.03 47.25 -25.71
CA PHE C 90 24.67 46.76 -27.05
C PHE C 90 25.23 45.37 -27.38
N VAL C 91 24.41 44.34 -27.21
CA VAL C 91 24.87 43.00 -27.56
C VAL C 91 24.24 42.67 -28.91
N PHE C 92 24.93 43.09 -29.96
CA PHE C 92 24.47 42.90 -31.33
C PHE C 92 24.91 41.55 -31.92
N GLY C 93 24.30 41.20 -33.04
CA GLY C 93 24.65 39.97 -33.73
C GLY C 93 24.55 40.31 -35.20
N GLN C 94 25.60 40.90 -35.75
CA GLN C 94 25.61 41.31 -37.16
C GLN C 94 25.23 40.22 -38.15
N SER C 95 25.03 39.00 -37.64
CA SER C 95 24.64 37.86 -38.45
C SER C 95 23.38 38.21 -39.25
N GLY C 96 22.76 37.19 -39.85
CA GLY C 96 21.53 37.44 -40.58
C GLY C 96 20.41 37.25 -39.58
N ALA C 97 19.84 38.34 -39.08
CA ALA C 97 18.78 38.26 -38.08
C ALA C 97 17.48 37.62 -38.61
N GLY C 98 17.63 36.59 -39.45
CA GLY C 98 16.48 35.92 -40.03
C GLY C 98 15.27 35.87 -39.14
N ASN C 99 14.10 35.97 -39.75
CA ASN C 99 12.83 35.97 -39.03
C ASN C 99 12.41 34.62 -38.47
N ASN C 100 13.40 33.78 -38.19
CA ASN C 100 13.12 32.45 -37.71
C ASN C 100 13.42 32.26 -36.22
N TRP C 101 12.41 31.81 -35.49
CA TRP C 101 12.52 31.55 -34.05
C TRP C 101 13.72 30.64 -33.84
N ALA C 102 13.85 29.69 -34.74
CA ALA C 102 14.93 28.74 -34.69
C ALA C 102 16.24 29.39 -35.02
N LYS C 103 16.22 30.43 -35.83
CA LYS C 103 17.48 31.07 -36.20
C LYS C 103 18.03 31.98 -35.10
N GLY C 104 17.18 32.37 -34.16
CA GLY C 104 17.64 33.23 -33.09
C GLY C 104 17.61 32.53 -31.73
N HIS C 105 17.31 31.24 -31.73
CA HIS C 105 17.25 30.50 -30.48
C HIS C 105 18.20 29.32 -30.47
N TYR C 106 18.46 28.73 -31.63
CA TYR C 106 19.36 27.58 -31.70
C TYR C 106 20.63 27.75 -32.51
N THR C 107 20.53 28.46 -33.61
CA THR C 107 21.67 28.60 -34.45
C THR C 107 22.41 29.90 -34.43
N GLU C 108 21.71 30.98 -34.64
CA GLU C 108 22.39 32.26 -34.66
C GLU C 108 22.44 32.89 -33.27
N GLY C 109 21.29 32.94 -32.59
CA GLY C 109 21.27 33.54 -31.27
C GLY C 109 22.09 32.80 -30.22
N ALA C 110 22.05 31.48 -30.27
CA ALA C 110 22.77 30.66 -29.31
C ALA C 110 24.23 31.06 -29.16
N GLU C 111 24.80 31.68 -30.19
CA GLU C 111 26.18 32.08 -30.12
C GLU C 111 26.30 33.38 -29.33
N LEU C 112 25.52 34.37 -29.75
CA LEU C 112 25.51 35.68 -29.15
C LEU C 112 25.06 35.68 -27.69
N VAL C 113 24.49 34.57 -27.24
CA VAL C 113 23.98 34.44 -25.88
C VAL C 113 25.03 34.64 -24.80
N ASP C 114 26.10 33.85 -24.85
CA ASP C 114 27.16 33.94 -23.84
C ASP C 114 27.67 35.36 -23.70
N SER C 115 27.79 36.08 -24.82
CA SER C 115 28.27 37.47 -24.80
C SER C 115 27.19 38.38 -24.26
N VAL C 116 26.02 37.82 -23.94
CA VAL C 116 24.93 38.60 -23.38
C VAL C 116 24.95 38.29 -21.90
N LEU C 117 24.73 37.02 -21.56
CA LEU C 117 24.71 36.59 -20.16
C LEU C 117 25.86 37.27 -19.40
N ASP C 118 26.96 37.42 -20.11
CA ASP C 118 28.17 38.05 -19.58
C ASP C 118 27.77 39.38 -18.96
N VAL C 119 27.12 40.21 -19.78
CA VAL C 119 26.69 41.51 -19.32
C VAL C 119 25.53 41.43 -18.34
N VAL C 120 24.54 40.60 -18.62
CA VAL C 120 23.39 40.47 -17.71
C VAL C 120 23.88 40.17 -16.29
N ARG C 121 25.14 39.73 -16.18
CA ARG C 121 25.76 39.42 -14.90
C ARG C 121 26.53 40.64 -14.42
N LYS C 122 27.12 41.36 -15.36
CA LYS C 122 27.85 42.56 -15.00
C LYS C 122 26.86 43.57 -14.40
N GLU C 123 25.63 43.55 -14.91
CA GLU C 123 24.59 44.46 -14.45
C GLU C 123 23.91 43.96 -13.18
N SER C 124 23.75 42.65 -13.07
CA SER C 124 23.10 42.06 -11.91
C SER C 124 23.98 42.25 -10.68
N GLU C 125 25.27 41.97 -10.86
CA GLU C 125 26.25 42.10 -9.79
C GLU C 125 26.66 43.56 -9.62
N SER C 126 25.83 44.46 -10.15
CA SER C 126 26.07 45.89 -10.04
C SER C 126 26.25 46.15 -8.57
N CYS C 127 25.13 46.40 -7.89
CA CYS C 127 25.17 46.65 -6.46
C CYS C 127 23.85 46.35 -5.77
N ASP C 128 23.79 46.73 -4.49
CA ASP C 128 22.64 46.51 -3.62
C ASP C 128 22.00 45.14 -3.84
N CYS C 129 20.68 45.11 -3.87
CA CYS C 129 19.96 43.86 -4.05
C CYS C 129 19.08 43.87 -5.30
N LEU C 130 19.21 42.83 -6.12
CA LEU C 130 18.44 42.69 -7.34
C LEU C 130 17.05 42.13 -7.04
N GLN C 131 16.09 42.68 -7.75
CA GLN C 131 14.68 42.27 -7.62
C GLN C 131 14.30 41.32 -8.76
N GLY C 132 14.47 41.81 -9.98
CA GLY C 132 14.16 41.05 -11.20
C GLY C 132 14.57 41.81 -12.45
N PHE C 133 14.20 41.24 -13.59
CA PHE C 133 14.51 41.82 -14.91
C PHE C 133 13.24 42.04 -15.75
N GLN C 134 13.23 43.17 -16.43
CA GLN C 134 12.16 43.55 -17.36
C GLN C 134 12.55 43.05 -18.75
N LEU C 135 11.60 42.46 -19.43
CA LEU C 135 11.85 41.90 -20.76
C LEU C 135 10.80 42.34 -21.77
N THR C 136 11.29 43.02 -22.80
CA THR C 136 10.47 43.51 -23.91
C THR C 136 10.87 42.78 -25.19
N HIS C 137 9.85 42.48 -25.98
CA HIS C 137 10.04 41.77 -27.25
C HIS C 137 8.69 41.44 -27.86
N SER C 138 8.77 40.88 -29.04
CA SER C 138 7.61 40.44 -29.82
C SER C 138 7.73 38.97 -30.10
N LEU C 139 6.63 38.26 -29.94
CA LEU C 139 6.60 36.82 -30.16
C LEU C 139 6.33 36.49 -31.60
N GLY C 140 6.71 37.40 -32.50
CA GLY C 140 6.50 37.18 -33.91
C GLY C 140 7.71 37.44 -34.78
N GLY C 141 8.85 36.91 -34.35
CA GLY C 141 10.10 37.10 -35.09
C GLY C 141 11.27 36.33 -34.50
N GLY C 142 12.46 36.50 -35.08
CA GLY C 142 13.63 35.79 -34.60
C GLY C 142 14.18 36.38 -33.32
N THR C 143 14.94 37.46 -33.46
CA THR C 143 15.55 38.11 -32.30
C THR C 143 14.61 38.38 -31.14
N GLY C 144 13.32 38.25 -31.40
CA GLY C 144 12.36 38.52 -30.35
C GLY C 144 11.96 37.29 -29.58
N SER C 145 11.18 36.43 -30.22
CA SER C 145 10.68 35.22 -29.59
C SER C 145 11.76 34.19 -29.32
N GLY C 146 12.61 33.93 -30.30
CA GLY C 146 13.65 32.93 -30.13
C GLY C 146 14.77 33.36 -29.21
N MET C 147 15.59 34.29 -29.67
CA MET C 147 16.73 34.75 -28.87
C MET C 147 16.40 35.39 -27.53
N GLY C 148 15.26 36.06 -27.44
CA GLY C 148 14.88 36.69 -26.19
C GLY C 148 14.30 35.66 -25.25
N THR C 149 13.67 34.64 -25.83
CA THR C 149 13.07 33.59 -25.05
C THR C 149 14.16 32.70 -24.53
N LEU C 150 15.36 32.84 -25.10
CA LEU C 150 16.49 32.06 -24.64
C LEU C 150 17.12 32.83 -23.49
N LEU C 151 17.31 34.12 -23.73
CA LEU C 151 17.90 35.00 -22.75
C LEU C 151 17.29 34.76 -21.40
N ILE C 152 15.99 34.51 -21.36
CA ILE C 152 15.35 34.28 -20.07
C ILE C 152 15.60 32.88 -19.55
N SER C 153 15.46 31.87 -20.40
CA SER C 153 15.67 30.49 -19.99
C SER C 153 17.01 30.36 -19.29
N LYS C 154 17.94 31.26 -19.63
CA LYS C 154 19.27 31.29 -19.04
C LYS C 154 19.24 32.13 -17.78
N ILE C 155 18.57 33.28 -17.86
CA ILE C 155 18.43 34.15 -16.71
C ILE C 155 17.82 33.34 -15.53
N ARG C 156 16.71 32.66 -15.81
CA ARG C 156 15.99 31.85 -14.81
C ARG C 156 16.71 30.61 -14.30
N GLU C 157 17.98 30.48 -14.66
CA GLU C 157 18.77 29.33 -14.25
C GLU C 157 19.86 29.92 -13.40
N GLU C 158 20.10 31.20 -13.65
CA GLU C 158 21.13 31.96 -12.97
C GLU C 158 20.63 32.65 -11.69
N TYR C 159 19.34 32.95 -11.63
CA TYR C 159 18.80 33.57 -10.43
C TYR C 159 17.33 33.21 -10.27
N PRO C 160 17.04 31.92 -10.05
CA PRO C 160 15.65 31.48 -9.88
C PRO C 160 14.98 32.13 -8.66
N ASP C 161 15.65 33.17 -8.14
CA ASP C 161 15.17 33.93 -7.01
C ASP C 161 14.57 35.25 -7.48
N ARG C 162 15.36 36.04 -8.20
CA ARG C 162 14.89 37.31 -8.69
C ARG C 162 13.75 37.05 -9.68
N ILE C 163 12.79 37.98 -9.74
CA ILE C 163 11.63 37.85 -10.61
C ILE C 163 11.90 38.11 -12.09
N MET C 164 10.88 37.86 -12.91
CA MET C 164 10.96 38.02 -14.36
C MET C 164 9.66 38.49 -15.02
N ASN C 165 9.54 39.79 -15.18
CA ASN C 165 8.37 40.34 -15.82
C ASN C 165 8.64 40.28 -17.29
N THR C 166 7.64 39.90 -18.05
CA THR C 166 7.82 39.82 -19.48
C THR C 166 6.73 40.62 -20.17
N PHE C 167 7.18 41.52 -21.05
CA PHE C 167 6.28 42.35 -21.84
C PHE C 167 6.33 41.81 -23.27
N SER C 168 5.32 41.02 -23.62
CA SER C 168 5.23 40.40 -24.93
C SER C 168 4.18 41.05 -25.84
N VAL C 169 4.53 41.19 -27.10
CA VAL C 169 3.65 41.76 -28.07
C VAL C 169 3.04 40.60 -28.86
N VAL C 170 2.21 39.83 -28.16
CA VAL C 170 1.52 38.70 -28.77
C VAL C 170 0.96 39.11 -30.14
N PRO C 171 1.07 38.23 -31.13
CA PRO C 171 0.58 38.41 -32.50
C PRO C 171 -0.86 38.87 -32.58
N SER C 172 -1.04 40.11 -33.01
CA SER C 172 -2.36 40.70 -33.14
C SER C 172 -3.21 39.84 -34.06
N PRO C 173 -4.52 39.78 -33.81
CA PRO C 173 -5.42 38.98 -34.64
C PRO C 173 -5.63 39.50 -36.08
N LYS C 174 -6.73 40.21 -36.30
CA LYS C 174 -7.10 40.77 -37.61
C LYS C 174 -6.02 40.62 -38.69
N VAL C 175 -4.86 41.25 -38.50
CA VAL C 175 -3.77 41.15 -39.47
C VAL C 175 -2.43 40.87 -38.81
N SER C 176 -1.69 39.92 -39.36
CA SER C 176 -0.38 39.57 -38.82
C SER C 176 0.75 40.27 -39.56
N ASP C 177 1.55 41.03 -38.82
CA ASP C 177 2.64 41.79 -39.39
C ASP C 177 3.80 40.94 -39.82
N THR C 178 3.55 39.64 -39.90
CA THR C 178 4.53 38.64 -40.34
C THR C 178 3.74 37.43 -40.83
N VAL C 179 4.43 36.42 -41.35
CA VAL C 179 3.73 35.26 -41.89
C VAL C 179 3.80 33.99 -41.07
N VAL C 180 4.96 33.71 -40.52
CA VAL C 180 5.11 32.50 -39.73
C VAL C 180 4.65 32.77 -38.31
N GLU C 181 4.49 34.06 -38.01
CA GLU C 181 4.02 34.54 -36.72
C GLU C 181 3.69 33.48 -35.69
N PRO C 182 2.65 32.64 -35.93
CA PRO C 182 2.28 31.60 -34.96
C PRO C 182 3.41 30.62 -34.66
N TYR C 183 4.36 30.53 -35.58
CA TYR C 183 5.52 29.67 -35.40
C TYR C 183 6.43 30.34 -34.39
N ASN C 184 6.89 31.54 -34.71
CA ASN C 184 7.75 32.28 -33.79
C ASN C 184 7.04 32.49 -32.45
N ALA C 185 5.71 32.58 -32.47
CA ALA C 185 4.94 32.81 -31.26
C ALA C 185 4.79 31.58 -30.40
N THR C 186 3.99 30.63 -30.88
CA THR C 186 3.78 29.42 -30.12
C THR C 186 5.06 28.94 -29.47
N LEU C 187 6.16 29.08 -30.20
CA LEU C 187 7.47 28.66 -29.69
C LEU C 187 8.01 29.51 -28.54
N SER C 188 7.67 30.79 -28.52
CA SER C 188 8.16 31.65 -27.47
C SER C 188 7.26 31.61 -26.24
N VAL C 189 5.95 31.54 -26.43
CA VAL C 189 5.01 31.48 -25.29
C VAL C 189 5.37 30.26 -24.43
N HIS C 190 5.71 29.19 -25.13
CA HIS C 190 6.15 27.93 -24.56
C HIS C 190 7.20 28.25 -23.49
N GLN C 191 8.30 28.90 -23.93
CA GLN C 191 9.44 29.29 -23.09
C GLN C 191 9.02 30.22 -21.95
N LEU C 192 8.00 31.04 -22.20
CA LEU C 192 7.49 31.99 -21.22
C LEU C 192 6.77 31.29 -20.07
N VAL C 193 5.78 30.46 -20.41
CA VAL C 193 4.96 29.70 -19.45
C VAL C 193 5.85 28.89 -18.53
N GLU C 194 7.15 28.95 -18.76
CA GLU C 194 8.05 28.13 -17.99
C GLU C 194 9.35 28.75 -17.51
N ASN C 195 9.38 30.07 -17.45
CA ASN C 195 10.55 30.78 -16.97
C ASN C 195 10.11 32.09 -16.33
N THR C 196 9.75 33.12 -17.10
CA THR C 196 9.29 34.38 -16.50
C THR C 196 8.07 34.11 -15.61
N ASP C 197 7.81 34.93 -14.59
CA ASP C 197 6.67 34.70 -13.72
C ASP C 197 5.63 35.82 -13.66
N GLU C 198 5.69 36.70 -14.65
CA GLU C 198 4.78 37.85 -14.81
C GLU C 198 4.94 38.32 -16.26
N THR C 199 3.89 38.15 -17.05
CA THR C 199 3.92 38.56 -18.45
C THR C 199 2.81 39.52 -18.77
N TYR C 200 3.16 40.63 -19.41
CA TYR C 200 2.16 41.62 -19.80
C TYR C 200 2.07 41.69 -21.35
N CYS C 201 1.06 40.98 -21.87
CA CYS C 201 0.79 40.85 -23.30
C CYS C 201 0.05 42.03 -23.92
N ILE C 202 0.71 42.67 -24.88
CA ILE C 202 0.17 43.82 -25.57
C ILE C 202 -0.09 43.47 -27.03
N ASP C 203 -1.13 44.06 -27.62
CA ASP C 203 -1.52 43.81 -29.01
C ASP C 203 -1.57 45.05 -29.88
N ASN C 204 -0.64 45.13 -30.83
CA ASN C 204 -0.58 46.27 -31.71
C ASN C 204 -1.93 46.79 -32.19
N GLU C 205 -2.93 45.92 -32.31
CA GLU C 205 -4.26 46.34 -32.77
C GLU C 205 -5.24 46.62 -31.62
N ALA C 206 -4.92 46.15 -30.43
CA ALA C 206 -5.77 46.42 -29.29
C ALA C 206 -5.41 47.86 -28.95
N LEU C 207 -4.18 48.23 -29.29
CA LEU C 207 -3.65 49.57 -29.06
C LEU C 207 -4.24 50.52 -30.05
N TYR C 208 -4.09 50.22 -31.34
CA TYR C 208 -4.65 51.07 -32.36
C TYR C 208 -6.01 51.47 -31.86
N ASP C 209 -6.92 50.50 -31.77
CA ASP C 209 -8.27 50.74 -31.29
C ASP C 209 -8.21 51.72 -30.14
N ILE C 210 -7.72 51.25 -29.01
CA ILE C 210 -7.61 52.05 -27.81
C ILE C 210 -6.88 53.37 -28.04
N CYS C 211 -6.22 53.49 -29.18
CA CYS C 211 -5.45 54.69 -29.50
C CYS C 211 -6.09 55.55 -30.57
N PHE C 212 -7.07 54.99 -31.29
CA PHE C 212 -7.74 55.73 -32.34
C PHE C 212 -9.19 56.07 -31.96
N ARG C 213 -9.69 55.48 -30.88
CA ARG C 213 -11.03 55.79 -30.44
C ARG C 213 -11.06 56.31 -28.99
N THR C 214 -10.01 56.01 -28.23
CA THR C 214 -9.92 56.46 -26.85
C THR C 214 -8.97 57.65 -26.80
N LEU C 215 -8.42 57.95 -27.96
CA LEU C 215 -7.53 59.08 -28.23
C LEU C 215 -7.94 59.29 -29.66
N LYS C 216 -8.76 60.30 -29.92
CA LYS C 216 -9.23 60.55 -31.27
C LYS C 216 -8.06 60.55 -32.27
N LEU C 217 -6.88 60.20 -31.80
CA LEU C 217 -5.67 60.13 -32.61
C LEU C 217 -5.93 59.44 -33.95
N THR C 218 -5.79 60.20 -35.04
CA THR C 218 -6.04 59.68 -36.40
C THR C 218 -4.83 59.00 -37.07
N THR C 219 -3.62 59.42 -36.72
CA THR C 219 -2.42 58.80 -37.30
C THR C 219 -1.53 58.21 -36.20
N PRO C 220 -1.98 57.09 -35.62
CA PRO C 220 -1.22 56.43 -34.55
C PRO C 220 0.02 55.73 -35.05
N THR C 221 1.12 56.47 -35.11
CA THR C 221 2.37 55.90 -35.54
C THR C 221 2.80 54.84 -34.53
N TYR C 222 3.80 54.03 -34.86
CA TYR C 222 4.28 53.03 -33.92
C TYR C 222 4.74 53.75 -32.67
N GLY C 223 5.60 54.74 -32.85
CA GLY C 223 6.11 55.51 -31.72
C GLY C 223 5.04 55.66 -30.65
N ASP C 224 3.83 55.95 -31.11
CA ASP C 224 2.70 56.13 -30.21
C ASP C 224 2.44 54.84 -29.47
N LEU C 225 1.91 53.84 -30.17
CA LEU C 225 1.62 52.56 -29.55
C LEU C 225 2.65 52.31 -28.48
N ASN C 226 3.91 52.25 -28.92
CA ASN C 226 5.03 52.02 -28.02
C ASN C 226 4.89 52.92 -26.81
N HIS C 227 4.74 54.21 -27.09
CA HIS C 227 4.60 55.21 -26.05
C HIS C 227 3.51 54.85 -25.04
N LEU C 228 2.35 54.44 -25.53
CA LEU C 228 1.25 54.07 -24.66
C LEU C 228 1.64 52.89 -23.76
N VAL C 229 2.21 51.89 -24.38
CA VAL C 229 2.65 50.68 -23.67
C VAL C 229 3.61 51.07 -22.55
N SER C 230 4.68 51.73 -22.95
CA SER C 230 5.74 52.19 -22.04
C SER C 230 5.15 52.97 -20.86
N ALA C 231 3.97 53.49 -21.09
CA ALA C 231 3.25 54.28 -20.09
C ALA C 231 2.77 53.38 -18.94
N THR C 232 2.40 52.16 -19.34
CA THR C 232 1.88 51.15 -18.41
C THR C 232 2.99 50.48 -17.60
N MET C 233 4.07 50.15 -18.29
CA MET C 233 5.21 49.46 -17.66
C MET C 233 5.92 50.39 -16.67
N SER C 234 5.59 51.67 -16.76
CA SER C 234 6.17 52.69 -15.85
C SER C 234 5.33 52.76 -14.57
N GLY C 235 4.04 52.57 -14.77
CA GLY C 235 3.06 52.58 -13.67
C GLY C 235 3.29 51.35 -12.78
N VAL C 236 3.62 50.26 -13.46
CA VAL C 236 3.88 48.98 -12.81
C VAL C 236 5.09 49.09 -11.88
N THR C 237 6.24 48.85 -12.47
CA THR C 237 7.53 48.89 -11.78
C THR C 237 7.78 50.26 -11.15
N THR C 238 8.75 50.93 -11.73
CA THR C 238 9.23 52.26 -11.31
C THR C 238 8.30 52.92 -10.31
N CYS C 239 7.03 53.01 -10.70
CA CYS C 239 6.00 53.60 -9.86
C CYS C 239 6.07 53.08 -8.45
N LEU C 240 5.74 51.80 -8.27
CA LEU C 240 5.74 51.20 -6.95
C LEU C 240 7.03 51.37 -6.18
N ARG C 241 8.07 51.80 -6.87
CA ARG C 241 9.35 52.02 -6.23
C ARG C 241 9.35 53.44 -5.76
N PHE C 242 8.14 53.91 -5.49
CA PHE C 242 7.87 55.25 -4.98
C PHE C 242 7.11 55.02 -3.69
N PRO C 243 6.94 56.06 -2.88
CA PRO C 243 6.22 55.91 -1.62
C PRO C 243 4.75 55.68 -1.92
N GLY C 244 3.95 55.50 -0.87
CA GLY C 244 2.53 55.30 -1.06
C GLY C 244 1.86 54.90 0.26
N GLN C 245 0.59 55.22 0.39
CA GLN C 245 -0.11 54.87 1.62
C GLN C 245 -0.02 53.36 1.70
N LEU C 246 -0.25 52.72 0.56
CA LEU C 246 -0.18 51.28 0.45
C LEU C 246 0.60 50.91 -0.79
N ASN C 247 1.91 50.74 -0.64
CA ASN C 247 2.71 50.41 -1.80
C ASN C 247 3.01 48.94 -1.89
N ALA C 248 3.26 48.50 -3.12
CA ALA C 248 3.59 47.13 -3.39
C ALA C 248 4.86 47.18 -4.24
N ASP C 249 5.29 46.02 -4.76
CA ASP C 249 6.49 45.94 -5.58
C ASP C 249 6.48 44.57 -6.26
N LEU C 250 6.94 44.54 -7.50
CA LEU C 250 6.97 43.32 -8.30
C LEU C 250 6.47 42.08 -7.59
N ARG C 251 7.09 41.73 -6.47
CA ARG C 251 6.61 40.56 -5.76
C ARG C 251 5.17 40.70 -5.34
N LYS C 252 4.84 41.68 -4.49
CA LYS C 252 3.44 41.85 -4.07
C LYS C 252 2.62 41.57 -5.31
N LEU C 253 2.91 42.32 -6.37
CA LEU C 253 2.21 42.18 -7.65
C LEU C 253 2.21 40.72 -8.07
N ALA C 254 3.36 40.07 -7.91
CA ALA C 254 3.44 38.68 -8.29
C ALA C 254 2.73 37.80 -7.26
N VAL C 255 3.06 37.98 -5.99
CA VAL C 255 2.46 37.18 -4.95
C VAL C 255 1.00 37.44 -4.66
N ASN C 256 0.35 38.27 -5.47
CA ASN C 256 -1.07 38.57 -5.27
C ASN C 256 -1.78 38.28 -6.55
N MET C 257 -1.01 38.08 -7.61
CA MET C 257 -1.61 37.89 -8.91
C MET C 257 -1.50 36.52 -9.53
N VAL C 258 -0.61 35.70 -9.02
CA VAL C 258 -0.47 34.39 -9.61
C VAL C 258 -0.95 33.29 -8.69
N PRO C 259 -2.18 32.82 -8.89
CA PRO C 259 -2.69 31.76 -8.03
C PRO C 259 -1.99 30.46 -8.38
N PHE C 260 -1.73 30.23 -9.66
CA PHE C 260 -1.09 28.97 -10.02
C PHE C 260 0.11 29.09 -10.95
N PRO C 261 1.28 28.68 -10.47
CA PRO C 261 2.63 28.65 -11.04
C PRO C 261 2.86 28.74 -12.54
N ARG C 262 1.83 28.54 -13.36
CA ARG C 262 2.06 28.64 -14.81
C ARG C 262 2.94 29.84 -15.08
N LEU C 263 2.57 30.95 -14.45
CA LEU C 263 3.23 32.24 -14.54
C LEU C 263 2.10 33.18 -14.88
N HIS C 264 1.20 32.69 -15.71
CA HIS C 264 0.06 33.47 -16.10
C HIS C 264 0.42 34.82 -16.67
N PHE C 265 -0.38 35.22 -17.63
CA PHE C 265 -0.16 36.45 -18.33
C PHE C 265 -1.29 37.39 -17.99
N PHE C 266 -0.94 38.66 -17.94
CA PHE C 266 -1.88 39.70 -17.59
C PHE C 266 -2.22 40.55 -18.79
N MET C 267 -2.91 41.65 -18.53
CA MET C 267 -3.29 42.55 -19.59
C MET C 267 -3.32 43.90 -18.93
N PRO C 268 -2.32 44.73 -19.24
CA PRO C 268 -2.22 46.08 -18.65
C PRO C 268 -3.20 47.11 -19.22
N GLY C 269 -3.61 48.06 -18.37
CA GLY C 269 -4.52 49.11 -18.76
C GLY C 269 -4.18 50.37 -18.00
N PHE C 270 -4.07 51.48 -18.72
CA PHE C 270 -3.74 52.75 -18.09
C PHE C 270 -5.02 53.47 -17.67
N ALA C 271 -4.90 54.45 -16.79
CA ALA C 271 -6.07 55.18 -16.32
C ALA C 271 -6.50 56.38 -17.15
N PRO C 272 -5.96 57.58 -16.85
CA PRO C 272 -6.44 58.69 -17.66
C PRO C 272 -6.05 58.51 -19.10
N LEU C 273 -6.99 58.08 -19.93
CA LEU C 273 -6.68 57.93 -21.33
C LEU C 273 -7.66 58.77 -22.11
N THR C 274 -7.50 60.09 -21.98
CA THR C 274 -8.39 61.03 -22.66
C THR C 274 -7.66 61.79 -23.77
N SER C 275 -8.37 62.11 -24.85
CA SER C 275 -7.78 62.84 -25.97
C SER C 275 -7.26 64.19 -25.49
N ARG C 276 -6.25 64.74 -26.14
CA ARG C 276 -5.67 66.00 -25.68
C ARG C 276 -6.58 67.15 -25.27
N GLY C 277 -6.68 68.19 -26.08
CA GLY C 277 -7.51 69.34 -25.76
C GLY C 277 -8.84 69.06 -25.07
N SER C 278 -9.91 69.07 -25.84
CA SER C 278 -11.27 68.81 -25.38
C SER C 278 -11.42 67.88 -24.20
N GLN C 279 -11.51 66.59 -24.49
CA GLN C 279 -11.68 65.54 -23.49
C GLN C 279 -11.16 65.85 -22.09
N GLN C 280 -10.06 66.61 -22.00
CA GLN C 280 -9.40 67.04 -20.75
C GLN C 280 -10.50 67.49 -19.80
N TYR C 281 -11.33 66.48 -19.50
CA TYR C 281 -12.48 66.59 -18.67
C TYR C 281 -12.15 66.56 -17.21
N ARG C 282 -11.00 66.00 -16.88
CA ARG C 282 -10.57 65.95 -15.50
C ARG C 282 -11.49 65.04 -14.71
N ALA C 283 -12.48 64.43 -15.35
CA ALA C 283 -13.35 63.52 -14.60
C ALA C 283 -12.36 62.43 -14.22
N LEU C 284 -11.63 62.68 -13.14
CA LEU C 284 -10.64 61.74 -12.67
C LEU C 284 -10.77 61.68 -11.16
N THR C 285 -11.93 62.00 -10.61
CA THR C 285 -12.09 61.97 -9.15
C THR C 285 -11.58 60.60 -8.66
N VAL C 286 -11.95 59.54 -9.37
CA VAL C 286 -11.54 58.15 -9.09
C VAL C 286 -12.55 57.19 -9.72
N PRO C 287 -13.84 57.40 -9.45
CA PRO C 287 -14.79 56.46 -10.07
C PRO C 287 -14.55 56.52 -11.55
N GLU C 288 -13.92 57.58 -12.00
CA GLU C 288 -13.66 57.75 -13.42
C GLU C 288 -12.52 56.89 -13.86
N LEU C 289 -11.55 56.66 -12.98
CA LEU C 289 -10.41 55.80 -13.31
C LEU C 289 -10.82 54.33 -13.33
N THR C 290 -11.61 53.91 -12.34
CA THR C 290 -12.06 52.54 -12.31
C THR C 290 -13.04 52.37 -13.46
N GLN C 291 -13.77 53.43 -13.77
CA GLN C 291 -14.69 53.33 -14.88
C GLN C 291 -13.80 52.90 -16.03
N GLN C 292 -12.79 53.71 -16.29
CA GLN C 292 -11.84 53.44 -17.36
C GLN C 292 -11.32 52.01 -17.23
N MET C 293 -10.17 51.87 -16.57
CA MET C 293 -9.49 50.59 -16.35
C MET C 293 -10.33 49.32 -16.50
N PHE C 294 -11.49 49.28 -15.87
CA PHE C 294 -12.31 48.08 -15.94
C PHE C 294 -13.26 47.87 -17.11
N ASP C 295 -13.20 48.72 -18.12
CA ASP C 295 -14.08 48.53 -19.27
C ASP C 295 -13.39 47.55 -20.21
N ALA C 296 -14.13 47.07 -21.22
CA ALA C 296 -13.55 46.16 -22.19
C ALA C 296 -12.46 46.97 -22.87
N LYS C 297 -12.83 47.71 -23.90
CA LYS C 297 -11.85 48.54 -24.58
C LYS C 297 -11.06 49.19 -23.48
N ASN C 298 -9.78 49.39 -23.73
CA ASN C 298 -8.85 50.00 -22.80
C ASN C 298 -7.96 48.93 -22.20
N MET C 299 -8.15 47.69 -22.62
CA MET C 299 -7.31 46.60 -22.16
C MET C 299 -6.32 46.33 -23.29
N MET C 300 -5.06 46.74 -23.10
CA MET C 300 -4.06 46.57 -24.13
C MET C 300 -4.06 45.20 -24.77
N ALA C 301 -4.71 44.24 -24.13
CA ALA C 301 -4.81 42.89 -24.66
C ALA C 301 -5.78 42.92 -25.83
N ALA C 302 -5.89 41.82 -26.56
CA ALA C 302 -6.81 41.76 -27.68
C ALA C 302 -8.14 41.33 -27.17
N CYS C 303 -8.12 40.27 -26.37
CA CYS C 303 -9.34 39.72 -25.83
C CYS C 303 -10.03 40.73 -24.92
N ASP C 304 -11.31 40.48 -24.70
CA ASP C 304 -12.13 41.32 -23.86
C ASP C 304 -12.50 40.63 -22.56
N PRO C 305 -12.13 41.24 -21.43
CA PRO C 305 -12.39 40.70 -20.09
C PRO C 305 -13.80 40.17 -19.98
N ARG C 306 -14.74 40.94 -20.49
CA ARG C 306 -16.15 40.58 -20.45
C ARG C 306 -16.37 39.17 -20.98
N HIS C 307 -15.33 38.58 -21.54
CA HIS C 307 -15.40 37.22 -22.11
C HIS C 307 -14.78 36.15 -21.23
N GLY C 308 -14.59 36.46 -19.95
CA GLY C 308 -14.00 35.50 -19.04
C GLY C 308 -13.60 36.10 -17.69
N ARG C 309 -13.95 35.40 -16.62
CA ARG C 309 -13.65 35.82 -15.25
C ARG C 309 -12.23 36.32 -15.08
N TYR C 310 -11.98 36.86 -13.89
CA TYR C 310 -10.66 37.33 -13.53
C TYR C 310 -10.21 36.47 -12.36
N LEU C 311 -8.91 36.39 -12.14
CA LEU C 311 -8.39 35.63 -11.01
C LEU C 311 -7.87 36.67 -10.07
N THR C 312 -7.18 37.64 -10.64
CA THR C 312 -6.62 38.70 -9.84
C THR C 312 -6.61 39.98 -10.64
N VAL C 313 -6.54 41.08 -9.91
CA VAL C 313 -6.51 42.38 -10.50
C VAL C 313 -5.66 43.24 -9.60
N ALA C 314 -4.94 44.17 -10.17
CA ALA C 314 -4.06 45.02 -9.39
C ALA C 314 -4.14 46.43 -9.89
N ALA C 315 -4.96 47.24 -9.25
CA ALA C 315 -5.08 48.61 -9.64
C ALA C 315 -3.94 49.31 -8.95
N VAL C 316 -2.87 49.53 -9.68
CA VAL C 316 -1.72 50.20 -9.09
C VAL C 316 -1.89 51.72 -9.36
N PHE C 317 -2.65 52.40 -8.49
CA PHE C 317 -2.87 53.84 -8.64
C PHE C 317 -1.63 54.58 -8.20
N ARG C 318 -1.47 55.81 -8.69
CA ARG C 318 -0.32 56.64 -8.33
C ARG C 318 -0.67 58.12 -8.43
N GLY C 319 -1.33 58.64 -7.39
CA GLY C 319 -1.74 60.03 -7.33
C GLY C 319 -2.59 60.16 -6.08
N ARG C 320 -2.32 61.17 -5.25
CA ARG C 320 -3.06 61.37 -3.99
C ARG C 320 -4.59 61.17 -4.04
N MET C 321 -5.06 60.17 -3.30
CA MET C 321 -6.47 59.80 -3.21
C MET C 321 -6.80 59.16 -1.88
N SER C 322 -8.09 59.07 -1.59
CA SER C 322 -8.60 58.50 -0.35
C SER C 322 -8.62 56.99 -0.33
N MET C 323 -7.85 56.43 0.60
CA MET C 323 -7.78 54.99 0.76
C MET C 323 -9.18 54.47 1.00
N LYS C 324 -10.12 55.40 1.07
CA LYS C 324 -11.52 55.07 1.26
C LYS C 324 -12.20 55.05 -0.10
N GLU C 325 -12.08 56.12 -0.86
CA GLU C 325 -12.72 56.15 -2.17
C GLU C 325 -12.05 55.21 -3.16
N VAL C 326 -10.94 54.63 -2.73
CA VAL C 326 -10.20 53.68 -3.55
C VAL C 326 -10.67 52.33 -3.10
N ASP C 327 -10.38 52.01 -1.84
CA ASP C 327 -10.78 50.74 -1.29
C ASP C 327 -12.26 50.49 -1.50
N GLU C 328 -13.06 51.56 -1.47
CA GLU C 328 -14.49 51.43 -1.66
C GLU C 328 -14.89 51.07 -3.09
N GLN C 329 -14.61 51.97 -4.02
CA GLN C 329 -14.93 51.77 -5.41
C GLN C 329 -14.69 50.32 -5.81
N MET C 330 -13.45 49.88 -5.63
CA MET C 330 -13.02 48.51 -5.94
C MET C 330 -14.09 47.49 -5.60
N LEU C 331 -14.77 47.73 -4.50
CA LEU C 331 -15.81 46.84 -4.03
C LEU C 331 -17.03 46.77 -4.95
N ASN C 332 -17.74 47.89 -5.07
CA ASN C 332 -18.91 47.94 -5.93
C ASN C 332 -18.52 47.26 -7.22
N VAL C 333 -17.36 47.63 -7.73
CA VAL C 333 -16.87 47.04 -8.97
C VAL C 333 -16.88 45.53 -8.85
N GLN C 334 -16.46 45.03 -7.69
CA GLN C 334 -16.43 43.58 -7.46
C GLN C 334 -17.80 42.98 -7.28
N ASN C 335 -18.81 43.82 -7.07
CA ASN C 335 -20.17 43.32 -6.89
C ASN C 335 -21.07 43.56 -8.09
N LYS C 336 -20.83 44.64 -8.83
CA LYS C 336 -21.62 44.91 -10.03
C LYS C 336 -21.29 43.85 -11.07
N ASN C 337 -20.09 43.28 -10.96
CA ASN C 337 -19.63 42.29 -11.91
C ASN C 337 -19.27 40.97 -11.28
N SER C 338 -19.94 40.62 -10.19
CA SER C 338 -19.69 39.36 -9.49
C SER C 338 -19.64 38.24 -10.53
N SER C 339 -20.47 38.40 -11.55
CA SER C 339 -20.56 37.45 -12.64
C SER C 339 -19.14 37.06 -13.05
N TYR C 340 -18.42 38.00 -13.64
CA TYR C 340 -17.06 37.72 -14.05
C TYR C 340 -16.02 38.36 -13.15
N PHE C 341 -15.49 37.53 -12.25
CA PHE C 341 -14.51 37.96 -11.29
C PHE C 341 -14.09 36.77 -10.45
N VAL C 342 -14.52 35.57 -10.86
CA VAL C 342 -14.22 34.31 -10.15
C VAL C 342 -14.60 34.44 -8.68
N GLU C 343 -15.04 33.35 -8.07
CA GLU C 343 -15.48 33.42 -6.67
C GLU C 343 -14.54 32.90 -5.61
N TRP C 344 -13.86 31.80 -5.88
CA TRP C 344 -12.97 31.23 -4.88
C TRP C 344 -11.85 32.13 -4.40
N ILE C 345 -12.00 33.42 -4.66
CA ILE C 345 -11.07 34.44 -4.19
C ILE C 345 -11.98 35.54 -3.69
N PRO C 346 -12.18 35.59 -2.38
CA PRO C 346 -13.04 36.62 -1.81
C PRO C 346 -12.73 38.06 -2.28
N ASN C 347 -11.44 38.39 -2.38
CA ASN C 347 -11.06 39.72 -2.82
C ASN C 347 -10.02 39.65 -3.94
N ASN C 348 -10.49 39.42 -5.16
CA ASN C 348 -9.62 39.30 -6.32
C ASN C 348 -8.71 40.49 -6.43
N VAL C 349 -9.31 41.66 -6.34
CA VAL C 349 -8.58 42.90 -6.47
C VAL C 349 -7.48 43.14 -5.44
N LYS C 350 -6.37 43.68 -5.96
CA LYS C 350 -5.21 44.01 -5.14
C LYS C 350 -5.04 45.50 -5.32
N THR C 351 -5.57 46.27 -4.39
CA THR C 351 -5.47 47.71 -4.45
C THR C 351 -4.07 48.10 -4.04
N ALA C 352 -3.46 48.95 -4.85
CA ALA C 352 -2.12 49.44 -4.60
C ALA C 352 -2.22 50.93 -4.71
N VAL C 353 -1.44 51.65 -3.92
CA VAL C 353 -1.52 53.11 -3.98
C VAL C 353 -0.24 53.89 -3.73
N CYS C 354 0.31 54.40 -4.82
CA CYS C 354 1.51 55.22 -4.76
C CYS C 354 1.05 56.60 -4.31
N ASP C 355 1.92 57.58 -4.45
CA ASP C 355 1.59 58.95 -4.09
C ASP C 355 1.81 59.83 -5.31
N ILE C 356 3.06 60.11 -5.62
CA ILE C 356 3.37 60.94 -6.77
C ILE C 356 2.80 60.30 -8.03
N PRO C 357 2.12 61.09 -8.87
CA PRO C 357 1.51 60.61 -10.11
C PRO C 357 2.40 60.80 -11.34
N PRO C 358 1.89 60.44 -12.52
CA PRO C 358 2.68 60.60 -13.74
C PRO C 358 2.99 62.07 -13.93
N ARG C 359 4.27 62.41 -13.79
CA ARG C 359 4.76 63.78 -13.91
C ARG C 359 3.70 64.85 -14.15
N GLY C 360 3.21 64.96 -15.38
CA GLY C 360 2.23 66.00 -15.68
C GLY C 360 0.75 65.79 -15.35
N LEU C 361 0.41 64.64 -14.82
CA LEU C 361 -0.98 64.33 -14.52
C LEU C 361 -1.32 64.44 -13.03
N LYS C 362 -2.61 64.55 -12.72
CA LYS C 362 -3.07 64.66 -11.33
C LYS C 362 -3.34 63.30 -10.69
N MET C 363 -3.88 62.38 -11.45
CA MET C 363 -4.21 61.06 -10.93
C MET C 363 -4.33 60.00 -12.02
N SER C 364 -3.59 58.91 -11.84
CA SER C 364 -3.58 57.78 -12.77
C SER C 364 -3.64 56.47 -11.96
N ALA C 365 -3.71 55.35 -12.69
CA ALA C 365 -3.79 54.02 -12.06
C ALA C 365 -3.60 52.89 -13.07
N THR C 366 -2.45 52.25 -12.98
CA THR C 366 -2.14 51.14 -13.87
C THR C 366 -2.98 49.95 -13.46
N PHE C 367 -3.43 49.20 -14.46
CA PHE C 367 -4.26 48.02 -14.24
C PHE C 367 -3.52 46.81 -14.76
N ILE C 368 -3.42 45.79 -13.92
CA ILE C 368 -2.75 44.57 -14.32
C ILE C 368 -3.72 43.45 -14.06
N GLY C 369 -4.44 43.06 -15.10
CA GLY C 369 -5.43 42.01 -14.93
C GLY C 369 -5.03 40.61 -15.30
N ASN C 370 -5.37 39.65 -14.44
CA ASN C 370 -5.05 38.26 -14.69
C ASN C 370 -6.33 37.54 -15.05
N SER C 371 -7.00 37.97 -16.11
CA SER C 371 -8.24 37.31 -16.46
C SER C 371 -8.10 36.08 -17.31
N THR C 372 -9.07 35.20 -17.13
CA THR C 372 -9.18 33.92 -17.81
C THR C 372 -9.53 34.17 -19.26
N ALA C 373 -9.80 35.42 -19.58
CA ALA C 373 -10.16 35.78 -20.94
C ALA C 373 -9.02 35.55 -21.89
N ILE C 374 -7.80 35.71 -21.42
CA ILE C 374 -6.65 35.55 -22.28
C ILE C 374 -6.54 34.14 -22.79
N GLN C 375 -7.54 33.34 -22.47
CA GLN C 375 -7.59 31.98 -22.97
C GLN C 375 -7.83 32.14 -24.46
N GLU C 376 -8.82 32.95 -24.78
CA GLU C 376 -9.19 33.23 -26.15
C GLU C 376 -8.15 33.99 -26.96
N LEU C 377 -6.88 33.75 -26.71
CA LEU C 377 -5.83 34.39 -27.50
C LEU C 377 -4.80 33.36 -27.82
N PHE C 378 -4.46 32.57 -26.81
CA PHE C 378 -3.50 31.52 -27.00
C PHE C 378 -4.24 30.51 -27.87
N LYS C 379 -5.57 30.55 -27.80
CA LYS C 379 -6.38 29.68 -28.63
C LYS C 379 -6.04 30.11 -30.04
N ARG C 380 -6.32 31.38 -30.31
CA ARG C 380 -6.05 31.98 -31.60
C ARG C 380 -4.70 31.50 -32.09
N ILE C 381 -3.65 31.98 -31.46
CA ILE C 381 -2.30 31.60 -31.81
C ILE C 381 -2.24 30.11 -32.10
N SER C 382 -2.55 29.30 -31.10
CA SER C 382 -2.52 27.85 -31.24
C SER C 382 -3.25 27.37 -32.48
N GLU C 383 -4.36 28.01 -32.81
CA GLU C 383 -5.09 27.60 -34.02
C GLU C 383 -4.19 27.83 -35.23
N GLN C 384 -3.85 29.09 -35.50
CA GLN C 384 -2.99 29.46 -36.62
C GLN C 384 -1.88 28.46 -36.84
N PHE C 385 -1.30 27.99 -35.75
CA PHE C 385 -0.21 27.02 -35.83
C PHE C 385 -0.71 25.80 -36.58
N THR C 386 -1.47 24.98 -35.89
CA THR C 386 -2.04 23.77 -36.47
C THR C 386 -2.48 23.90 -37.93
N ALA C 387 -3.28 24.92 -38.24
CA ALA C 387 -3.77 25.14 -39.60
C ALA C 387 -2.63 25.18 -40.60
N MET C 388 -1.46 25.60 -40.14
CA MET C 388 -0.29 25.68 -41.00
C MET C 388 0.74 24.63 -40.68
N PHE C 389 0.76 24.21 -39.45
CA PHE C 389 1.71 23.18 -39.09
C PHE C 389 1.28 22.00 -39.90
N ARG C 390 0.01 21.64 -39.79
CA ARG C 390 -0.51 20.50 -40.53
C ARG C 390 0.18 20.32 -41.88
N ARG C 391 0.44 21.42 -42.59
CA ARG C 391 1.09 21.32 -43.89
C ARG C 391 2.57 21.67 -43.85
N LYS C 392 3.10 21.84 -42.65
CA LYS C 392 4.53 22.16 -42.43
C LYS C 392 4.96 23.38 -43.20
N ALA C 393 4.00 24.25 -43.49
CA ALA C 393 4.17 25.49 -44.25
C ALA C 393 5.62 25.95 -44.36
N PHE C 394 5.99 27.00 -43.65
CA PHE C 394 7.37 27.46 -43.77
C PHE C 394 8.20 26.78 -42.70
N LEU C 395 8.15 25.46 -42.68
CA LEU C 395 8.88 24.74 -41.68
C LEU C 395 10.33 24.52 -42.07
N HIS C 396 10.61 24.40 -43.36
CA HIS C 396 11.99 24.16 -43.79
C HIS C 396 12.97 25.23 -43.31
N TRP C 397 12.46 26.43 -43.04
CA TRP C 397 13.31 27.53 -42.56
C TRP C 397 13.67 27.32 -41.12
N TYR C 398 12.97 26.41 -40.46
CA TYR C 398 13.26 26.13 -39.06
C TYR C 398 14.17 24.92 -39.03
N THR C 399 13.66 23.78 -39.46
CA THR C 399 14.44 22.55 -39.49
C THR C 399 15.80 22.78 -40.15
N GLY C 400 15.78 23.36 -41.35
CA GLY C 400 17.01 23.64 -42.07
C GLY C 400 17.99 24.45 -41.24
N GLU C 401 17.51 24.91 -40.09
CA GLU C 401 18.34 25.69 -39.18
C GLU C 401 18.65 24.85 -37.96
N GLY C 402 18.50 23.53 -38.10
CA GLY C 402 18.77 22.68 -36.97
C GLY C 402 17.67 22.85 -35.95
N MET C 403 16.53 22.23 -36.23
CA MET C 403 15.38 22.28 -35.35
C MET C 403 14.86 20.85 -35.28
N ASP C 404 13.66 20.67 -34.75
CA ASP C 404 13.09 19.34 -34.63
C ASP C 404 11.60 19.36 -34.95
N GLU C 405 11.10 18.27 -35.51
CA GLU C 405 9.68 18.15 -35.86
C GLU C 405 8.90 17.90 -34.59
N MET C 406 9.62 17.56 -33.54
CA MET C 406 9.02 17.29 -32.23
C MET C 406 9.08 18.56 -31.37
N GLU C 407 9.90 19.52 -31.78
CA GLU C 407 10.03 20.79 -31.06
C GLU C 407 8.72 21.60 -31.20
N PHE C 408 8.26 21.72 -32.44
CA PHE C 408 7.03 22.43 -32.71
C PHE C 408 5.89 21.73 -32.03
N THR C 409 5.90 20.41 -32.08
CA THR C 409 4.85 19.62 -31.45
C THR C 409 4.78 20.04 -29.99
N GLU C 410 5.93 19.94 -29.35
CA GLU C 410 6.10 20.29 -27.96
C GLU C 410 5.41 21.60 -27.59
N ALA C 411 5.96 22.68 -28.11
CA ALA C 411 5.42 24.01 -27.84
C ALA C 411 3.91 24.10 -27.98
N GLU C 412 3.40 23.84 -29.18
CA GLU C 412 1.96 23.92 -29.36
C GLU C 412 1.24 23.26 -28.22
N SER C 413 1.49 21.96 -28.05
CA SER C 413 0.85 21.20 -26.98
C SER C 413 0.94 22.02 -25.71
N ASN C 414 2.16 22.16 -25.18
CA ASN C 414 2.40 22.94 -23.98
C ASN C 414 1.50 24.14 -23.94
N MET C 415 1.82 25.13 -24.77
CA MET C 415 1.03 26.34 -24.83
C MET C 415 -0.44 26.05 -25.06
N ASN C 416 -0.72 24.95 -25.75
CA ASN C 416 -2.10 24.54 -26.04
C ASN C 416 -2.79 24.07 -24.76
N ASP C 417 -2.05 23.35 -23.93
CA ASP C 417 -2.56 22.86 -22.66
C ASP C 417 -2.81 24.08 -21.79
N LEU C 418 -1.88 25.02 -21.89
CA LEU C 418 -1.93 26.26 -21.14
C LEU C 418 -3.31 26.95 -21.28
N VAL C 419 -3.93 26.72 -22.44
CA VAL C 419 -5.26 27.26 -22.74
C VAL C 419 -6.24 26.50 -21.88
N SER C 420 -6.11 25.19 -21.94
CA SER C 420 -6.93 24.28 -21.18
C SER C 420 -7.09 24.77 -19.74
N GLU C 421 -5.98 24.64 -19.02
CA GLU C 421 -5.88 25.00 -17.60
C GLU C 421 -6.67 26.28 -17.28
N TYR C 422 -6.30 27.34 -17.96
CA TYR C 422 -6.89 28.67 -17.74
C TYR C 422 -8.41 28.64 -17.70
N GLN C 423 -8.98 27.62 -18.33
CA GLN C 423 -10.44 27.46 -18.38
C GLN C 423 -10.94 26.80 -17.08
N GLN C 424 -10.03 26.07 -16.47
CA GLN C 424 -10.30 25.34 -15.22
C GLN C 424 -10.77 26.27 -14.11
N TYR C 425 -10.66 27.56 -14.37
CA TYR C 425 -11.01 28.58 -13.37
C TYR C 425 -12.19 29.43 -13.86
N GLN C 426 -12.27 29.58 -15.16
CA GLN C 426 -13.40 30.29 -15.78
C GLN C 426 -14.66 29.51 -15.39
N ASP C 427 -14.44 28.30 -14.89
CA ASP C 427 -15.51 27.40 -14.46
C ASP C 427 -15.32 26.96 -13.00
N ARG D 2 -43.63 -51.31 -13.20
CA ARG D 2 -43.63 -52.49 -12.31
C ARG D 2 -42.29 -52.76 -11.65
N GLU D 3 -41.21 -52.72 -12.44
CA GLU D 3 -39.88 -52.97 -11.90
C GLU D 3 -39.22 -51.72 -11.35
N CYS D 4 -37.98 -51.90 -10.90
CA CYS D 4 -37.18 -50.81 -10.33
C CYS D 4 -35.71 -51.16 -10.49
N ILE D 5 -35.05 -50.57 -11.49
CA ILE D 5 -33.63 -50.85 -11.69
C ILE D 5 -32.86 -50.34 -10.45
N SER D 6 -31.59 -50.69 -10.38
CA SER D 6 -30.75 -50.28 -9.27
C SER D 6 -29.33 -50.06 -9.74
N ILE D 7 -28.75 -48.94 -9.32
CA ILE D 7 -27.40 -48.59 -9.67
C ILE D 7 -26.56 -48.44 -8.43
N HIS D 8 -25.75 -49.45 -8.16
CA HIS D 8 -24.89 -49.46 -6.99
C HIS D 8 -23.60 -48.72 -7.33
N VAL D 9 -23.45 -47.51 -6.81
CA VAL D 9 -22.28 -46.70 -7.09
C VAL D 9 -21.32 -46.50 -5.91
N GLY D 10 -20.03 -46.65 -6.21
CA GLY D 10 -18.99 -46.50 -5.20
C GLY D 10 -18.66 -47.85 -4.59
N GLN D 11 -17.41 -48.09 -4.24
CA GLN D 11 -17.06 -49.37 -3.65
C GLN D 11 -18.12 -49.78 -2.66
N ALA D 12 -18.36 -48.92 -1.68
CA ALA D 12 -19.36 -49.21 -0.65
C ALA D 12 -20.70 -49.61 -1.26
N GLY D 13 -21.30 -48.72 -2.03
CA GLY D 13 -22.58 -48.98 -2.66
C GLY D 13 -22.57 -50.29 -3.39
N VAL D 14 -21.37 -50.78 -3.66
CA VAL D 14 -21.17 -52.03 -4.37
C VAL D 14 -21.06 -53.20 -3.38
N GLN D 15 -20.45 -52.95 -2.22
CA GLN D 15 -20.29 -53.96 -1.17
C GLN D 15 -21.69 -54.23 -0.62
N ILE D 16 -22.37 -53.13 -0.31
CA ILE D 16 -23.73 -53.17 0.19
C ILE D 16 -24.55 -53.83 -0.91
N GLY D 17 -24.21 -53.50 -2.15
CA GLY D 17 -24.91 -54.05 -3.29
C GLY D 17 -24.78 -55.56 -3.33
N ASN D 18 -23.55 -56.05 -3.26
CA ASN D 18 -23.32 -57.48 -3.29
C ASN D 18 -24.15 -58.14 -2.19
N ALA D 19 -24.29 -57.43 -1.07
CA ALA D 19 -25.02 -57.92 0.10
C ALA D 19 -26.54 -57.97 -0.13
N CYS D 20 -27.11 -56.81 -0.44
CA CYS D 20 -28.54 -56.72 -0.72
C CYS D 20 -28.83 -57.67 -1.85
N TRP D 21 -27.89 -57.77 -2.78
CA TRP D 21 -28.09 -58.66 -3.90
C TRP D 21 -28.03 -60.11 -3.48
N GLU D 22 -27.32 -60.37 -2.40
CA GLU D 22 -27.21 -61.72 -1.89
C GLU D 22 -28.55 -62.11 -1.28
N LEU D 23 -28.92 -61.40 -0.22
CA LEU D 23 -30.16 -61.67 0.48
C LEU D 23 -31.24 -62.01 -0.54
N TYR D 24 -31.23 -61.32 -1.67
CA TYR D 24 -32.24 -61.56 -2.69
C TYR D 24 -32.43 -63.01 -3.11
N CYS D 25 -31.56 -63.49 -3.98
CA CYS D 25 -31.66 -64.86 -4.46
C CYS D 25 -31.94 -65.79 -3.30
N LEU D 26 -31.30 -65.50 -2.17
CA LEU D 26 -31.43 -66.31 -0.95
C LEU D 26 -32.88 -66.56 -0.54
N GLU D 27 -33.75 -65.59 -0.80
CA GLU D 27 -35.16 -65.71 -0.45
C GLU D 27 -36.03 -65.84 -1.68
N HIS D 28 -35.41 -66.23 -2.80
CA HIS D 28 -36.12 -66.41 -4.05
C HIS D 28 -35.73 -67.73 -4.72
N GLY D 29 -34.97 -68.54 -3.98
CA GLY D 29 -34.54 -69.85 -4.47
C GLY D 29 -33.77 -69.87 -5.78
N ILE D 30 -32.97 -68.84 -6.00
CA ILE D 30 -32.18 -68.74 -7.22
C ILE D 30 -30.69 -68.71 -6.83
N GLN D 31 -30.11 -69.91 -6.72
CA GLN D 31 -28.72 -70.14 -6.36
C GLN D 31 -27.74 -69.36 -7.26
N PRO D 32 -26.41 -69.53 -7.00
CA PRO D 32 -25.33 -68.85 -7.76
C PRO D 32 -25.65 -68.55 -9.20
N ASP D 33 -25.94 -69.61 -9.94
CA ASP D 33 -26.25 -69.55 -11.36
C ASP D 33 -27.70 -69.98 -11.62
N GLY D 34 -28.60 -69.01 -11.73
CA GLY D 34 -30.00 -69.33 -12.00
C GLY D 34 -30.49 -68.85 -13.35
N HIS D 61 -31.17 -66.40 -12.52
CA HIS D 61 -31.80 -65.91 -13.76
C HIS D 61 -30.88 -64.85 -14.35
N VAL D 62 -31.19 -63.59 -14.04
CA VAL D 62 -30.46 -62.42 -14.50
C VAL D 62 -30.86 -61.27 -13.56
N PRO D 63 -29.85 -60.57 -13.01
CA PRO D 63 -30.17 -59.44 -12.10
C PRO D 63 -31.01 -58.38 -12.80
N ARG D 64 -30.91 -57.14 -12.33
CA ARG D 64 -31.67 -56.06 -12.94
C ARG D 64 -31.07 -54.77 -12.43
N ALA D 65 -29.74 -54.71 -12.42
CA ALA D 65 -29.04 -53.54 -11.94
C ALA D 65 -27.66 -53.38 -12.56
N VAL D 66 -26.90 -52.42 -12.06
CA VAL D 66 -25.57 -52.20 -12.56
C VAL D 66 -24.60 -51.84 -11.45
N PHE D 67 -23.30 -51.89 -11.76
CA PHE D 67 -22.27 -51.59 -10.78
C PHE D 67 -21.21 -50.62 -11.31
N VAL D 68 -21.11 -49.46 -10.65
CA VAL D 68 -20.15 -48.43 -11.07
C VAL D 68 -19.07 -48.11 -10.04
N ASP D 69 -17.85 -47.96 -10.53
CA ASP D 69 -16.70 -47.63 -9.67
C ASP D 69 -15.50 -47.22 -10.52
N LEU D 70 -14.71 -46.29 -10.01
CA LEU D 70 -13.53 -45.81 -10.71
C LEU D 70 -12.27 -46.47 -10.15
N GLU D 71 -12.47 -47.53 -9.39
CA GLU D 71 -11.39 -48.33 -8.83
C GLU D 71 -11.77 -49.74 -9.21
N PRO D 72 -11.06 -50.31 -10.18
CA PRO D 72 -11.36 -51.67 -10.63
C PRO D 72 -11.39 -52.75 -9.57
N THR D 73 -10.33 -52.86 -8.79
CA THR D 73 -10.24 -53.89 -7.78
C THR D 73 -11.49 -54.21 -6.96
N VAL D 74 -12.39 -53.24 -6.77
CA VAL D 74 -13.61 -53.49 -5.98
C VAL D 74 -14.76 -54.18 -6.72
N ILE D 75 -15.03 -53.73 -7.94
CA ILE D 75 -16.09 -54.31 -8.77
C ILE D 75 -15.55 -55.66 -9.16
N ASP D 76 -14.23 -55.77 -9.16
CA ASP D 76 -13.58 -57.02 -9.48
C ASP D 76 -14.01 -58.05 -8.44
N GLU D 77 -14.20 -57.59 -7.19
CA GLU D 77 -14.61 -58.49 -6.12
C GLU D 77 -15.93 -59.15 -6.44
N VAL D 78 -16.69 -58.51 -7.33
CA VAL D 78 -17.98 -59.06 -7.73
C VAL D 78 -17.71 -59.92 -8.94
N ARG D 79 -16.53 -59.72 -9.51
CA ARG D 79 -16.07 -60.47 -10.69
C ARG D 79 -15.22 -61.67 -10.28
N THR D 80 -14.73 -61.67 -9.05
CA THR D 80 -13.89 -62.76 -8.55
C THR D 80 -14.62 -63.57 -7.48
N GLY D 81 -15.19 -62.89 -6.49
CA GLY D 81 -15.88 -63.56 -5.41
C GLY D 81 -17.24 -64.17 -5.73
N THR D 82 -18.02 -64.39 -4.68
CA THR D 82 -19.34 -64.98 -4.78
C THR D 82 -20.21 -64.20 -5.76
N TYR D 83 -21.33 -64.80 -6.17
CA TYR D 83 -22.26 -64.17 -7.10
C TYR D 83 -21.47 -63.63 -8.29
N ARG D 84 -20.54 -64.45 -8.74
CA ARG D 84 -19.65 -64.13 -9.84
C ARG D 84 -20.33 -64.17 -11.21
N GLN D 85 -20.97 -65.29 -11.52
CA GLN D 85 -21.65 -65.46 -12.80
C GLN D 85 -23.13 -65.09 -12.84
N LEU D 86 -23.62 -64.47 -11.77
CA LEU D 86 -25.02 -64.06 -11.74
C LEU D 86 -25.15 -62.68 -12.37
N PHE D 87 -24.05 -62.14 -12.88
CA PHE D 87 -24.06 -60.83 -13.51
C PHE D 87 -23.48 -60.88 -14.90
N HIS D 88 -23.82 -59.86 -15.68
CA HIS D 88 -23.34 -59.71 -17.03
C HIS D 88 -22.21 -58.70 -16.99
N PRO D 89 -21.06 -59.09 -17.52
CA PRO D 89 -19.92 -58.17 -17.53
C PRO D 89 -20.31 -56.83 -18.16
N GLU D 90 -21.59 -56.71 -18.50
CA GLU D 90 -22.11 -55.52 -19.12
C GLU D 90 -22.72 -54.58 -18.07
N GLN D 91 -23.22 -55.16 -16.98
CA GLN D 91 -23.81 -54.37 -15.89
C GLN D 91 -22.79 -54.14 -14.79
N LEU D 92 -21.52 -54.29 -15.15
CA LEU D 92 -20.40 -54.09 -14.25
C LEU D 92 -19.46 -53.06 -14.90
N ILE D 93 -19.68 -51.79 -14.60
CA ILE D 93 -18.87 -50.71 -15.15
C ILE D 93 -17.69 -50.37 -14.23
N THR D 94 -16.53 -50.17 -14.84
CA THR D 94 -15.31 -49.83 -14.12
C THR D 94 -14.47 -48.84 -14.92
N GLY D 95 -13.70 -48.04 -14.18
CA GLY D 95 -12.82 -47.07 -14.81
C GLY D 95 -11.44 -47.30 -14.22
N LYS D 96 -10.73 -48.29 -14.75
CA LYS D 96 -9.38 -48.68 -14.30
C LYS D 96 -8.60 -47.53 -13.70
N GLU D 97 -8.94 -46.32 -14.14
CA GLU D 97 -8.28 -45.12 -13.69
C GLU D 97 -8.19 -44.96 -12.18
N ASP D 98 -8.57 -43.79 -11.69
CA ASP D 98 -8.45 -43.54 -10.27
C ASP D 98 -9.74 -43.12 -9.59
N ALA D 99 -9.95 -43.64 -8.38
CA ALA D 99 -11.13 -43.33 -7.61
C ALA D 99 -11.12 -41.89 -7.08
N ALA D 100 -10.19 -41.62 -6.15
CA ALA D 100 -10.00 -40.31 -5.56
C ALA D 100 -11.07 -39.97 -4.57
N ASN D 101 -10.73 -39.89 -3.31
CA ASN D 101 -11.75 -39.60 -2.32
C ASN D 101 -12.21 -38.17 -2.37
N ASN D 102 -12.41 -37.68 -3.58
CA ASN D 102 -12.86 -36.32 -3.73
C ASN D 102 -13.93 -36.17 -4.79
N TYR D 103 -15.04 -35.58 -4.35
CA TYR D 103 -16.20 -35.30 -5.16
C TYR D 103 -15.76 -34.84 -6.55
N ALA D 104 -15.38 -33.58 -6.65
CA ALA D 104 -14.92 -32.98 -7.90
C ALA D 104 -14.43 -33.96 -8.94
N ARG D 105 -13.29 -34.56 -8.66
CA ARG D 105 -12.68 -35.53 -9.55
C ARG D 105 -13.67 -36.59 -9.99
N GLY D 106 -14.39 -37.16 -9.03
CA GLY D 106 -15.35 -38.19 -9.37
C GLY D 106 -16.54 -37.70 -10.17
N HIS D 107 -17.01 -36.49 -9.85
CA HIS D 107 -18.15 -35.93 -10.55
C HIS D 107 -17.69 -35.39 -11.88
N TYR D 108 -16.93 -34.30 -11.84
CA TYR D 108 -16.40 -33.63 -13.03
C TYR D 108 -15.30 -34.46 -13.68
N THR D 109 -14.08 -33.92 -13.72
CA THR D 109 -12.92 -34.56 -14.31
C THR D 109 -13.04 -36.04 -14.67
N ILE D 110 -12.64 -36.95 -13.80
CA ILE D 110 -12.68 -38.35 -14.15
C ILE D 110 -14.09 -38.91 -14.31
N GLY D 111 -14.80 -39.07 -13.20
CA GLY D 111 -16.14 -39.63 -13.27
C GLY D 111 -16.92 -39.35 -14.55
N LYS D 112 -16.67 -38.21 -15.17
CA LYS D 112 -17.37 -37.82 -16.39
C LYS D 112 -17.20 -38.87 -17.50
N GLU D 113 -15.96 -39.14 -17.86
CA GLU D 113 -15.64 -40.10 -18.90
C GLU D 113 -16.49 -41.38 -18.93
N ILE D 114 -16.82 -41.90 -17.75
CA ILE D 114 -17.58 -43.13 -17.65
C ILE D 114 -19.09 -42.98 -17.78
N ILE D 115 -19.63 -41.93 -17.17
CA ILE D 115 -21.06 -41.65 -17.15
C ILE D 115 -21.83 -42.09 -18.39
N ASP D 116 -21.45 -41.58 -19.56
CA ASP D 116 -22.13 -41.98 -20.80
C ASP D 116 -22.38 -43.47 -20.70
N LEU D 117 -21.29 -44.21 -20.83
CA LEU D 117 -21.30 -45.66 -20.75
C LEU D 117 -22.22 -46.12 -19.63
N VAL D 118 -22.06 -45.55 -18.45
CA VAL D 118 -22.91 -45.92 -17.32
C VAL D 118 -24.35 -45.81 -17.75
N LEU D 119 -24.76 -44.59 -18.08
CA LEU D 119 -26.12 -44.32 -18.52
C LEU D 119 -26.58 -45.40 -19.50
N ASP D 120 -25.80 -45.55 -20.57
CA ASP D 120 -26.13 -46.53 -21.59
C ASP D 120 -26.75 -47.80 -21.03
N ARG D 121 -26.20 -48.32 -19.94
CA ARG D 121 -26.78 -49.53 -19.36
C ARG D 121 -28.13 -49.27 -18.72
N ILE D 122 -28.25 -48.15 -18.02
CA ILE D 122 -29.51 -47.82 -17.35
C ILE D 122 -30.51 -47.29 -18.35
N ARG D 123 -30.17 -47.43 -19.63
CA ARG D 123 -31.03 -47.02 -20.74
C ARG D 123 -31.21 -48.27 -21.61
N LYS D 124 -30.26 -49.19 -21.48
CA LYS D 124 -30.27 -50.46 -22.20
C LYS D 124 -31.01 -51.47 -21.34
N LEU D 125 -30.87 -51.33 -20.03
CA LEU D 125 -31.51 -52.20 -19.04
C LEU D 125 -32.91 -51.65 -18.76
N ALA D 126 -33.09 -50.35 -19.00
CA ALA D 126 -34.36 -49.69 -18.76
C ALA D 126 -35.34 -49.92 -19.90
N ASP D 127 -34.80 -50.30 -21.04
CA ASP D 127 -35.61 -50.55 -22.23
C ASP D 127 -36.14 -51.97 -22.23
N GLN D 128 -35.22 -52.93 -22.11
CA GLN D 128 -35.54 -54.34 -22.08
C GLN D 128 -36.77 -54.73 -21.26
N CYS D 129 -36.99 -54.03 -20.14
CA CYS D 129 -38.12 -54.33 -19.25
C CYS D 129 -39.53 -54.02 -19.78
N THR D 130 -40.50 -53.97 -18.88
CA THR D 130 -41.90 -53.69 -19.21
C THR D 130 -42.45 -52.67 -18.21
N GLY D 131 -42.71 -51.45 -18.68
CA GLY D 131 -43.23 -50.42 -17.80
C GLY D 131 -42.60 -50.49 -16.42
N LEU D 132 -41.45 -49.85 -16.24
CA LEU D 132 -40.74 -49.83 -14.97
C LEU D 132 -41.29 -48.74 -14.05
N GLN D 133 -40.71 -48.62 -12.86
CA GLN D 133 -41.15 -47.62 -11.90
C GLN D 133 -40.02 -46.69 -11.45
N GLY D 134 -38.78 -47.15 -11.58
CA GLY D 134 -37.68 -46.32 -11.17
C GLY D 134 -36.38 -47.06 -10.94
N PHE D 135 -35.37 -46.33 -10.43
CA PHE D 135 -34.05 -46.90 -10.15
C PHE D 135 -33.62 -46.76 -8.69
N SER D 136 -33.50 -47.88 -7.99
CA SER D 136 -33.05 -47.84 -6.62
C SER D 136 -31.54 -47.67 -6.72
N VAL D 137 -31.06 -46.47 -6.40
CA VAL D 137 -29.65 -46.11 -6.45
C VAL D 137 -28.93 -46.43 -5.12
N PHE D 138 -27.73 -47.02 -5.17
CA PHE D 138 -27.01 -47.32 -3.94
C PHE D 138 -25.65 -46.64 -3.89
N HIS D 139 -25.52 -45.60 -3.08
CA HIS D 139 -24.25 -44.88 -2.98
C HIS D 139 -23.88 -44.54 -1.53
N SER D 140 -22.61 -44.20 -1.35
CA SER D 140 -22.07 -43.87 -0.02
C SER D 140 -21.66 -42.42 0.19
N PHE D 141 -22.65 -41.54 0.17
CA PHE D 141 -22.46 -40.13 0.39
C PHE D 141 -21.05 -39.57 0.42
N GLY D 142 -20.27 -39.94 1.43
CA GLY D 142 -18.93 -39.41 1.56
C GLY D 142 -17.77 -40.16 0.90
N GLY D 143 -17.84 -40.33 -0.41
CA GLY D 143 -16.79 -41.02 -1.12
C GLY D 143 -16.43 -40.21 -2.35
N GLY D 144 -15.65 -40.80 -3.24
CA GLY D 144 -15.27 -40.11 -4.45
C GLY D 144 -16.21 -40.56 -5.56
N THR D 145 -16.20 -41.87 -5.82
CA THR D 145 -17.05 -42.45 -6.84
C THR D 145 -18.49 -42.47 -6.38
N GLY D 146 -18.69 -42.47 -5.07
CA GLY D 146 -20.04 -42.53 -4.55
C GLY D 146 -20.78 -41.20 -4.44
N SER D 147 -20.05 -40.16 -4.05
CA SER D 147 -20.65 -38.84 -3.91
C SER D 147 -20.70 -38.19 -5.29
N GLY D 148 -19.53 -37.84 -5.80
CA GLY D 148 -19.41 -37.19 -7.08
C GLY D 148 -20.18 -37.88 -8.18
N PHE D 149 -19.58 -38.89 -8.78
CA PHE D 149 -20.22 -39.62 -9.87
C PHE D 149 -21.75 -39.60 -9.83
N THR D 150 -22.33 -40.38 -8.91
CA THR D 150 -23.77 -40.46 -8.79
C THR D 150 -24.35 -39.08 -8.98
N SER D 151 -23.82 -38.13 -8.24
CA SER D 151 -24.31 -36.77 -8.33
C SER D 151 -24.75 -36.49 -9.76
N LEU D 152 -23.89 -36.79 -10.73
CA LEU D 152 -24.28 -36.55 -12.11
C LEU D 152 -25.06 -37.70 -12.74
N LEU D 153 -24.98 -38.88 -12.15
CA LEU D 153 -25.72 -40.03 -12.66
C LEU D 153 -27.19 -39.76 -12.39
N MET D 154 -27.52 -39.53 -11.13
CA MET D 154 -28.88 -39.21 -10.75
C MET D 154 -29.25 -37.96 -11.52
N GLU D 155 -28.24 -37.11 -11.72
CA GLU D 155 -28.42 -35.85 -12.40
C GLU D 155 -28.94 -36.15 -13.79
N ARG D 156 -28.17 -36.91 -14.56
CA ARG D 156 -28.58 -37.26 -15.93
C ARG D 156 -29.86 -38.11 -16.02
N LEU D 157 -30.31 -38.67 -14.90
CA LEU D 157 -31.54 -39.48 -14.84
C LEU D 157 -32.77 -38.59 -14.73
N SER D 158 -32.75 -37.69 -13.76
CA SER D 158 -33.85 -36.78 -13.54
C SER D 158 -34.28 -36.08 -14.80
N VAL D 159 -33.42 -36.09 -15.82
CA VAL D 159 -33.76 -35.44 -17.09
C VAL D 159 -34.18 -36.46 -18.13
N ASP D 160 -33.55 -37.62 -18.12
CA ASP D 160 -33.85 -38.65 -19.09
C ASP D 160 -35.09 -39.45 -18.73
N TYR D 161 -35.49 -39.41 -17.47
CA TYR D 161 -36.70 -40.12 -17.05
C TYR D 161 -37.39 -39.37 -15.94
N GLY D 162 -37.51 -38.05 -16.06
CA GLY D 162 -38.17 -37.29 -15.01
C GLY D 162 -39.46 -37.95 -14.57
N LYS D 163 -40.04 -38.70 -15.49
CA LYS D 163 -41.31 -39.40 -15.29
C LYS D 163 -41.21 -40.74 -14.56
N LYS D 164 -40.44 -40.78 -13.49
CA LYS D 164 -40.29 -42.03 -12.72
C LYS D 164 -39.89 -41.76 -11.28
N SER D 165 -39.53 -42.82 -10.58
CA SER D 165 -39.11 -42.72 -9.20
C SER D 165 -37.60 -42.79 -9.09
N LYS D 166 -37.06 -41.92 -8.24
CA LYS D 166 -35.62 -41.86 -8.00
C LYS D 166 -35.38 -41.95 -6.50
N LEU D 167 -35.44 -43.17 -5.99
CA LEU D 167 -35.22 -43.39 -4.59
C LEU D 167 -33.77 -43.80 -4.44
N GLU D 168 -32.98 -42.95 -3.83
CA GLU D 168 -31.58 -43.27 -3.63
C GLU D 168 -31.34 -43.69 -2.21
N PHE D 169 -30.79 -44.89 -2.08
CA PHE D 169 -30.48 -45.46 -0.78
C PHE D 169 -29.04 -45.13 -0.39
N SER D 170 -28.89 -44.14 0.49
CA SER D 170 -27.57 -43.69 0.94
C SER D 170 -27.09 -44.19 2.30
N ILE D 171 -25.78 -44.10 2.50
CA ILE D 171 -25.09 -44.49 3.73
C ILE D 171 -24.33 -43.24 4.11
N TYR D 172 -25.04 -42.29 4.67
CA TYR D 172 -24.46 -41.02 5.03
C TYR D 172 -23.54 -41.07 6.25
N PRO D 173 -22.44 -40.27 6.22
CA PRO D 173 -21.35 -40.04 7.17
C PRO D 173 -21.58 -40.35 8.65
N ALA D 174 -20.77 -41.26 9.19
CA ALA D 174 -20.88 -41.62 10.60
C ALA D 174 -20.69 -40.34 11.39
N PRO D 175 -21.60 -40.06 12.33
CA PRO D 175 -21.59 -38.87 13.18
C PRO D 175 -20.27 -38.47 13.86
N GLN D 176 -19.41 -39.45 14.15
CA GLN D 176 -18.14 -39.17 14.81
C GLN D 176 -17.07 -40.10 14.30
N VAL D 177 -17.51 -41.22 13.74
CA VAL D 177 -16.62 -42.22 13.22
C VAL D 177 -16.56 -42.18 11.71
N SER D 178 -16.18 -41.04 11.15
CA SER D 178 -16.08 -40.94 9.70
C SER D 178 -14.77 -41.59 9.32
N THR D 179 -14.52 -41.70 8.02
CA THR D 179 -13.30 -42.31 7.58
C THR D 179 -12.47 -41.27 6.83
N ALA D 180 -12.85 -40.99 5.58
CA ALA D 180 -12.15 -40.01 4.78
C ALA D 180 -11.95 -38.76 5.60
N VAL D 181 -10.87 -38.04 5.33
CA VAL D 181 -10.56 -36.83 6.04
C VAL D 181 -11.46 -35.72 5.58
N VAL D 182 -11.85 -35.78 4.31
CA VAL D 182 -12.69 -34.78 3.70
C VAL D 182 -14.19 -35.04 3.76
N GLU D 183 -14.58 -36.31 3.86
CA GLU D 183 -15.98 -36.75 3.94
C GLU D 183 -17.04 -35.67 3.75
N PRO D 184 -17.12 -34.66 4.64
CA PRO D 184 -18.12 -33.61 4.46
C PRO D 184 -18.06 -32.91 3.10
N TYR D 185 -16.87 -32.57 2.64
CA TYR D 185 -16.76 -31.95 1.34
C TYR D 185 -17.54 -32.81 0.37
N ASN D 186 -17.27 -34.11 0.40
CA ASN D 186 -17.93 -35.04 -0.49
C ASN D 186 -19.42 -35.28 -0.25
N SER D 187 -19.90 -34.96 0.95
CA SER D 187 -21.30 -35.20 1.29
C SER D 187 -22.16 -33.96 1.28
N ILE D 188 -21.56 -32.80 1.32
CA ILE D 188 -22.36 -31.61 1.26
C ILE D 188 -22.55 -31.39 -0.22
N LEU D 189 -21.68 -32.03 -1.00
CA LEU D 189 -21.71 -31.92 -2.46
C LEU D 189 -22.56 -32.94 -3.15
N THR D 190 -22.76 -34.10 -2.54
CA THR D 190 -23.61 -35.10 -3.16
C THR D 190 -25.05 -34.81 -2.81
N THR D 191 -25.25 -34.07 -1.72
CA THR D 191 -26.58 -33.73 -1.27
C THR D 191 -27.19 -32.63 -2.13
N HIS D 192 -26.41 -31.58 -2.37
CA HIS D 192 -26.88 -30.41 -3.13
C HIS D 192 -27.11 -30.67 -4.59
N THR D 193 -26.33 -31.59 -5.15
CA THR D 193 -26.42 -31.94 -6.56
C THR D 193 -27.51 -32.98 -6.81
N THR D 194 -27.76 -33.82 -5.83
CA THR D 194 -28.76 -34.86 -5.98
C THR D 194 -30.13 -34.40 -5.49
N LEU D 195 -30.13 -33.46 -4.55
CA LEU D 195 -31.34 -32.92 -3.95
C LEU D 195 -32.45 -32.58 -4.92
N GLU D 196 -32.06 -31.90 -5.99
CA GLU D 196 -32.99 -31.47 -7.01
C GLU D 196 -33.19 -32.55 -8.08
N HIS D 197 -32.94 -33.80 -7.70
CA HIS D 197 -33.05 -34.92 -8.64
C HIS D 197 -33.65 -36.21 -8.10
N SER D 198 -33.57 -36.43 -6.78
CA SER D 198 -34.10 -37.64 -6.19
C SER D 198 -35.57 -37.51 -5.85
N ASP D 199 -36.20 -38.66 -5.63
CA ASP D 199 -37.60 -38.73 -5.28
C ASP D 199 -37.72 -38.89 -3.78
N CYS D 200 -37.00 -39.89 -3.27
CA CYS D 200 -36.97 -40.20 -1.85
C CYS D 200 -35.59 -40.77 -1.60
N ALA D 201 -34.86 -40.20 -0.66
CA ALA D 201 -33.54 -40.70 -0.34
C ALA D 201 -33.53 -41.41 1.00
N PHE D 202 -33.35 -42.73 0.96
CA PHE D 202 -33.30 -43.50 2.20
C PHE D 202 -31.92 -43.34 2.80
N MET D 203 -31.88 -43.33 4.13
CA MET D 203 -30.62 -43.15 4.81
C MET D 203 -30.37 -44.18 5.89
N VAL D 204 -29.16 -44.73 5.87
CA VAL D 204 -28.72 -45.73 6.83
C VAL D 204 -27.33 -45.31 7.31
N ASP D 205 -27.24 -44.95 8.58
CA ASP D 205 -26.01 -44.47 9.19
C ASP D 205 -25.09 -45.61 9.55
N ASN D 206 -23.90 -45.62 8.96
CA ASN D 206 -22.92 -46.67 9.24
C ASN D 206 -22.64 -46.89 10.72
N GLU D 207 -22.35 -45.82 11.47
CA GLU D 207 -22.06 -45.96 12.91
C GLU D 207 -23.28 -46.42 13.71
N ALA D 208 -24.36 -45.67 13.62
CA ALA D 208 -25.58 -46.00 14.33
C ALA D 208 -26.08 -47.42 14.05
N ILE D 209 -25.42 -48.12 13.12
CA ILE D 209 -25.78 -49.50 12.82
C ILE D 209 -24.87 -50.37 13.68
N TYR D 210 -23.68 -49.87 13.97
CA TYR D 210 -22.75 -50.61 14.80
C TYR D 210 -23.37 -50.78 16.17
N ASP D 211 -23.96 -49.71 16.68
CA ASP D 211 -24.59 -49.76 17.98
C ASP D 211 -25.48 -50.96 17.99
N ILE D 212 -26.30 -51.06 16.95
CA ILE D 212 -27.23 -52.18 16.85
C ILE D 212 -26.47 -53.51 16.91
N CYS D 213 -25.25 -53.54 16.40
CA CYS D 213 -24.45 -54.76 16.40
C CYS D 213 -23.80 -55.01 17.75
N ARG D 214 -23.71 -53.96 18.54
CA ARG D 214 -23.13 -54.05 19.86
C ARG D 214 -24.25 -54.28 20.88
N ARG D 215 -25.26 -53.41 20.84
CA ARG D 215 -26.38 -53.44 21.76
C ARG D 215 -27.53 -54.39 21.45
N ASN D 216 -27.81 -54.61 20.18
CA ASN D 216 -28.92 -55.48 19.82
C ASN D 216 -28.54 -56.71 19.04
N LEU D 217 -27.46 -57.37 19.44
CA LEU D 217 -27.03 -58.54 18.71
C LEU D 217 -25.73 -59.02 19.35
N ASP D 218 -25.06 -58.09 20.01
CA ASP D 218 -23.82 -58.36 20.72
C ASP D 218 -22.73 -58.96 19.85
N ILE D 219 -21.76 -58.14 19.48
CA ILE D 219 -20.60 -58.53 18.69
C ILE D 219 -19.70 -57.32 18.47
N GLU D 220 -18.47 -57.39 18.94
CA GLU D 220 -17.54 -56.27 18.76
C GLU D 220 -16.70 -56.60 17.53
N ARG D 221 -17.13 -57.65 16.83
CA ARG D 221 -16.49 -58.13 15.61
C ARG D 221 -17.44 -57.94 14.42
N PRO D 222 -17.87 -56.68 14.17
CA PRO D 222 -18.77 -56.49 13.03
C PRO D 222 -17.99 -56.14 11.78
N THR D 223 -17.93 -57.07 10.84
CA THR D 223 -17.23 -56.82 9.59
C THR D 223 -18.16 -56.00 8.73
N TYR D 224 -17.61 -55.24 7.81
CA TYR D 224 -18.44 -54.44 6.91
C TYR D 224 -19.45 -55.40 6.34
N THR D 225 -19.00 -56.61 6.07
CA THR D 225 -19.87 -57.65 5.52
C THR D 225 -21.13 -57.88 6.35
N ASN D 226 -21.20 -57.27 7.53
CA ASN D 226 -22.38 -57.43 8.36
C ASN D 226 -23.33 -56.29 8.16
N LEU D 227 -22.83 -55.07 8.36
CA LEU D 227 -23.67 -53.89 8.18
C LEU D 227 -24.37 -54.08 6.88
N ASN D 228 -23.65 -54.65 5.92
CA ASN D 228 -24.23 -54.88 4.60
C ASN D 228 -25.39 -55.88 4.66
N ARG D 229 -25.24 -56.91 5.50
CA ARG D 229 -26.29 -57.93 5.65
C ARG D 229 -27.50 -57.28 6.24
N LEU D 230 -27.26 -56.27 7.05
CA LEU D 230 -28.33 -55.56 7.69
C LEU D 230 -29.08 -54.71 6.70
N ILE D 231 -28.43 -53.69 6.15
CA ILE D 231 -29.13 -52.88 5.16
C ILE D 231 -29.66 -53.90 4.16
N GLY D 232 -28.82 -54.90 3.91
CA GLY D 232 -29.17 -55.95 2.97
C GLY D 232 -30.50 -56.55 3.37
N GLN D 233 -30.94 -56.26 4.58
CA GLN D 233 -32.21 -56.75 5.11
C GLN D 233 -33.26 -55.67 4.94
N ILE D 234 -33.05 -54.55 5.61
CA ILE D 234 -33.97 -53.42 5.55
C ILE D 234 -34.34 -53.12 4.11
N VAL D 235 -33.38 -53.27 3.20
CA VAL D 235 -33.62 -53.02 1.79
C VAL D 235 -34.54 -54.08 1.22
N SER D 236 -34.33 -55.33 1.64
CA SER D 236 -35.15 -56.41 1.12
C SER D 236 -36.60 -56.17 1.42
N SER D 237 -36.84 -55.43 2.49
CA SER D 237 -38.19 -55.09 2.92
C SER D 237 -38.80 -53.99 2.05
N ILE D 238 -37.94 -53.19 1.46
CA ILE D 238 -38.37 -52.12 0.60
C ILE D 238 -38.85 -52.75 -0.70
N THR D 239 -37.92 -52.95 -1.63
CA THR D 239 -38.24 -53.51 -2.94
C THR D 239 -38.69 -54.95 -2.88
N ALA D 240 -37.73 -55.86 -2.91
CA ALA D 240 -38.00 -57.29 -2.89
C ALA D 240 -39.45 -57.66 -2.58
N SER D 241 -39.72 -57.84 -1.28
CA SER D 241 -41.02 -58.23 -0.76
C SER D 241 -42.19 -57.33 -1.09
N LEU D 242 -41.96 -56.02 -1.12
CA LEU D 242 -43.05 -55.10 -1.40
C LEU D 242 -43.55 -55.24 -2.84
N ARG D 243 -42.61 -55.24 -3.78
CA ARG D 243 -42.96 -55.41 -5.19
C ARG D 243 -43.54 -56.81 -5.33
N PHE D 244 -43.56 -57.52 -4.21
CA PHE D 244 -44.08 -58.88 -4.08
C PHE D 244 -45.49 -58.80 -3.47
N ASP D 245 -46.45 -59.51 -4.07
CA ASP D 245 -47.85 -59.55 -3.62
C ASP D 245 -47.99 -59.61 -2.11
N GLY D 246 -49.14 -59.19 -1.61
CA GLY D 246 -49.36 -59.20 -0.17
C GLY D 246 -50.74 -58.73 0.18
N ALA D 247 -51.02 -58.62 1.48
CA ALA D 247 -52.34 -58.19 1.95
C ALA D 247 -52.52 -56.69 1.97
N LEU D 248 -51.45 -55.94 1.70
CA LEU D 248 -51.51 -54.48 1.68
C LEU D 248 -50.42 -53.81 0.84
N ASN D 249 -50.16 -54.37 -0.33
CA ASN D 249 -49.13 -53.88 -1.25
C ASN D 249 -48.84 -52.40 -1.19
N VAL D 250 -47.59 -52.06 -1.47
CA VAL D 250 -47.10 -50.68 -1.48
C VAL D 250 -46.09 -50.51 -2.61
N ASP D 251 -46.51 -49.82 -3.67
CA ASP D 251 -45.69 -49.55 -4.83
C ASP D 251 -44.54 -48.57 -4.49
N LEU D 252 -43.54 -48.46 -5.36
CA LEU D 252 -42.45 -47.54 -5.08
C LEU D 252 -43.00 -46.14 -5.06
N THR D 253 -43.77 -45.80 -6.08
CA THR D 253 -44.35 -44.48 -6.11
C THR D 253 -44.94 -44.25 -4.72
N GLU D 254 -45.82 -45.16 -4.31
CA GLU D 254 -46.46 -45.11 -3.00
C GLU D 254 -45.58 -44.39 -1.99
N PHE D 255 -44.34 -44.85 -1.87
CA PHE D 255 -43.41 -44.24 -0.94
C PHE D 255 -43.40 -42.75 -1.09
N GLN D 256 -42.55 -42.28 -1.99
CA GLN D 256 -42.43 -40.85 -2.22
C GLN D 256 -43.74 -40.11 -1.97
N THR D 257 -44.87 -40.68 -2.41
CA THR D 257 -46.15 -40.03 -2.20
C THR D 257 -46.48 -39.97 -0.72
N ASN D 258 -46.61 -41.13 -0.09
CA ASN D 258 -46.93 -41.20 1.33
C ASN D 258 -45.76 -40.83 2.22
N LEU D 259 -44.58 -40.66 1.63
CA LEU D 259 -43.36 -40.35 2.41
C LEU D 259 -42.70 -38.97 2.30
N VAL D 260 -42.90 -38.25 1.21
CA VAL D 260 -42.28 -36.93 1.13
C VAL D 260 -43.35 -35.84 1.14
N PRO D 261 -43.25 -34.93 2.11
CA PRO D 261 -44.24 -33.88 2.17
C PRO D 261 -43.81 -32.78 1.24
N TYR D 262 -42.51 -32.71 0.96
CA TYR D 262 -42.01 -31.64 0.09
C TYR D 262 -40.88 -32.00 -0.86
N PRO D 263 -40.94 -31.46 -2.08
CA PRO D 263 -40.00 -31.66 -3.17
C PRO D 263 -38.55 -31.91 -2.82
N ARG D 264 -38.05 -31.37 -1.72
CA ARG D 264 -36.66 -31.65 -1.37
C ARG D 264 -36.66 -33.17 -1.37
N GLY D 265 -35.72 -33.77 -2.11
CA GLY D 265 -35.61 -35.22 -2.22
C GLY D 265 -35.61 -35.94 -0.89
N HIS D 266 -36.33 -35.32 0.06
CA HIS D 266 -36.45 -35.76 1.43
C HIS D 266 -35.93 -37.14 1.73
N PHE D 267 -35.23 -37.18 2.85
CA PHE D 267 -34.55 -38.35 3.29
C PHE D 267 -35.13 -39.03 4.51
N PRO D 268 -35.89 -40.11 4.32
CA PRO D 268 -36.40 -40.77 5.52
C PRO D 268 -35.27 -41.65 6.10
N LEU D 269 -35.54 -42.33 7.20
CA LEU D 269 -34.54 -43.20 7.86
C LEU D 269 -35.02 -44.65 7.86
N ALA D 270 -34.12 -45.60 7.69
CA ALA D 270 -34.52 -47.01 7.69
C ALA D 270 -34.39 -47.60 9.06
N THR D 271 -35.34 -48.46 9.44
CA THR D 271 -35.34 -49.09 10.76
C THR D 271 -35.88 -50.51 10.60
N TYR D 272 -35.36 -51.42 11.40
CA TYR D 272 -35.85 -52.78 11.29
C TYR D 272 -36.26 -53.22 12.69
N ALA D 273 -37.23 -54.13 12.80
CA ALA D 273 -37.63 -54.51 14.16
C ALA D 273 -36.96 -55.74 14.78
N PRO D 274 -37.28 -56.94 14.30
CA PRO D 274 -36.63 -58.11 14.94
C PRO D 274 -35.17 -58.20 14.64
N VAL D 275 -34.37 -57.36 15.30
CA VAL D 275 -32.94 -57.36 15.11
C VAL D 275 -32.39 -58.13 16.28
N ILE D 276 -32.94 -59.30 16.53
CA ILE D 276 -32.47 -60.10 17.64
C ILE D 276 -31.38 -61.09 17.17
N SER D 277 -30.49 -61.46 18.10
CA SER D 277 -29.39 -62.36 17.81
C SER D 277 -29.74 -63.84 17.67
N ALA D 278 -29.27 -64.48 16.59
CA ALA D 278 -29.58 -65.90 16.40
C ALA D 278 -28.65 -66.81 17.15
N GLU D 279 -28.51 -66.58 18.44
CA GLU D 279 -27.65 -67.41 19.26
C GLU D 279 -27.91 -67.11 20.71
N LYS D 280 -27.64 -65.87 21.07
CA LYS D 280 -27.81 -65.42 22.43
C LYS D 280 -29.20 -65.64 22.96
N ALA D 281 -29.91 -64.53 23.11
CA ALA D 281 -31.27 -64.53 23.62
C ALA D 281 -32.23 -65.18 22.64
N TYR D 282 -33.38 -65.56 23.17
CA TYR D 282 -34.42 -66.15 22.35
C TYR D 282 -35.80 -66.02 22.88
N HIS D 283 -36.41 -64.93 22.48
CA HIS D 283 -37.78 -64.66 22.87
C HIS D 283 -38.45 -64.52 21.50
N GLU D 284 -37.66 -64.69 20.42
CA GLU D 284 -38.14 -64.59 19.03
C GLU D 284 -39.63 -64.26 18.95
N GLN D 285 -40.50 -65.22 19.32
CA GLN D 285 -41.95 -65.04 19.31
C GLN D 285 -42.31 -63.76 20.01
N LEU D 286 -42.17 -62.67 19.27
CA LEU D 286 -42.42 -61.35 19.80
C LEU D 286 -43.56 -60.69 19.03
N SER D 287 -44.78 -61.14 19.25
CA SER D 287 -45.95 -60.64 18.54
C SER D 287 -45.83 -59.17 18.14
N VAL D 288 -46.49 -58.86 17.03
CA VAL D 288 -46.52 -57.53 16.47
C VAL D 288 -46.41 -56.47 17.55
N ALA D 289 -47.42 -56.42 18.40
CA ALA D 289 -47.48 -55.47 19.49
C ALA D 289 -46.11 -55.11 20.04
N GLU D 290 -45.14 -56.02 19.90
CA GLU D 290 -43.78 -55.76 20.39
C GLU D 290 -42.85 -55.21 19.35
N ILE D 291 -42.70 -55.93 18.25
CA ILE D 291 -41.80 -55.52 17.16
C ILE D 291 -42.04 -54.10 16.62
N THR D 292 -43.26 -53.59 16.79
CA THR D 292 -43.58 -52.26 16.30
C THR D 292 -43.15 -51.20 17.29
N ASN D 293 -43.17 -51.55 18.56
CA ASN D 293 -42.78 -50.60 19.56
C ASN D 293 -41.25 -50.50 19.50
N ALA D 294 -40.64 -51.60 19.06
CA ALA D 294 -39.19 -51.68 18.95
C ALA D 294 -38.61 -50.89 17.81
N CYS D 295 -39.47 -50.20 17.07
CA CYS D 295 -39.00 -49.42 15.96
C CYS D 295 -38.77 -47.99 16.37
N PHE D 296 -39.63 -47.48 17.25
CA PHE D 296 -39.50 -46.10 17.68
C PHE D 296 -38.49 -45.83 18.78
N GLU D 297 -38.03 -46.87 19.46
CA GLU D 297 -36.99 -46.62 20.46
C GLU D 297 -35.80 -46.28 19.59
N PRO D 298 -35.18 -45.13 19.85
CA PRO D 298 -34.02 -44.69 19.07
C PRO D 298 -32.82 -45.63 18.92
N ALA D 299 -32.71 -46.63 19.79
CA ALA D 299 -31.58 -47.52 19.71
C ALA D 299 -31.83 -48.66 18.75
N ASN D 300 -32.37 -48.37 17.59
CA ASN D 300 -32.62 -49.45 16.66
C ASN D 300 -32.99 -48.92 15.30
N GLN D 301 -32.36 -47.83 14.90
CA GLN D 301 -32.75 -47.23 13.66
C GLN D 301 -31.75 -46.99 12.54
N MET D 302 -30.64 -47.68 12.57
CA MET D 302 -29.68 -47.49 11.51
C MET D 302 -29.45 -46.03 11.15
N VAL D 303 -29.36 -45.18 12.16
CA VAL D 303 -29.11 -43.75 11.96
C VAL D 303 -28.95 -43.00 13.28
N LYS D 304 -27.81 -42.33 13.43
CA LYS D 304 -27.48 -41.58 14.63
C LYS D 304 -28.26 -40.28 14.66
N CYS D 305 -29.56 -40.39 14.44
CA CYS D 305 -30.42 -39.22 14.43
C CYS D 305 -31.49 -39.38 15.50
N ASP D 306 -31.10 -40.00 16.60
CA ASP D 306 -31.97 -40.23 17.74
C ASP D 306 -33.07 -39.16 17.76
N PRO D 307 -34.36 -39.56 17.81
CA PRO D 307 -35.45 -38.57 17.81
C PRO D 307 -35.32 -37.58 18.96
N ARG D 308 -34.19 -36.88 18.95
CA ARG D 308 -33.81 -35.88 19.93
C ARG D 308 -34.82 -34.74 20.01
N HIS D 309 -35.75 -34.72 19.05
CA HIS D 309 -36.79 -33.69 18.98
C HIS D 309 -37.54 -33.83 17.67
N GLY D 310 -36.84 -34.34 16.68
CA GLY D 310 -37.42 -34.52 15.36
C GLY D 310 -38.77 -35.20 15.35
N LYS D 311 -39.80 -34.44 15.03
CA LYS D 311 -41.15 -34.95 14.97
C LYS D 311 -41.29 -35.73 13.69
N TYR D 312 -41.81 -36.95 13.80
CA TYR D 312 -42.02 -37.74 12.60
C TYR D 312 -43.04 -36.94 11.80
N MET D 313 -43.11 -37.18 10.49
CA MET D 313 -44.07 -36.49 9.67
C MET D 313 -44.66 -37.45 8.66
N ALA D 314 -44.27 -38.71 8.77
CA ALA D 314 -44.76 -39.75 7.88
C ALA D 314 -43.89 -40.99 8.02
N CYS D 315 -44.52 -42.11 8.33
CA CYS D 315 -43.82 -43.37 8.48
C CYS D 315 -44.50 -44.42 7.61
N CYS D 316 -43.69 -45.28 7.01
CA CYS D 316 -44.21 -46.32 6.14
C CYS D 316 -43.89 -47.64 6.77
N LEU D 317 -44.76 -48.09 7.66
CA LEU D 317 -44.52 -49.34 8.34
C LEU D 317 -44.70 -50.55 7.47
N LEU D 318 -43.60 -51.03 6.91
CA LEU D 318 -43.65 -52.22 6.07
C LEU D 318 -43.47 -53.45 6.94
N TYR D 319 -44.53 -54.26 7.01
CA TYR D 319 -44.50 -55.48 7.79
C TYR D 319 -44.39 -56.62 6.81
N ARG D 320 -43.95 -57.76 7.30
CA ARG D 320 -43.79 -58.93 6.45
C ARG D 320 -43.91 -60.15 7.37
N GLY D 321 -44.53 -61.21 6.87
CA GLY D 321 -44.69 -62.39 7.69
C GLY D 321 -46.12 -62.52 8.18
N ASP D 322 -46.34 -63.28 9.24
CA ASP D 322 -47.68 -63.47 9.78
C ASP D 322 -48.16 -62.30 10.64
N VAL D 323 -48.96 -61.44 10.02
CA VAL D 323 -49.48 -60.24 10.69
C VAL D 323 -50.97 -59.98 10.39
N VAL D 324 -51.76 -59.88 11.45
CA VAL D 324 -53.19 -59.60 11.35
C VAL D 324 -53.41 -58.10 11.29
N PRO D 325 -53.99 -57.63 10.20
CA PRO D 325 -54.26 -56.20 10.00
C PRO D 325 -54.81 -55.47 11.21
N LYS D 326 -55.55 -56.16 12.06
CA LYS D 326 -56.10 -55.54 13.26
C LYS D 326 -54.95 -55.36 14.22
N ASP D 327 -54.12 -56.38 14.32
CA ASP D 327 -52.96 -56.33 15.19
C ASP D 327 -52.22 -55.04 14.91
N VAL D 328 -52.11 -54.70 13.64
CA VAL D 328 -51.43 -53.48 13.22
C VAL D 328 -52.33 -52.29 13.49
N ASN D 329 -53.53 -52.33 12.91
CA ASN D 329 -54.51 -51.26 13.08
C ASN D 329 -54.97 -51.31 14.54
N ALA D 330 -53.98 -51.31 15.43
CA ALA D 330 -54.18 -51.33 16.88
C ALA D 330 -52.84 -51.05 17.53
N ALA D 331 -51.84 -51.79 17.09
CA ALA D 331 -50.48 -51.62 17.59
C ALA D 331 -50.06 -50.21 17.22
N ILE D 332 -50.54 -49.75 16.08
CA ILE D 332 -50.25 -48.40 15.61
C ILE D 332 -51.11 -47.41 16.36
N ALA D 333 -52.36 -47.79 16.63
CA ALA D 333 -53.30 -46.95 17.33
C ALA D 333 -52.71 -46.63 18.69
N THR D 334 -52.23 -47.66 19.38
CA THR D 334 -51.61 -47.49 20.69
C THR D 334 -50.50 -46.46 20.60
N ILE D 335 -49.72 -46.54 19.53
CA ILE D 335 -48.63 -45.62 19.30
C ILE D 335 -49.16 -44.20 19.07
N LYS D 336 -50.06 -44.05 18.11
CA LYS D 336 -50.61 -42.73 17.80
C LYS D 336 -51.01 -41.97 19.06
N THR D 337 -51.14 -42.68 20.17
CA THR D 337 -51.55 -42.03 21.41
C THR D 337 -50.53 -42.13 22.54
N LYS D 338 -49.25 -42.21 22.18
CA LYS D 338 -48.17 -42.28 23.17
C LYS D 338 -47.65 -40.86 23.38
N ARG D 339 -48.05 -39.97 22.46
CA ARG D 339 -47.68 -38.56 22.49
C ARG D 339 -46.20 -38.23 22.60
N THR D 340 -45.49 -38.96 23.45
CA THR D 340 -44.06 -38.73 23.61
C THR D 340 -43.39 -39.07 22.28
N ILE D 341 -44.21 -39.49 21.31
CA ILE D 341 -43.75 -39.84 19.98
C ILE D 341 -44.19 -38.74 19.00
N GLN D 342 -44.64 -37.63 19.57
CA GLN D 342 -45.10 -36.44 18.84
C GLN D 342 -44.88 -36.40 17.33
N PHE D 343 -45.98 -36.45 16.57
CA PHE D 343 -45.96 -36.38 15.11
C PHE D 343 -46.18 -34.92 14.72
N VAL D 344 -45.83 -34.55 13.51
CA VAL D 344 -46.00 -33.17 13.12
C VAL D 344 -47.45 -32.72 13.30
N ASP D 345 -47.65 -31.41 13.29
CA ASP D 345 -48.97 -30.80 13.45
C ASP D 345 -49.80 -31.02 12.21
N TRP D 346 -49.37 -30.35 11.14
CA TRP D 346 -50.06 -30.40 9.86
C TRP D 346 -50.26 -31.80 9.36
N CYS D 347 -50.04 -32.77 10.21
CA CYS D 347 -50.22 -34.14 9.78
C CYS D 347 -51.09 -34.91 10.76
N PRO D 348 -52.33 -35.16 10.37
CA PRO D 348 -53.28 -35.91 11.20
C PRO D 348 -52.75 -37.27 11.43
N THR D 349 -52.80 -38.03 10.34
CA THR D 349 -52.33 -39.42 10.30
C THR D 349 -51.24 -39.56 9.23
N GLY D 350 -50.11 -40.06 9.69
CA GLY D 350 -48.94 -40.30 8.83
C GLY D 350 -48.38 -41.68 9.11
N PHE D 351 -49.17 -42.67 8.75
CA PHE D 351 -48.82 -44.08 8.97
C PHE D 351 -49.29 -44.96 7.81
N LYS D 352 -48.37 -45.19 6.90
CA LYS D 352 -48.61 -46.04 5.73
C LYS D 352 -48.28 -47.48 6.12
N VAL D 353 -49.34 -48.25 6.35
CA VAL D 353 -49.21 -49.65 6.76
C VAL D 353 -49.09 -50.55 5.53
N GLY D 354 -47.89 -51.08 5.38
CA GLY D 354 -47.55 -51.99 4.28
C GLY D 354 -47.39 -53.40 4.83
N ILE D 355 -48.28 -54.27 4.38
CA ILE D 355 -48.29 -55.66 4.81
C ILE D 355 -47.96 -56.60 3.65
N ASN D 356 -46.96 -57.41 3.91
CA ASN D 356 -46.51 -58.45 2.98
C ASN D 356 -46.80 -59.79 3.63
N TYR D 357 -46.64 -60.85 2.87
CA TYR D 357 -46.93 -62.19 3.38
C TYR D 357 -45.67 -62.91 3.86
N GLU D 358 -44.89 -63.36 2.90
CA GLU D 358 -43.65 -64.12 3.16
C GLU D 358 -42.83 -63.48 4.28
N PRO D 359 -42.56 -64.20 5.38
CA PRO D 359 -41.76 -63.68 6.48
C PRO D 359 -40.37 -63.32 5.98
N PRO D 360 -39.51 -62.67 6.80
CA PRO D 360 -38.15 -62.32 6.37
C PRO D 360 -37.36 -63.58 6.01
N THR D 361 -36.11 -63.38 5.60
CA THR D 361 -35.26 -64.50 5.25
C THR D 361 -33.82 -64.18 5.61
N VAL D 362 -33.42 -64.73 6.75
CA VAL D 362 -32.10 -64.52 7.31
C VAL D 362 -31.03 -65.41 6.71
N VAL D 363 -29.82 -64.86 6.62
CA VAL D 363 -28.68 -65.58 6.11
C VAL D 363 -28.61 -66.89 6.87
N PRO D 364 -28.36 -68.01 6.17
CA PRO D 364 -28.28 -69.35 6.75
C PRO D 364 -27.57 -69.40 8.09
N GLY D 365 -26.45 -68.69 8.20
CA GLY D 365 -25.70 -68.71 9.44
C GLY D 365 -24.88 -67.48 9.74
N GLY D 366 -25.46 -66.31 9.53
CA GLY D 366 -24.75 -65.09 9.83
C GLY D 366 -24.84 -64.84 11.32
N ASP D 367 -25.75 -63.94 11.71
CA ASP D 367 -25.96 -63.62 13.13
C ASP D 367 -27.34 -63.02 13.35
N LEU D 368 -28.17 -63.04 12.30
CA LEU D 368 -29.52 -62.51 12.39
C LEU D 368 -30.45 -63.58 12.92
N ALA D 369 -31.19 -63.25 13.97
CA ALA D 369 -32.12 -64.16 14.63
C ALA D 369 -32.82 -65.13 13.69
N LYS D 370 -33.83 -64.61 13.00
CA LYS D 370 -34.71 -65.33 12.06
C LYS D 370 -36.07 -65.52 12.72
N VAL D 371 -36.86 -64.47 12.67
CA VAL D 371 -38.19 -64.43 13.24
C VAL D 371 -39.19 -64.75 12.14
N GLN D 372 -40.47 -64.75 12.48
CA GLN D 372 -41.53 -65.00 11.51
C GLN D 372 -42.40 -63.76 11.36
N ARG D 373 -41.75 -62.62 11.34
CA ARG D 373 -42.41 -61.35 11.17
C ARG D 373 -41.43 -60.23 11.55
N ALA D 374 -41.46 -59.14 10.79
CA ALA D 374 -40.58 -58.01 11.02
C ALA D 374 -41.21 -56.72 10.59
N VAL D 375 -40.63 -55.61 11.03
CA VAL D 375 -41.12 -54.26 10.73
C VAL D 375 -40.01 -53.34 10.25
N CYS D 376 -39.95 -53.13 8.94
CA CYS D 376 -38.95 -52.24 8.35
C CYS D 376 -39.67 -50.92 8.15
N MET D 377 -39.64 -50.11 9.19
CA MET D 377 -40.30 -48.82 9.16
C MET D 377 -39.30 -47.77 8.82
N LEU D 378 -39.65 -46.94 7.85
CA LEU D 378 -38.81 -45.86 7.43
C LEU D 378 -39.65 -44.63 7.59
N SER D 379 -39.00 -43.47 7.68
CA SER D 379 -39.74 -42.23 7.90
C SER D 379 -38.95 -40.96 7.75
N ASN D 380 -39.69 -39.86 7.60
CA ASN D 380 -39.10 -38.54 7.51
C ASN D 380 -39.30 -38.00 8.91
N THR D 381 -38.21 -37.59 9.53
CA THR D 381 -38.26 -37.07 10.89
C THR D 381 -37.55 -35.75 10.93
N THR D 382 -38.19 -34.76 11.55
CA THR D 382 -37.60 -33.44 11.70
C THR D 382 -36.27 -33.60 12.43
N ALA D 383 -35.94 -34.85 12.73
CA ALA D 383 -34.74 -35.18 13.45
C ALA D 383 -33.51 -34.88 12.66
N ILE D 384 -33.48 -35.27 11.38
CA ILE D 384 -32.31 -35.04 10.58
C ILE D 384 -31.88 -33.57 10.60
N ALA D 385 -32.75 -32.70 11.12
CA ALA D 385 -32.42 -31.28 11.24
C ALA D 385 -31.05 -31.30 11.88
N GLU D 386 -30.87 -32.28 12.77
CA GLU D 386 -29.61 -32.50 13.45
C GLU D 386 -28.61 -32.98 12.42
N ALA D 387 -28.54 -34.30 12.26
CA ALA D 387 -27.63 -34.96 11.33
C ALA D 387 -27.09 -34.10 10.19
N TRP D 388 -27.95 -33.29 9.56
CA TRP D 388 -27.50 -32.42 8.49
C TRP D 388 -26.67 -31.33 9.12
N ALA D 389 -27.22 -30.71 10.15
CA ALA D 389 -26.54 -29.65 10.88
C ALA D 389 -25.12 -30.09 11.18
N ARG D 390 -24.99 -31.06 12.07
CA ARG D 390 -23.70 -31.62 12.47
C ARG D 390 -22.76 -31.97 11.33
N LEU D 391 -23.30 -32.16 10.13
CA LEU D 391 -22.47 -32.54 9.01
C LEU D 391 -22.10 -31.33 8.19
N ASP D 392 -22.92 -30.31 8.32
CA ASP D 392 -22.72 -29.07 7.60
C ASP D 392 -21.60 -28.33 8.31
N HIS D 393 -21.76 -28.19 9.63
CA HIS D 393 -20.80 -27.52 10.49
C HIS D 393 -19.42 -28.06 10.13
N LYS D 394 -19.26 -29.37 10.15
CA LYS D 394 -18.00 -30.04 9.79
C LYS D 394 -17.37 -29.28 8.63
N PHE D 395 -18.08 -29.35 7.52
CA PHE D 395 -17.70 -28.72 6.25
C PHE D 395 -17.06 -27.35 6.45
N ASP D 396 -17.82 -26.43 7.02
CA ASP D 396 -17.35 -25.09 7.28
C ASP D 396 -15.96 -25.08 7.88
N LEU D 397 -15.83 -25.70 9.03
CA LEU D 397 -14.55 -25.74 9.70
C LEU D 397 -13.40 -25.85 8.72
N MET D 398 -13.50 -26.84 7.82
CA MET D 398 -12.44 -27.05 6.82
C MET D 398 -12.44 -26.03 5.72
N TYR D 399 -13.61 -25.79 5.14
CA TYR D 399 -13.71 -24.80 4.09
C TYR D 399 -13.18 -23.48 4.63
N ALA D 400 -13.50 -23.21 5.88
CA ALA D 400 -13.07 -22.00 6.54
C ALA D 400 -11.57 -21.79 6.36
N LYS D 401 -10.86 -22.87 6.03
CA LYS D 401 -9.42 -22.82 5.84
C LYS D 401 -9.00 -23.40 4.50
N ARG D 402 -10.02 -23.70 3.70
CA ARG D 402 -9.82 -24.26 2.38
C ARG D 402 -9.27 -25.67 2.42
N ALA D 403 -8.81 -26.10 3.59
CA ALA D 403 -8.25 -27.42 3.74
C ALA D 403 -7.97 -28.06 2.40
N PHE D 404 -8.51 -29.23 2.15
CA PHE D 404 -8.24 -29.94 0.89
C PHE D 404 -8.98 -29.37 -0.30
N VAL D 405 -9.02 -28.05 -0.40
CA VAL D 405 -9.72 -27.46 -1.52
C VAL D 405 -8.92 -27.61 -2.79
N HIS D 406 -7.63 -27.36 -2.74
CA HIS D 406 -6.84 -27.45 -3.95
C HIS D 406 -7.00 -28.78 -4.66
N TRP D 407 -7.58 -29.76 -3.98
CA TRP D 407 -7.74 -31.06 -4.57
C TRP D 407 -8.90 -31.12 -5.49
N TYR D 408 -9.86 -30.22 -5.30
CA TYR D 408 -11.03 -30.21 -6.17
C TYR D 408 -10.87 -29.21 -7.27
N VAL D 409 -10.46 -28.00 -6.89
CA VAL D 409 -10.27 -26.94 -7.85
C VAL D 409 -9.48 -27.50 -9.02
N GLY D 410 -8.35 -28.09 -8.69
CA GLY D 410 -7.50 -28.68 -9.71
C GLY D 410 -8.19 -29.84 -10.39
N GLU D 411 -9.49 -29.97 -10.14
CA GLU D 411 -10.25 -31.04 -10.74
C GLU D 411 -11.53 -30.54 -11.36
N GLY D 412 -11.51 -29.30 -11.85
CA GLY D 412 -12.68 -28.76 -12.50
C GLY D 412 -13.87 -28.46 -11.62
N MET D 413 -13.63 -27.59 -10.64
CA MET D 413 -14.62 -27.14 -9.68
C MET D 413 -14.21 -25.72 -9.39
N GLU D 414 -14.89 -25.04 -8.49
CA GLU D 414 -14.53 -23.67 -8.21
C GLU D 414 -14.99 -23.26 -6.84
N GLU D 415 -14.60 -22.05 -6.42
CA GLU D 415 -15.03 -21.55 -5.12
C GLU D 415 -16.54 -21.50 -5.17
N GLY D 416 -17.06 -21.52 -6.39
CA GLY D 416 -18.50 -21.50 -6.58
C GLY D 416 -19.12 -22.74 -6.00
N GLU D 417 -18.99 -23.85 -6.73
CA GLU D 417 -19.58 -25.10 -6.31
C GLU D 417 -19.55 -25.39 -4.82
N PHE D 418 -18.48 -25.01 -4.13
CA PHE D 418 -18.45 -25.25 -2.69
C PHE D 418 -19.38 -24.26 -2.01
N SER D 419 -18.96 -23.00 -1.97
CA SER D 419 -19.75 -21.95 -1.35
C SER D 419 -21.20 -21.96 -1.78
N GLU D 420 -21.45 -22.29 -3.03
CA GLU D 420 -22.81 -22.29 -3.52
C GLU D 420 -23.59 -23.57 -3.24
N ALA D 421 -22.91 -24.57 -2.66
CA ALA D 421 -23.56 -25.85 -2.31
C ALA D 421 -23.69 -25.86 -0.80
N ARG D 422 -23.03 -24.91 -0.18
CA ARG D 422 -23.07 -24.75 1.25
C ARG D 422 -24.37 -23.99 1.46
N GLU D 423 -24.51 -22.87 0.77
CA GLU D 423 -25.72 -22.06 0.85
C GLU D 423 -26.89 -23.01 0.59
N ASP D 424 -26.68 -23.95 -0.33
CA ASP D 424 -27.70 -24.93 -0.68
C ASP D 424 -28.25 -25.59 0.56
N MET D 425 -27.41 -26.41 1.19
CA MET D 425 -27.83 -27.11 2.38
C MET D 425 -28.33 -26.17 3.45
N ALA D 426 -27.77 -24.97 3.52
CA ALA D 426 -28.23 -24.00 4.52
C ALA D 426 -29.76 -24.00 4.54
N ALA D 427 -30.36 -23.88 3.36
CA ALA D 427 -31.83 -23.87 3.22
C ALA D 427 -32.41 -25.26 3.34
N LEU D 428 -31.63 -26.19 3.88
CA LEU D 428 -32.06 -27.55 4.09
C LEU D 428 -32.10 -27.71 5.60
N GLU D 429 -31.42 -26.78 6.26
CA GLU D 429 -31.37 -26.71 7.72
C GLU D 429 -32.56 -25.86 8.14
N LYS D 430 -32.99 -24.97 7.25
CA LYS D 430 -34.12 -24.10 7.52
C LYS D 430 -35.38 -24.85 7.11
N ASP D 431 -35.26 -25.60 6.02
CA ASP D 431 -36.38 -26.36 5.50
C ASP D 431 -36.83 -27.38 6.54
N TYR D 432 -35.93 -28.28 6.91
CA TYR D 432 -36.23 -29.31 7.90
C TYR D 432 -36.58 -28.74 9.26
N GLU D 433 -36.46 -27.41 9.37
CA GLU D 433 -36.77 -26.68 10.60
C GLU D 433 -38.18 -26.12 10.50
N GLU D 434 -38.47 -25.48 9.37
CA GLU D 434 -39.78 -24.90 9.14
C GLU D 434 -40.91 -25.91 9.03
N VAL D 435 -40.69 -26.97 8.26
CA VAL D 435 -41.72 -27.99 8.07
C VAL D 435 -42.06 -28.65 9.40
N GLY D 436 -41.43 -28.18 10.46
CA GLY D 436 -41.70 -28.73 11.78
C GLY D 436 -41.40 -27.70 12.84
N VAL D 437 -41.38 -28.13 14.10
CA VAL D 437 -41.08 -27.25 15.23
C VAL D 437 -42.09 -26.09 15.31
N ASP D 438 -42.88 -25.91 14.25
CA ASP D 438 -43.86 -24.81 14.20
C ASP D 438 -45.26 -25.31 13.85
N SER D 439 -46.28 -24.58 14.33
CA SER D 439 -47.67 -24.96 14.07
C SER D 439 -48.48 -23.82 13.45
N ARG E 2 -1.64 -49.69 -13.91
CA ARG E 2 -0.81 -48.48 -13.58
C ARG E 2 0.65 -48.89 -13.53
N GLU E 3 1.54 -47.91 -13.37
CA GLU E 3 2.99 -48.15 -13.32
C GLU E 3 3.81 -47.07 -12.62
N ILE E 4 5.11 -47.33 -12.48
CA ILE E 4 6.07 -46.41 -11.86
C ILE E 4 7.48 -46.81 -12.36
N VAL E 5 8.44 -45.89 -12.27
CA VAL E 5 9.80 -46.22 -12.66
C VAL E 5 10.82 -45.67 -11.65
N HIS E 6 11.31 -46.57 -10.82
CA HIS E 6 12.27 -46.26 -9.77
C HIS E 6 13.46 -45.54 -10.31
N ILE E 7 14.12 -44.76 -9.44
CA ILE E 7 15.32 -44.01 -9.83
C ILE E 7 16.38 -44.01 -8.70
N GLN E 8 17.49 -44.74 -8.93
CA GLN E 8 18.60 -44.87 -7.97
C GLN E 8 19.69 -43.82 -8.12
N ALA E 9 19.39 -42.58 -7.76
CA ALA E 9 20.37 -41.49 -7.87
C ALA E 9 21.50 -41.53 -6.84
N GLY E 10 22.73 -41.40 -7.31
CA GLY E 10 23.87 -41.41 -6.40
C GLY E 10 24.22 -42.80 -5.91
N GLN E 11 25.12 -42.88 -4.93
CA GLN E 11 25.53 -44.17 -4.37
C GLN E 11 24.47 -44.61 -3.41
N CYS E 12 24.24 -43.80 -2.39
CA CYS E 12 23.24 -44.14 -1.39
C CYS E 12 21.98 -44.58 -2.09
N GLY E 13 21.33 -43.63 -2.74
CA GLY E 13 20.10 -43.93 -3.45
C GLY E 13 20.27 -45.23 -4.20
N ASN E 14 21.50 -45.51 -4.59
CA ASN E 14 21.80 -46.72 -5.32
C ASN E 14 21.89 -47.91 -4.36
N GLN E 15 22.77 -47.81 -3.37
CA GLN E 15 22.94 -48.86 -2.37
C GLN E 15 21.57 -49.35 -1.95
N ILE E 16 20.70 -48.39 -1.65
CA ILE E 16 19.32 -48.66 -1.24
C ILE E 16 18.54 -49.36 -2.35
N GLY E 17 18.83 -48.99 -3.60
CA GLY E 17 18.15 -49.61 -4.71
C GLY E 17 18.29 -51.11 -4.51
N ALA E 18 19.51 -51.55 -4.27
CA ALA E 18 19.78 -52.96 -4.08
C ALA E 18 18.93 -53.53 -2.99
N LYS E 19 18.63 -52.75 -1.95
CA LYS E 19 17.82 -53.27 -0.85
C LYS E 19 16.34 -53.14 -1.18
N PHE E 20 15.95 -52.06 -1.86
CA PHE E 20 14.56 -51.90 -2.21
C PHE E 20 14.15 -52.97 -3.20
N TRP E 21 15.08 -53.36 -4.04
CA TRP E 21 14.77 -54.39 -5.02
C TRP E 21 15.01 -55.76 -4.46
N GLU E 22 15.91 -55.84 -3.49
CA GLU E 22 16.19 -57.11 -2.83
C GLU E 22 14.83 -57.54 -2.31
N VAL E 23 14.22 -56.67 -1.51
CA VAL E 23 12.92 -56.89 -0.92
C VAL E 23 11.85 -57.13 -1.98
N ILE E 24 11.29 -56.02 -2.42
CA ILE E 24 10.24 -55.98 -3.43
C ILE E 24 10.16 -57.23 -4.30
N SER E 25 11.30 -57.71 -4.79
CA SER E 25 11.31 -58.89 -5.64
C SER E 25 10.70 -60.07 -4.91
N ASP E 26 11.25 -60.39 -3.74
CA ASP E 26 10.76 -61.48 -2.89
C ASP E 26 9.28 -61.27 -2.59
N GLU E 27 8.87 -60.00 -2.53
CA GLU E 27 7.50 -59.61 -2.29
C GLU E 27 6.79 -59.65 -3.65
N HIS E 28 7.39 -60.39 -4.55
CA HIS E 28 6.86 -60.54 -5.90
C HIS E 28 7.48 -61.76 -6.58
N GLY E 29 8.07 -62.64 -5.76
CA GLY E 29 8.68 -63.87 -6.26
C GLY E 29 9.57 -63.82 -7.50
N ILE E 30 10.39 -62.79 -7.61
CA ILE E 30 11.28 -62.66 -8.75
C ILE E 30 12.72 -62.90 -8.33
N ASP E 31 13.25 -64.07 -8.71
CA ASP E 31 14.61 -64.47 -8.41
C ASP E 31 15.57 -63.69 -9.30
N PRO E 32 16.84 -63.55 -8.88
CA PRO E 32 17.84 -62.81 -9.66
C PRO E 32 17.40 -62.52 -11.09
N THR E 33 17.60 -63.48 -11.99
CA THR E 33 17.18 -63.30 -13.38
C THR E 33 15.93 -64.16 -13.58
N GLY E 34 15.68 -65.04 -12.63
CA GLY E 34 14.52 -65.91 -12.71
C GLY E 34 13.23 -65.15 -12.94
N SER E 35 12.11 -65.85 -12.84
CA SER E 35 10.82 -65.24 -13.06
C SER E 35 10.00 -65.14 -11.79
N TYR E 36 8.71 -65.46 -11.94
CA TYR E 36 7.78 -65.41 -10.84
C TYR E 36 7.60 -66.78 -10.18
N HIS E 37 8.31 -67.01 -9.09
CA HIS E 37 8.21 -68.26 -8.33
C HIS E 37 7.09 -68.08 -7.31
N GLY E 38 6.58 -66.85 -7.25
CA GLY E 38 5.51 -66.48 -6.35
C GLY E 38 4.77 -67.58 -5.63
N ASP E 39 4.89 -67.61 -4.32
CA ASP E 39 4.22 -68.60 -3.50
C ASP E 39 2.74 -68.57 -3.84
N SER E 40 2.27 -67.40 -4.26
CA SER E 40 0.86 -67.23 -4.62
C SER E 40 0.70 -66.93 -6.10
N ASP E 41 -0.46 -66.36 -6.45
CA ASP E 41 -0.79 -66.03 -7.83
C ASP E 41 -1.16 -64.55 -7.91
N LEU E 42 -1.31 -63.93 -6.75
CA LEU E 42 -1.68 -62.52 -6.66
C LEU E 42 -0.50 -61.56 -6.77
N GLN E 43 0.69 -62.06 -6.47
CA GLN E 43 1.91 -61.26 -6.53
C GLN E 43 2.35 -61.09 -7.98
N LEU E 44 1.41 -61.21 -8.90
CA LEU E 44 1.74 -61.13 -10.32
C LEU E 44 0.80 -60.30 -11.18
N GLU E 45 -0.48 -60.30 -10.83
CA GLU E 45 -1.47 -59.55 -11.59
C GLU E 45 -1.23 -58.05 -11.62
N ARG E 46 -0.34 -57.57 -10.76
CA ARG E 46 -0.06 -56.15 -10.70
C ARG E 46 1.43 -55.80 -10.77
N ILE E 47 2.29 -56.80 -10.92
CA ILE E 47 3.73 -56.53 -10.98
C ILE E 47 4.10 -55.39 -11.89
N ASN E 48 3.61 -55.45 -13.12
CA ASN E 48 3.88 -54.42 -14.14
C ASN E 48 4.37 -53.13 -13.53
N VAL E 49 3.70 -52.67 -12.49
CA VAL E 49 4.10 -51.45 -11.80
C VAL E 49 5.60 -51.24 -11.67
N TYR E 50 6.36 -52.34 -11.63
CA TYR E 50 7.82 -52.28 -11.48
C TYR E 50 8.66 -53.08 -12.46
N TYR E 51 8.05 -53.79 -13.39
CA TYR E 51 8.83 -54.60 -14.32
C TYR E 51 8.42 -54.48 -15.79
N ASN E 52 9.01 -55.33 -16.62
CA ASN E 52 8.71 -55.34 -18.06
C ASN E 52 8.79 -56.75 -18.63
N GLU E 53 7.90 -57.04 -19.59
CA GLU E 53 7.86 -58.36 -20.23
C GLU E 53 8.72 -58.43 -21.49
N ALA E 54 9.70 -59.31 -21.49
CA ALA E 54 10.58 -59.50 -22.64
C ALA E 54 10.67 -60.99 -22.97
N ALA E 55 11.39 -61.73 -22.15
CA ALA E 55 11.55 -63.16 -22.36
C ALA E 55 10.25 -63.89 -22.01
N GLY E 56 10.08 -64.19 -20.72
CA GLY E 56 8.89 -64.89 -20.27
C GLY E 56 9.15 -65.43 -18.88
N ASN E 57 10.37 -65.15 -18.40
CA ASN E 57 10.85 -65.57 -17.09
C ASN E 57 11.71 -64.43 -16.59
N LYS E 58 11.90 -63.43 -17.46
CA LYS E 58 12.71 -62.29 -17.13
C LYS E 58 11.91 -60.98 -17.06
N TYR E 59 11.38 -60.71 -15.88
CA TYR E 59 10.64 -59.48 -15.63
C TYR E 59 11.72 -58.60 -15.04
N VAL E 60 12.22 -57.64 -15.82
CA VAL E 60 13.29 -56.77 -15.34
C VAL E 60 12.84 -55.49 -14.66
N PRO E 61 13.40 -55.22 -13.47
CA PRO E 61 13.06 -54.01 -12.75
C PRO E 61 13.20 -52.80 -13.64
N ARG E 62 12.19 -51.96 -13.61
CA ARG E 62 12.17 -50.76 -14.42
C ARG E 62 12.58 -49.54 -13.61
N ALA E 63 13.86 -49.49 -13.28
CA ALA E 63 14.43 -48.41 -12.50
C ALA E 63 15.60 -47.80 -13.27
N ILE E 64 16.19 -46.75 -12.70
CA ILE E 64 17.34 -46.14 -13.34
C ILE E 64 18.45 -46.08 -12.32
N LEU E 65 19.68 -46.34 -12.76
CA LEU E 65 20.84 -46.30 -11.86
C LEU E 65 21.79 -45.20 -12.33
N VAL E 66 21.66 -44.06 -11.68
CA VAL E 66 22.44 -42.87 -12.00
C VAL E 66 23.55 -42.64 -10.96
N ASP E 67 24.79 -42.54 -11.46
CA ASP E 67 25.94 -42.33 -10.58
C ASP E 67 27.22 -42.02 -11.34
N LEU E 68 28.01 -41.09 -10.80
CA LEU E 68 29.26 -40.66 -11.41
C LEU E 68 30.49 -41.39 -10.85
N GLU E 69 30.24 -42.44 -10.08
CA GLU E 69 31.30 -43.22 -9.46
C GLU E 69 31.10 -44.65 -9.92
N PRO E 70 31.96 -45.14 -10.82
CA PRO E 70 31.78 -46.51 -11.28
C PRO E 70 31.71 -47.52 -10.12
N GLY E 71 32.82 -47.73 -9.42
CA GLY E 71 32.87 -48.66 -8.30
C GLY E 71 31.55 -49.00 -7.63
N THR E 72 30.72 -47.99 -7.39
CA THR E 72 29.43 -48.19 -6.75
C THR E 72 28.56 -49.14 -7.54
N MET E 73 27.97 -48.65 -8.64
CA MET E 73 27.10 -49.47 -9.47
C MET E 73 27.80 -50.77 -9.86
N ASP E 74 29.12 -50.77 -9.79
CA ASP E 74 29.92 -51.95 -10.11
C ASP E 74 30.09 -52.84 -8.89
N SER E 75 29.34 -52.54 -7.84
CA SER E 75 29.34 -53.31 -6.60
C SER E 75 27.92 -53.85 -6.50
N VAL E 76 26.99 -53.04 -6.97
CA VAL E 76 25.58 -53.39 -6.98
C VAL E 76 25.32 -54.32 -8.14
N ARG E 77 26.12 -54.17 -9.19
CA ARG E 77 25.96 -55.01 -10.38
C ARG E 77 26.83 -56.26 -10.31
N SER E 78 27.73 -56.32 -9.33
CA SER E 78 28.62 -57.47 -9.18
C SER E 78 28.31 -58.32 -7.95
N GLY E 79 27.17 -58.07 -7.32
CA GLY E 79 26.81 -58.83 -6.14
C GLY E 79 25.60 -59.73 -6.33
N PRO E 80 24.65 -59.73 -5.37
CA PRO E 80 23.44 -60.56 -5.45
C PRO E 80 22.55 -60.24 -6.65
N PHE E 81 21.35 -59.72 -6.38
CA PHE E 81 20.39 -59.38 -7.43
C PHE E 81 20.96 -58.43 -8.48
N GLY E 82 22.22 -58.04 -8.32
CA GLY E 82 22.83 -57.11 -9.26
C GLY E 82 22.71 -57.45 -10.74
N GLN E 83 22.48 -58.72 -11.07
CA GLN E 83 22.40 -59.10 -12.48
C GLN E 83 20.98 -59.25 -13.03
N ILE E 84 20.07 -58.39 -12.59
CA ILE E 84 18.68 -58.44 -13.07
C ILE E 84 18.36 -57.17 -13.85
N PHE E 85 19.11 -56.11 -13.57
CA PHE E 85 18.90 -54.85 -14.28
C PHE E 85 19.47 -54.99 -15.68
N ARG E 86 18.72 -54.54 -16.68
CA ARG E 86 19.22 -54.60 -18.05
C ARG E 86 20.33 -53.54 -18.03
N PRO E 87 21.50 -53.85 -18.61
CA PRO E 87 22.63 -52.90 -18.63
C PRO E 87 22.24 -51.50 -19.09
N ASP E 88 21.23 -51.43 -19.93
CA ASP E 88 20.76 -50.17 -20.46
C ASP E 88 20.39 -49.23 -19.29
N ASN E 89 20.00 -49.83 -18.17
CA ASN E 89 19.61 -49.09 -16.97
C ASN E 89 20.75 -48.32 -16.31
N PHE E 90 21.95 -48.87 -16.40
CA PHE E 90 23.13 -48.24 -15.80
C PHE E 90 23.58 -46.96 -16.49
N VAL E 91 23.19 -45.81 -15.97
CA VAL E 91 23.65 -44.55 -16.56
C VAL E 91 24.75 -44.04 -15.67
N PHE E 92 25.96 -44.51 -15.94
CA PHE E 92 27.15 -44.15 -15.17
C PHE E 92 27.82 -42.88 -15.68
N GLY E 93 28.73 -42.34 -14.86
CA GLY E 93 29.46 -41.15 -15.24
C GLY E 93 30.86 -41.38 -14.69
N GLN E 94 31.68 -42.12 -15.42
CA GLN E 94 33.04 -42.43 -14.96
C GLN E 94 33.87 -41.23 -14.54
N SER E 95 33.31 -40.04 -14.71
CA SER E 95 33.98 -38.79 -14.35
C SER E 95 34.39 -38.86 -12.87
N GLY E 96 34.79 -37.70 -12.32
CA GLY E 96 35.15 -37.68 -10.91
C GLY E 96 33.87 -37.35 -10.16
N ALA E 97 33.24 -38.35 -9.56
CA ALA E 97 31.97 -38.14 -8.85
C ALA E 97 32.11 -37.24 -7.60
N GLY E 98 32.95 -36.22 -7.70
CA GLY E 98 33.18 -35.30 -6.59
C GLY E 98 31.98 -35.10 -5.70
N ASN E 99 32.24 -34.94 -4.41
CA ASN E 99 31.18 -34.76 -3.42
C ASN E 99 30.53 -33.39 -3.44
N ASN E 100 30.53 -32.76 -4.60
CA ASN E 100 29.96 -31.44 -4.74
C ASN E 100 28.62 -31.41 -5.46
N TRP E 101 27.64 -30.82 -4.80
CA TRP E 101 26.30 -30.68 -5.34
C TRP E 101 26.42 -30.02 -6.70
N ALA E 102 27.31 -29.06 -6.77
CA ALA E 102 27.56 -28.31 -7.97
C ALA E 102 28.24 -29.17 -9.00
N LYS E 103 29.03 -30.13 -8.56
CA LYS E 103 29.74 -30.97 -9.53
C LYS E 103 28.86 -32.03 -10.16
N GLY E 104 27.72 -32.31 -9.54
CA GLY E 104 26.82 -33.31 -10.11
C GLY E 104 25.50 -32.70 -10.59
N HIS E 105 25.41 -31.39 -10.57
CA HIS E 105 24.19 -30.73 -10.98
C HIS E 105 24.43 -29.75 -12.10
N TYR E 106 25.61 -29.13 -12.14
CA TYR E 106 25.91 -28.16 -13.19
C TYR E 106 27.05 -28.52 -14.14
N THR E 107 28.09 -29.13 -13.60
CA THR E 107 29.22 -29.41 -14.43
C THR E 107 29.42 -30.83 -14.87
N GLU E 108 29.43 -31.76 -13.95
CA GLU E 108 29.65 -33.13 -14.34
C GLU E 108 28.34 -33.83 -14.65
N GLY E 109 27.37 -33.73 -13.75
CA GLY E 109 26.10 -34.39 -13.97
C GLY E 109 25.32 -33.88 -15.16
N ALA E 110 25.34 -32.57 -15.37
CA ALA E 110 24.61 -31.96 -16.47
C ALA E 110 24.88 -32.63 -17.81
N GLU E 111 26.04 -33.27 -17.94
CA GLU E 111 26.36 -33.92 -19.20
C GLU E 111 25.66 -35.27 -19.27
N LEU E 112 25.85 -36.07 -18.23
CA LEU E 112 25.27 -37.40 -18.14
C LEU E 112 23.75 -37.40 -18.11
N VAL E 113 23.15 -36.23 -17.91
CA VAL E 113 21.70 -36.11 -17.83
C VAL E 113 20.95 -36.56 -19.08
N ASP E 114 21.29 -35.98 -20.22
CA ASP E 114 20.63 -36.32 -21.48
C ASP E 114 20.65 -37.82 -21.73
N SER E 115 21.78 -38.48 -21.40
CA SER E 115 21.89 -39.91 -21.59
C SER E 115 21.09 -40.66 -20.53
N VAL E 116 20.44 -39.92 -19.64
CA VAL E 116 19.61 -40.52 -18.61
C VAL E 116 18.19 -40.31 -19.10
N LEU E 117 17.79 -39.04 -19.22
CA LEU E 117 16.44 -38.71 -19.68
C LEU E 117 16.04 -39.63 -20.83
N ASP E 118 17.03 -39.94 -21.65
CA ASP E 118 16.87 -40.80 -22.81
C ASP E 118 16.18 -42.07 -22.35
N VAL E 119 16.78 -42.71 -21.36
CA VAL E 119 16.23 -43.95 -20.83
C VAL E 119 14.96 -43.72 -20.02
N VAL E 120 14.95 -42.70 -19.16
CA VAL E 120 13.75 -42.44 -18.36
C VAL E 120 12.53 -42.30 -19.27
N ARG E 121 12.77 -42.12 -20.58
CA ARG E 121 11.71 -42.00 -21.57
C ARG E 121 11.48 -43.37 -22.18
N LYS E 122 12.55 -44.13 -22.35
CA LYS E 122 12.42 -45.47 -22.91
C LYS E 122 11.58 -46.30 -21.94
N GLU E 123 11.72 -46.03 -20.65
CA GLU E 123 10.99 -46.76 -19.62
C GLU E 123 9.59 -46.24 -19.43
N SER E 124 9.43 -44.92 -19.55
CA SER E 124 8.11 -44.31 -19.38
C SER E 124 7.19 -44.72 -20.50
N GLU E 125 7.71 -44.68 -21.72
CA GLU E 125 6.97 -45.04 -22.92
C GLU E 125 6.94 -46.56 -23.07
N SER E 126 7.22 -47.26 -21.96
CA SER E 126 7.20 -48.71 -21.95
C SER E 126 5.84 -49.09 -22.48
N CYS E 127 4.87 -49.18 -21.57
CA CYS E 127 3.51 -49.53 -21.93
C CYS E 127 2.48 -49.04 -20.94
N ASP E 128 1.23 -49.46 -21.17
CA ASP E 128 0.08 -49.11 -20.36
C ASP E 128 0.10 -47.63 -19.96
N CYS E 129 -0.25 -47.35 -18.72
CA CYS E 129 -0.28 -45.99 -18.22
C CYS E 129 0.65 -45.76 -17.04
N LEU E 130 1.47 -44.72 -17.15
CA LEU E 130 2.42 -44.36 -16.12
C LEU E 130 1.74 -43.58 -14.99
N GLN E 131 2.16 -43.89 -13.79
CA GLN E 131 1.64 -43.26 -12.57
C GLN E 131 2.62 -42.18 -12.08
N GLY E 132 3.84 -42.61 -11.81
CA GLY E 132 4.91 -41.72 -11.33
C GLY E 132 6.24 -42.48 -11.23
N PHE E 133 7.22 -41.78 -10.68
CA PHE E 133 8.58 -42.32 -10.49
C PHE E 133 9.03 -42.24 -9.03
N GLN E 134 9.69 -43.32 -8.61
CA GLN E 134 10.28 -43.43 -7.28
C GLN E 134 11.72 -42.93 -7.36
N LEU E 135 12.10 -42.14 -6.39
CA LEU E 135 13.45 -41.55 -6.37
C LEU E 135 14.13 -41.73 -5.02
N THR E 136 15.25 -42.42 -5.07
CA THR E 136 16.09 -42.68 -3.90
C THR E 136 17.42 -41.95 -4.07
N HIS E 137 17.90 -41.43 -2.95
CA HIS E 137 19.16 -40.68 -2.90
C HIS E 137 19.36 -40.07 -1.53
N SER E 138 20.52 -39.47 -1.39
CA SER E 138 20.93 -38.78 -0.17
C SER E 138 21.22 -37.33 -0.49
N LEU E 139 20.74 -36.46 0.37
CA LEU E 139 20.93 -35.03 0.18
C LEU E 139 22.24 -34.55 0.77
N GLY E 140 23.22 -35.46 0.83
CA GLY E 140 24.51 -35.11 1.38
C GLY E 140 25.68 -35.53 0.52
N GLY E 141 25.61 -35.26 -0.78
CA GLY E 141 26.65 -35.62 -1.71
C GLY E 141 26.41 -35.10 -3.13
N GLY E 142 27.30 -35.46 -4.04
CA GLY E 142 27.16 -35.01 -5.41
C GLY E 142 26.10 -35.75 -6.18
N THR E 143 26.45 -36.95 -6.66
CA THR E 143 25.52 -37.77 -7.42
C THR E 143 24.15 -37.94 -6.79
N GLY E 144 24.02 -37.56 -5.53
CA GLY E 144 22.75 -37.71 -4.87
C GLY E 144 21.89 -36.49 -4.93
N SER E 145 22.29 -35.46 -4.19
CA SER E 145 21.53 -34.23 -4.13
C SER E 145 21.56 -33.42 -5.41
N GLY E 146 22.74 -33.27 -6.00
CA GLY E 146 22.86 -32.49 -7.22
C GLY E 146 22.29 -33.16 -8.44
N MET E 147 22.98 -34.19 -8.91
CA MET E 147 22.54 -34.90 -10.12
C MET E 147 21.16 -35.55 -10.05
N GLY E 148 20.76 -36.01 -8.87
CA GLY E 148 19.45 -36.65 -8.74
C GLY E 148 18.38 -35.58 -8.65
N THR E 149 18.75 -34.44 -8.09
CA THR E 149 17.82 -33.35 -7.93
C THR E 149 17.63 -32.69 -9.28
N LEU E 150 18.50 -33.02 -10.22
CA LEU E 150 18.38 -32.48 -11.56
C LEU E 150 17.46 -33.44 -12.33
N LEU E 151 17.76 -34.72 -12.20
CA LEU E 151 16.99 -35.74 -12.85
C LEU E 151 15.53 -35.48 -12.70
N ILE E 152 15.12 -35.00 -11.53
CA ILE E 152 13.70 -34.74 -11.32
C ILE E 152 13.25 -33.45 -11.97
N SER E 153 14.02 -32.38 -11.79
CA SER E 153 13.67 -31.09 -12.37
C SER E 153 13.37 -31.24 -13.85
N LYS E 154 13.97 -32.28 -14.45
CA LYS E 154 13.79 -32.59 -15.87
C LYS E 154 12.57 -33.49 -16.02
N ILE E 155 12.47 -34.49 -15.16
CA ILE E 155 11.33 -35.39 -15.18
C ILE E 155 10.03 -34.55 -15.07
N ARG E 156 9.97 -33.67 -14.08
CA ARG E 156 8.81 -32.81 -13.83
C ARG E 156 8.52 -31.76 -14.88
N GLU E 157 9.21 -31.83 -16.01
CA GLU E 157 9.02 -30.88 -17.09
C GLU E 157 8.52 -31.70 -18.24
N GLU E 158 8.84 -32.99 -18.14
CA GLU E 158 8.47 -33.97 -19.16
C GLU E 158 7.12 -34.63 -18.91
N TYR E 159 6.70 -34.70 -17.65
CA TYR E 159 5.41 -35.27 -17.36
C TYR E 159 4.84 -34.67 -16.09
N PRO E 160 4.53 -33.36 -16.12
CA PRO E 160 3.96 -32.69 -14.93
C PRO E 160 2.62 -33.29 -14.52
N ASP E 161 2.32 -34.45 -15.08
CA ASP E 161 1.11 -35.19 -14.80
C ASP E 161 1.40 -36.35 -13.85
N ARG E 162 2.32 -37.22 -14.26
CA ARG E 162 2.67 -38.36 -13.43
C ARG E 162 3.29 -37.83 -12.13
N ILE E 163 3.09 -38.56 -11.04
CA ILE E 163 3.61 -38.17 -9.72
C ILE E 163 5.11 -38.38 -9.53
N MET E 164 5.60 -37.90 -8.39
CA MET E 164 7.02 -37.98 -8.04
C MET E 164 7.29 -38.16 -6.55
N ASN E 165 7.42 -39.41 -6.14
CA ASN E 165 7.71 -39.70 -4.75
C ASN E 165 9.20 -39.59 -4.62
N THR E 166 9.64 -38.98 -3.54
CA THR E 166 11.06 -38.85 -3.32
C THR E 166 11.42 -39.40 -1.96
N PHE E 167 12.40 -40.31 -1.96
CA PHE E 167 12.92 -40.91 -0.75
C PHE E 167 14.30 -40.30 -0.50
N SER E 168 14.34 -39.32 0.39
CA SER E 168 15.57 -38.62 0.72
C SER E 168 16.14 -39.00 2.08
N VAL E 169 17.46 -39.12 2.12
CA VAL E 169 18.15 -39.46 3.34
C VAL E 169 18.73 -38.17 3.90
N VAL E 170 17.82 -37.30 4.34
CA VAL E 170 18.20 -36.03 4.94
C VAL E 170 19.34 -36.24 5.93
N PRO E 171 20.33 -35.33 5.93
CA PRO E 171 21.50 -35.34 6.80
C PRO E 171 21.17 -35.52 8.26
N SER E 172 21.55 -36.68 8.79
CA SER E 172 21.31 -37.01 10.18
C SER E 172 21.95 -35.96 11.08
N PRO E 173 21.33 -35.67 12.23
CA PRO E 173 21.88 -34.68 13.16
C PRO E 173 23.20 -35.06 13.84
N LYS E 174 23.10 -35.54 15.08
CA LYS E 174 24.26 -35.93 15.88
C LYS E 174 25.61 -35.91 15.13
N VAL E 175 25.76 -36.76 14.11
CA VAL E 175 27.00 -36.80 13.33
C VAL E 175 26.73 -36.81 11.84
N SER E 176 27.46 -35.99 11.11
CA SER E 176 27.31 -35.90 9.65
C SER E 176 28.34 -36.75 8.94
N ASP E 177 27.86 -37.68 8.12
CA ASP E 177 28.73 -38.60 7.40
C ASP E 177 29.45 -37.95 6.25
N THR E 178 29.46 -36.62 6.27
CA THR E 178 30.14 -35.80 5.27
C THR E 178 30.38 -34.43 5.91
N VAL E 179 31.06 -33.52 5.22
CA VAL E 179 31.37 -32.23 5.80
C VAL E 179 30.59 -31.05 5.27
N VAL E 180 30.39 -31.01 3.98
CA VAL E 180 29.66 -29.91 3.37
C VAL E 180 28.18 -30.18 3.48
N GLU E 181 27.85 -31.43 3.80
CA GLU E 181 26.49 -31.91 3.98
C GLU E 181 25.39 -30.86 3.81
N PRO E 182 25.32 -29.84 4.69
CA PRO E 182 24.28 -28.80 4.56
C PRO E 182 24.30 -28.07 3.23
N TYR E 183 25.45 -28.10 2.57
CA TYR E 183 25.60 -27.48 1.26
C TYR E 183 24.89 -28.36 0.26
N ASN E 184 25.34 -29.61 0.14
CA ASN E 184 24.71 -30.55 -0.77
C ASN E 184 23.22 -30.70 -0.43
N ALA E 185 22.87 -30.55 0.84
CA ALA E 185 21.49 -30.71 1.28
C ALA E 185 20.60 -29.53 0.95
N THR E 186 20.83 -28.42 1.64
CA THR E 186 20.04 -27.24 1.41
C THR E 186 19.77 -27.06 -0.07
N LEU E 187 20.78 -27.35 -0.88
CA LEU E 187 20.66 -27.21 -2.32
C LEU E 187 19.72 -28.21 -2.99
N SER E 188 19.61 -29.40 -2.43
CA SER E 188 18.74 -30.39 -3.02
C SER E 188 17.31 -30.27 -2.52
N VAL E 189 17.12 -29.94 -1.24
CA VAL E 189 15.76 -29.80 -0.69
C VAL E 189 15.03 -28.71 -1.49
N HIS E 190 15.79 -27.68 -1.83
CA HIS E 190 15.35 -26.56 -2.63
C HIS E 190 14.63 -27.13 -3.86
N GLN E 191 15.37 -27.94 -4.65
CA GLN E 191 14.89 -28.59 -5.88
C GLN E 191 13.68 -29.49 -5.61
N LEU E 192 13.65 -30.10 -4.44
CA LEU E 192 12.57 -30.99 -4.04
C LEU E 192 11.25 -30.25 -3.81
N VAL E 193 11.29 -29.24 -2.94
CA VAL E 193 10.14 -28.41 -2.59
C VAL E 193 9.50 -27.84 -3.82
N GLU E 194 10.09 -28.11 -4.98
CA GLU E 194 9.58 -27.52 -6.19
C GLU E 194 9.50 -28.39 -7.42
N ASN E 195 9.46 -29.70 -7.22
CA ASN E 195 9.34 -30.64 -8.31
C ASN E 195 8.61 -31.88 -7.83
N THR E 196 9.26 -32.77 -7.09
CA THR E 196 8.56 -33.97 -6.57
C THR E 196 7.36 -33.53 -5.70
N ASP E 197 6.32 -34.36 -5.60
CA ASP E 197 5.16 -33.97 -4.80
C ASP E 197 4.83 -34.89 -3.63
N GLU E 198 5.80 -35.71 -3.24
CA GLU E 198 5.71 -36.65 -2.12
C GLU E 198 7.14 -37.06 -1.78
N THR E 199 7.61 -36.66 -0.60
CA THR E 199 8.96 -36.97 -0.18
C THR E 199 8.97 -37.70 1.14
N TYR E 200 9.69 -38.81 1.20
CA TYR E 200 9.79 -39.57 2.44
C TYR E 200 11.24 -39.52 2.97
N CYS E 201 11.46 -38.61 3.92
CA CYS E 201 12.76 -38.36 4.55
C CYS E 201 13.16 -39.33 5.64
N ILE E 202 14.27 -40.01 5.40
CA ILE E 202 14.79 -41.01 6.32
C ILE E 202 16.12 -40.53 6.91
N ASP E 203 16.39 -40.88 8.17
CA ASP E 203 17.61 -40.47 8.86
C ASP E 203 18.45 -41.63 9.38
N ASN E 204 19.62 -41.82 8.79
CA ASN E 204 20.50 -42.89 9.19
C ASN E 204 20.58 -43.12 10.69
N GLU E 205 20.40 -42.08 11.49
CA GLU E 205 20.47 -42.22 12.95
C GLU E 205 19.10 -42.40 13.62
N ALA E 206 18.04 -42.06 12.90
CA ALA E 206 16.72 -42.25 13.44
C ALA E 206 16.50 -43.75 13.28
N LEU E 207 17.18 -44.31 12.28
CA LEU E 207 17.11 -45.74 11.98
C LEU E 207 17.91 -46.50 13.00
N TYR E 208 19.18 -46.16 13.15
CA TYR E 208 20.01 -46.83 14.12
C TYR E 208 19.14 -47.00 15.34
N ASP E 209 18.81 -45.89 15.98
CA ASP E 209 17.97 -45.92 17.17
C ASP E 209 16.89 -46.95 16.99
N ILE E 210 15.94 -46.65 16.13
CA ILE E 210 14.83 -47.53 15.85
C ILE E 210 15.26 -48.96 15.47
N CYS E 211 16.54 -49.12 15.19
CA CYS E 211 17.07 -50.40 14.78
C CYS E 211 17.93 -51.07 15.85
N PHE E 212 18.34 -50.30 16.85
CA PHE E 212 19.18 -50.84 17.92
C PHE E 212 18.40 -50.94 19.25
N ARG E 213 17.22 -50.34 19.30
CA ARG E 213 16.42 -50.42 20.51
C ARG E 213 15.03 -51.02 20.23
N THR E 214 14.59 -50.96 18.98
CA THR E 214 13.29 -51.50 18.60
C THR E 214 13.52 -52.84 17.92
N LEU E 215 14.81 -53.17 17.79
CA LEU E 215 15.32 -54.42 17.23
C LEU E 215 16.58 -54.46 18.06
N LYS E 216 16.60 -55.29 19.09
CA LYS E 216 17.77 -55.37 19.95
C LYS E 216 19.06 -55.52 19.13
N LEU E 217 18.94 -55.41 17.82
CA LEU E 217 20.06 -55.51 16.88
C LEU E 217 21.27 -54.70 17.37
N THR E 218 22.36 -55.40 17.68
CA THR E 218 23.59 -54.77 18.18
C THR E 218 24.57 -54.27 17.10
N THR E 219 24.58 -54.93 15.94
CA THR E 219 25.45 -54.51 14.85
C THR E 219 24.64 -54.15 13.61
N PRO E 220 23.95 -53.02 13.65
CA PRO E 220 23.13 -52.57 12.53
C PRO E 220 23.95 -52.07 11.34
N THR E 221 24.33 -53.00 10.47
CA THR E 221 25.09 -52.65 9.30
C THR E 221 24.23 -51.74 8.41
N TYR E 222 24.82 -51.10 7.40
CA TYR E 222 24.05 -50.27 6.51
C TYR E 222 22.97 -51.14 5.87
N GLY E 223 23.40 -52.26 5.30
CA GLY E 223 22.46 -53.16 4.65
C GLY E 223 21.14 -53.19 5.40
N ASP E 224 21.25 -53.22 6.72
CA ASP E 224 20.07 -53.25 7.57
C ASP E 224 19.27 -51.99 7.37
N LEU E 225 19.79 -50.87 7.85
CA LEU E 225 19.10 -49.59 7.73
C LEU E 225 18.36 -49.60 6.41
N ASN E 226 19.13 -49.76 5.34
CA ASN E 226 18.59 -49.78 3.99
C ASN E 226 17.39 -50.72 3.96
N HIS E 227 17.63 -51.94 4.42
CA HIS E 227 16.60 -52.96 4.46
C HIS E 227 15.32 -52.48 5.15
N LEU E 228 15.46 -51.83 6.29
CA LEU E 228 14.31 -51.32 7.03
C LEU E 228 13.55 -50.30 6.18
N VAL E 229 14.30 -49.37 5.62
CA VAL E 229 13.73 -48.32 4.78
C VAL E 229 12.92 -48.94 3.64
N SER E 230 13.62 -49.76 2.87
CA SER E 230 13.05 -50.45 1.70
C SER E 230 11.76 -51.18 2.09
N ALA E 231 11.65 -51.47 3.37
CA ALA E 231 10.49 -52.17 3.93
C ALA E 231 9.25 -51.27 3.89
N THR E 232 9.52 -49.99 4.11
CA THR E 232 8.47 -48.96 4.15
C THR E 232 8.00 -48.56 2.75
N MET E 233 8.96 -48.38 1.86
CA MET E 233 8.67 -47.95 0.48
C MET E 233 7.93 -49.07 -0.28
N SER E 234 7.94 -50.26 0.30
CA SER E 234 7.24 -51.41 -0.30
C SER E 234 5.78 -51.41 0.15
N GLY E 235 5.60 -50.98 1.39
CA GLY E 235 4.27 -50.87 2.01
C GLY E 235 3.48 -49.77 1.32
N VAL E 236 4.20 -48.72 0.99
CA VAL E 236 3.64 -47.54 0.31
C VAL E 236 3.08 -47.94 -1.06
N THR E 237 3.98 -47.87 -2.02
CA THR E 237 3.68 -48.18 -3.43
C THR E 237 3.16 -49.62 -3.57
N THR E 238 3.99 -50.41 -4.20
CA THR E 238 3.73 -51.83 -4.51
C THR E 238 2.52 -52.38 -3.78
N CYS E 239 2.53 -52.20 -2.45
CA CYS E 239 1.45 -52.65 -1.60
C CYS E 239 0.10 -52.24 -2.16
N LEU E 240 -0.16 -50.95 -2.14
CA LEU E 240 -1.44 -50.44 -2.62
C LEU E 240 -1.81 -50.88 -4.01
N ARG E 241 -0.85 -51.44 -4.73
CA ARG E 241 -1.11 -51.93 -6.07
C ARG E 241 -1.54 -53.37 -5.91
N PHE E 242 -2.14 -53.62 -4.75
CA PHE E 242 -2.69 -54.91 -4.39
C PHE E 242 -4.15 -54.64 -4.08
N PRO E 243 -4.96 -55.68 -3.93
CA PRO E 243 -6.38 -55.48 -3.63
C PRO E 243 -6.51 -54.97 -2.21
N GLY E 244 -7.73 -54.71 -1.78
CA GLY E 244 -7.96 -54.23 -0.42
C GLY E 244 -9.40 -53.81 -0.23
N GLN E 245 -9.90 -53.91 0.99
CA GLN E 245 -11.27 -53.51 1.24
C GLN E 245 -11.35 -52.05 0.84
N LEU E 246 -10.31 -51.31 1.25
CA LEU E 246 -10.21 -49.90 0.94
C LEU E 246 -8.80 -49.59 0.47
N ASN E 247 -8.57 -49.68 -0.83
CA ASN E 247 -7.24 -49.43 -1.33
C ASN E 247 -7.09 -48.04 -1.88
N ALA E 248 -5.85 -47.57 -1.86
CA ALA E 248 -5.49 -46.27 -2.36
C ALA E 248 -4.32 -46.49 -3.31
N ASP E 249 -3.72 -45.41 -3.80
CA ASP E 249 -2.59 -45.48 -4.71
C ASP E 249 -1.96 -44.11 -4.78
N LEU E 250 -0.64 -44.07 -4.87
CA LEU E 250 0.13 -42.83 -4.91
C LEU E 250 -0.71 -41.57 -4.88
N ARG E 251 -1.61 -41.41 -5.84
CA ARG E 251 -2.43 -40.23 -5.81
C ARG E 251 -3.24 -40.13 -4.53
N LYS E 252 -4.15 -41.08 -4.27
CA LYS E 252 -4.95 -41.02 -3.04
C LYS E 252 -3.98 -40.51 -1.97
N LEU E 253 -2.88 -41.24 -1.82
CA LEU E 253 -1.85 -40.89 -0.84
C LEU E 253 -1.45 -39.44 -1.00
N ALA E 254 -1.30 -39.02 -2.25
CA ALA E 254 -0.92 -37.64 -2.49
C ALA E 254 -2.12 -36.72 -2.27
N VAL E 255 -3.24 -37.03 -2.90
CA VAL E 255 -4.42 -36.20 -2.77
C VAL E 255 -5.11 -36.21 -1.42
N ASN E 256 -4.51 -36.85 -0.43
CA ASN E 256 -5.09 -36.90 0.91
C ASN E 256 -4.05 -36.41 1.89
N MET E 257 -2.83 -36.28 1.40
CA MET E 257 -1.76 -35.91 2.29
C MET E 257 -1.13 -34.55 2.09
N VAL E 258 -1.39 -33.94 0.96
CA VAL E 258 -0.79 -32.64 0.74
C VAL E 258 -1.82 -31.53 0.72
N PRO E 259 -1.98 -30.84 1.85
CA PRO E 259 -2.95 -29.76 1.89
C PRO E 259 -2.43 -28.59 1.08
N PHE E 260 -1.14 -28.32 1.14
CA PHE E 260 -0.63 -27.18 0.40
C PHE E 260 0.61 -27.47 -0.45
N PRO E 261 0.47 -27.30 -1.78
CA PRO E 261 1.40 -27.47 -2.89
C PRO E 261 2.91 -27.51 -2.68
N ARG E 262 3.40 -27.07 -1.53
CA ARG E 262 4.85 -27.13 -1.32
C ARG E 262 5.37 -28.46 -1.84
N LEU E 263 4.67 -29.51 -1.45
CA LEU E 263 4.96 -30.89 -1.80
C LEU E 263 4.97 -31.59 -0.47
N HIS E 264 5.51 -30.89 0.51
CA HIS E 264 5.58 -31.42 1.85
C HIS E 264 6.24 -32.77 1.92
N PHE E 265 6.94 -32.97 3.01
CA PHE E 265 7.68 -34.17 3.23
C PHE E 265 7.05 -34.92 4.38
N PHE E 266 7.10 -36.23 4.28
CA PHE E 266 6.51 -37.10 5.26
C PHE E 266 7.58 -37.79 6.09
N MET E 267 7.15 -38.77 6.87
CA MET E 267 8.07 -39.51 7.71
C MET E 267 7.45 -40.86 7.80
N PRO E 268 8.02 -41.85 7.11
CA PRO E 268 7.50 -43.22 7.12
C PRO E 268 7.78 -44.03 8.39
N GLY E 269 6.86 -44.93 8.71
CA GLY E 269 6.98 -45.77 9.89
C GLY E 269 6.36 -47.12 9.59
N PHE E 270 7.09 -48.19 9.90
CA PHE E 270 6.59 -49.54 9.66
C PHE E 270 5.84 -50.02 10.90
N ALA E 271 5.03 -51.08 10.73
CA ALA E 271 4.26 -51.61 11.85
C ALA E 271 4.94 -52.65 12.70
N PRO E 272 4.82 -53.94 12.35
CA PRO E 272 5.48 -54.89 13.23
C PRO E 272 6.97 -54.70 13.22
N LEU E 273 7.50 -54.06 14.25
CA LEU E 273 8.93 -53.87 14.31
C LEU E 273 9.41 -54.47 15.62
N THR E 274 9.34 -55.80 15.69
CA THR E 274 9.75 -56.52 16.89
C THR E 274 11.03 -57.34 16.64
N SER E 275 11.87 -57.45 17.67
CA SER E 275 13.11 -58.21 17.58
C SER E 275 12.81 -59.65 17.21
N ARG E 276 13.73 -60.34 16.55
CA ARG E 276 13.46 -61.71 16.11
C ARG E 276 12.81 -62.70 17.08
N GLY E 277 13.58 -63.66 17.58
CA GLY E 277 13.05 -64.65 18.50
C GLY E 277 12.01 -64.17 19.51
N SER E 278 12.45 -63.93 20.74
CA SER E 278 11.62 -63.47 21.84
C SER E 278 10.44 -62.60 21.48
N GLN E 279 10.68 -61.30 21.41
CA GLN E 279 9.66 -60.30 21.09
C GLN E 279 8.47 -60.79 20.27
N GLN E 280 8.71 -61.75 19.35
CA GLN E 280 7.70 -62.37 18.47
C GLN E 280 6.48 -62.66 19.34
N TYR E 281 5.95 -61.54 19.83
CA TYR E 281 4.82 -61.49 20.71
C TYR E 281 3.53 -61.63 20.00
N ARG E 282 3.52 -61.30 18.71
CA ARG E 282 2.31 -61.41 17.92
C ARG E 282 1.29 -60.41 18.40
N ALA E 283 1.62 -59.58 19.38
CA ALA E 283 0.65 -58.58 19.82
C ALA E 283 0.55 -57.71 18.58
N LEU E 284 -0.28 -58.15 17.65
CA LEU E 284 -0.46 -57.45 16.40
C LEU E 284 -1.95 -57.46 16.10
N THR E 285 -2.81 -57.60 17.11
CA THR E 285 -4.24 -57.63 16.84
C THR E 285 -4.59 -56.41 15.97
N VAL E 286 -4.02 -55.25 16.30
CA VAL E 286 -4.19 -53.99 15.59
C VAL E 286 -3.88 -52.82 16.52
N PRO E 287 -4.50 -52.80 17.70
CA PRO E 287 -4.17 -51.68 18.59
C PRO E 287 -2.68 -51.68 18.78
N GLU E 288 -2.06 -52.81 18.51
CA GLU E 288 -0.64 -52.92 18.69
C GLU E 288 0.10 -52.26 17.57
N LEU E 289 -0.47 -52.27 16.37
CA LEU E 289 0.17 -51.61 15.23
C LEU E 289 0.04 -50.10 15.34
N THR E 290 -1.13 -49.61 15.73
CA THR E 290 -1.29 -48.18 15.87
C THR E 290 -0.47 -47.77 17.08
N GLN E 291 -0.36 -48.65 18.06
CA GLN E 291 0.44 -48.32 19.22
C GLN E 291 1.79 -47.98 18.61
N GLN E 292 2.33 -48.94 17.88
CA GLN E 292 3.62 -48.79 17.23
C GLN E 292 3.63 -47.48 16.43
N MET E 293 3.33 -47.59 15.14
CA MET E 293 3.29 -46.48 14.20
C MET E 293 3.19 -45.07 14.79
N PHE E 294 2.25 -44.85 15.70
CA PHE E 294 2.08 -43.52 16.26
C PHE E 294 2.93 -43.08 17.43
N ASP E 295 3.93 -43.86 17.81
CA ASP E 295 4.77 -43.44 18.92
C ASP E 295 5.86 -42.53 18.35
N ALA E 296 6.62 -41.88 19.22
CA ALA E 296 7.71 -41.03 18.77
C ALA E 296 8.68 -41.98 18.09
N LYS E 297 9.57 -42.57 18.86
CA LYS E 297 10.51 -43.51 18.28
C LYS E 297 9.68 -44.37 17.36
N ASN E 298 10.28 -44.78 16.26
CA ASN E 298 9.65 -45.61 15.25
C ASN E 298 9.32 -44.77 14.04
N MET E 299 9.65 -43.48 14.10
CA MET E 299 9.45 -42.59 12.96
C MET E 299 10.80 -42.44 12.29
N MET E 300 10.97 -43.08 11.13
CA MET E 300 12.24 -43.03 10.44
C MET E 300 12.85 -41.65 10.35
N ALA E 301 12.04 -40.62 10.60
CA ALA E 301 12.51 -39.25 10.59
C ALA E 301 13.36 -39.04 11.83
N ALA E 302 14.01 -37.89 11.92
CA ALA E 302 14.84 -37.60 13.08
C ALA E 302 13.96 -36.95 14.12
N CYS E 303 13.19 -35.97 13.67
CA CYS E 303 12.32 -35.26 14.57
C CYS E 303 11.27 -36.16 15.16
N ASP E 304 10.70 -35.70 16.26
CA ASP E 304 9.66 -36.43 16.97
C ASP E 304 8.31 -35.76 16.83
N PRO E 305 7.33 -36.50 16.28
CA PRO E 305 5.98 -36.01 16.05
C PRO E 305 5.46 -35.24 17.25
N ARG E 306 5.69 -35.79 18.43
CA ARG E 306 5.25 -35.18 19.67
C ARG E 306 5.68 -33.73 19.75
N HIS E 307 6.53 -33.30 18.81
CA HIS E 307 7.03 -31.92 18.79
C HIS E 307 6.34 -31.04 17.75
N GLY E 308 5.18 -31.47 17.28
CA GLY E 308 4.46 -30.69 16.29
C GLY E 308 3.29 -31.43 15.65
N ARG E 309 2.16 -30.74 15.55
CA ARG E 309 0.93 -31.31 14.98
C ARG E 309 1.16 -32.06 13.69
N TYR E 310 0.10 -32.71 13.23
CA TYR E 310 0.13 -33.44 11.98
C TYR E 310 -0.87 -32.74 11.06
N LEU E 311 -0.72 -32.91 9.76
CA LEU E 311 -1.66 -32.33 8.82
C LEU E 311 -2.41 -33.51 8.28
N THR E 312 -1.66 -34.55 7.97
CA THR E 312 -2.26 -35.74 7.42
C THR E 312 -1.49 -36.95 7.88
N VAL E 313 -2.15 -38.08 7.82
CA VAL E 313 -1.57 -39.33 8.21
C VAL E 313 -2.19 -40.38 7.32
N ALA E 314 -1.41 -41.40 6.98
CA ALA E 314 -1.90 -42.44 6.10
C ALA E 314 -1.45 -43.77 6.58
N ALA E 315 -2.30 -44.46 7.33
CA ALA E 315 -1.92 -45.77 7.82
C ALA E 315 -2.26 -46.69 6.69
N VAL E 316 -1.26 -47.06 5.91
CA VAL E 316 -1.50 -47.96 4.80
C VAL E 316 -1.27 -49.40 5.33
N PHE E 317 -2.31 -49.99 5.93
CA PHE E 317 -2.22 -51.35 6.46
C PHE E 317 -2.29 -52.34 5.31
N ARG E 318 -1.75 -53.53 5.53
CA ARG E 318 -1.78 -54.58 4.51
C ARG E 318 -1.76 -55.97 5.15
N GLY E 319 -2.94 -56.41 5.58
CA GLY E 319 -3.10 -57.71 6.23
C GLY E 319 -4.54 -57.76 6.71
N ARG E 320 -5.24 -58.86 6.42
CA ARG E 320 -6.66 -59.00 6.81
C ARG E 320 -7.04 -58.52 8.23
N MET E 321 -7.89 -57.50 8.27
CA MET E 321 -8.39 -56.89 9.51
C MET E 321 -9.77 -56.28 9.32
N SER E 322 -10.40 -55.98 10.45
CA SER E 322 -11.74 -55.40 10.48
C SER E 322 -11.78 -53.92 10.20
N MET E 323 -12.46 -53.57 9.11
CA MET E 323 -12.62 -52.18 8.73
C MET E 323 -13.23 -51.43 9.87
N LYS E 324 -13.56 -52.18 10.93
CA LYS E 324 -14.14 -51.60 12.12
C LYS E 324 -13.03 -51.38 13.13
N GLU E 325 -12.25 -52.41 13.44
CA GLU E 325 -11.17 -52.24 14.42
C GLU E 325 -10.05 -51.37 13.87
N VAL E 326 -10.15 -51.04 12.59
CA VAL E 326 -9.17 -50.18 11.94
C VAL E 326 -9.75 -48.80 12.00
N ASP E 327 -10.86 -48.62 11.32
CA ASP E 327 -11.52 -47.34 11.30
C ASP E 327 -11.74 -46.81 12.71
N GLU E 328 -11.98 -47.71 13.65
CA GLU E 328 -12.21 -47.31 15.03
C GLU E 328 -10.95 -46.79 15.73
N GLN E 329 -9.97 -47.67 15.89
CA GLN E 329 -8.72 -47.33 16.54
C GLN E 329 -8.29 -45.94 16.15
N MET E 330 -8.11 -45.73 14.84
CA MET E 330 -7.72 -44.45 14.27
C MET E 330 -8.36 -43.28 14.97
N LEU E 331 -9.60 -43.46 15.37
CA LEU E 331 -10.35 -42.42 16.06
C LEU E 331 -9.81 -42.08 17.44
N ASN E 332 -9.88 -43.04 18.35
CA ASN E 332 -9.39 -42.82 19.70
C ASN E 332 -8.05 -42.15 19.56
N VAL E 333 -7.21 -42.69 18.68
CA VAL E 333 -5.91 -42.13 18.44
C VAL E 333 -6.03 -40.65 18.13
N GLN E 334 -7.04 -40.29 17.32
CA GLN E 334 -7.27 -38.91 16.95
C GLN E 334 -7.82 -38.07 18.08
N ASN E 335 -8.30 -38.72 19.13
CA ASN E 335 -8.87 -38.01 20.27
C ASN E 335 -7.95 -37.99 21.49
N LYS E 336 -7.17 -39.05 21.68
CA LYS E 336 -6.25 -39.10 22.80
C LYS E 336 -5.16 -38.05 22.57
N ASN E 337 -4.94 -37.72 21.30
CA ASN E 337 -3.90 -36.77 20.94
C ASN E 337 -4.42 -35.57 20.16
N SER E 338 -5.67 -35.18 20.44
CA SER E 338 -6.28 -34.04 19.76
C SER E 338 -5.27 -32.88 19.79
N SER E 339 -4.52 -32.82 20.88
CA SER E 339 -3.51 -31.80 21.08
C SER E 339 -2.72 -31.65 19.79
N TYR E 340 -1.95 -32.68 19.45
CA TYR E 340 -1.17 -32.61 18.22
C TYR E 340 -1.74 -33.49 17.12
N PHE E 341 -2.45 -32.83 16.22
CA PHE E 341 -3.10 -33.49 15.11
C PHE E 341 -3.80 -32.45 14.26
N VAL E 342 -3.54 -31.17 14.54
CA VAL E 342 -4.14 -30.04 13.83
C VAL E 342 -5.67 -30.19 13.81
N GLU E 343 -6.38 -29.07 13.84
CA GLU E 343 -7.83 -29.15 13.89
C GLU E 343 -8.61 -28.88 12.61
N TRP E 344 -8.16 -27.90 11.83
CA TRP E 344 -8.88 -27.57 10.61
C TRP E 344 -9.02 -28.68 9.59
N ILE E 345 -8.80 -29.92 10.06
CA ILE E 345 -8.97 -31.10 9.24
C ILE E 345 -9.70 -32.05 10.18
N PRO E 346 -11.01 -32.16 10.02
CA PRO E 346 -11.80 -33.04 10.87
C PRO E 346 -11.24 -34.47 10.97
N ASN E 347 -10.78 -35.03 9.85
CA ASN E 347 -10.23 -36.38 9.87
C ASN E 347 -8.87 -36.42 9.19
N ASN E 348 -7.83 -36.03 9.93
CA ASN E 348 -6.48 -36.00 9.41
C ASN E 348 -6.10 -37.34 8.81
N VAL E 349 -6.36 -38.38 9.56
CA VAL E 349 -6.01 -39.71 9.15
C VAL E 349 -6.68 -40.21 7.88
N LYS E 350 -5.87 -40.91 7.07
CA LYS E 350 -6.31 -41.50 5.82
C LYS E 350 -6.08 -42.99 5.99
N THR E 351 -7.12 -43.70 6.40
CA THR E 351 -7.02 -45.13 6.58
C THR E 351 -7.02 -45.79 5.22
N ALA E 352 -6.07 -46.69 5.04
CA ALA E 352 -5.92 -47.42 3.80
C ALA E 352 -5.84 -48.85 4.21
N VAL E 353 -6.35 -49.76 3.40
CA VAL E 353 -6.32 -51.18 3.77
C VAL E 353 -6.19 -52.19 2.65
N CYS E 354 -4.99 -52.72 2.52
CA CYS E 354 -4.70 -53.74 1.53
C CYS E 354 -5.24 -55.05 2.11
N ASP E 355 -4.86 -56.17 1.51
CA ASP E 355 -5.28 -57.47 1.99
C ASP E 355 -4.04 -58.28 2.29
N ILE E 356 -3.39 -58.78 1.25
CA ILE E 356 -2.19 -59.57 1.43
C ILE E 356 -1.15 -58.76 2.19
N PRO E 357 -0.53 -59.36 3.22
CA PRO E 357 0.49 -58.70 4.04
C PRO E 357 1.92 -58.97 3.57
N PRO E 358 2.91 -58.45 4.31
CA PRO E 358 4.30 -58.68 3.92
C PRO E 358 4.58 -60.17 3.97
N ARG E 359 4.82 -60.73 2.80
CA ARG E 359 5.08 -62.16 2.62
C ARG E 359 5.02 -63.00 3.89
N GLY E 360 6.06 -62.94 4.73
CA GLY E 360 6.09 -63.77 5.92
C GLY E 360 5.36 -63.32 7.18
N LEU E 361 4.73 -62.16 7.13
CA LEU E 361 4.05 -61.63 8.31
C LEU E 361 2.53 -61.76 8.23
N LYS E 362 1.87 -61.66 9.39
CA LYS E 362 0.41 -61.76 9.46
C LYS E 362 -0.30 -60.43 9.28
N MET E 363 0.28 -59.37 9.83
CA MET E 363 -0.33 -58.05 9.73
C MET E 363 0.67 -56.93 9.94
N SER E 364 0.69 -56.00 8.99
CA SER E 364 1.57 -54.83 9.02
C SER E 364 0.78 -53.59 8.60
N ALA E 365 1.45 -52.43 8.66
CA ALA E 365 0.81 -51.15 8.30
C ALA E 365 1.82 -50.02 8.19
N THR E 366 2.05 -49.59 6.95
CA THR E 366 2.98 -48.51 6.70
C THR E 366 2.34 -47.21 7.14
N PHE E 367 3.16 -46.33 7.70
CA PHE E 367 2.71 -45.04 8.18
C PHE E 367 3.41 -43.94 7.41
N ILE E 368 2.62 -43.02 6.89
CA ILE E 368 3.17 -41.93 6.13
C ILE E 368 2.65 -40.67 6.76
N GLY E 369 3.43 -40.08 7.66
CA GLY E 369 2.98 -38.89 8.34
C GLY E 369 3.44 -37.55 7.78
N ASN E 370 2.51 -36.62 7.69
CA ASN E 370 2.83 -35.29 7.20
C ASN E 370 2.81 -34.32 8.35
N SER E 371 3.64 -34.56 9.35
CA SER E 371 3.62 -33.67 10.50
C SER E 371 4.47 -32.43 10.37
N THR E 372 4.01 -31.41 11.07
CA THR E 372 4.62 -30.08 11.10
C THR E 372 5.91 -30.17 11.88
N ALA E 373 6.16 -31.33 12.47
CA ALA E 373 7.36 -31.53 13.24
C ALA E 373 8.60 -31.45 12.38
N ILE E 374 8.48 -31.87 11.13
CA ILE E 374 9.64 -31.86 10.26
C ILE E 374 10.15 -30.47 10.03
N GLN E 375 9.55 -29.52 10.73
CA GLN E 375 9.99 -28.14 10.65
C GLN E 375 11.37 -28.17 11.32
N GLU E 376 11.41 -28.75 12.50
CA GLU E 376 12.63 -28.89 13.27
C GLU E 376 13.69 -29.77 12.66
N LEU E 377 13.80 -29.77 11.35
CA LEU E 377 14.85 -30.55 10.70
C LEU E 377 15.45 -29.70 9.63
N PHE E 378 14.57 -29.05 8.87
CA PHE E 378 15.01 -28.17 7.82
C PHE E 378 15.62 -27.01 8.55
N LYS E 379 15.19 -26.81 9.79
CA LYS E 379 15.75 -25.75 10.63
C LYS E 379 17.20 -26.15 10.77
N ARG E 380 17.40 -27.33 11.35
CA ARG E 380 18.71 -27.88 11.57
C ARG E 380 19.56 -27.61 10.34
N ILE E 381 19.26 -28.32 9.26
CA ILE E 381 19.97 -28.17 8.03
C ILE E 381 20.25 -26.71 7.76
N SER E 382 19.19 -25.92 7.62
CA SER E 382 19.32 -24.50 7.34
C SER E 382 20.30 -23.81 8.28
N GLU E 383 20.31 -24.21 9.55
CA GLU E 383 21.27 -23.61 10.48
C GLU E 383 22.69 -23.91 10.01
N GLN E 384 23.04 -25.20 10.01
CA GLN E 384 24.36 -25.64 9.58
C GLN E 384 24.89 -24.86 8.39
N PHE E 385 23.99 -24.56 7.46
CA PHE E 385 24.37 -23.81 6.28
C PHE E 385 24.94 -22.48 6.72
N THR E 386 24.06 -21.57 7.09
CA THR E 386 24.43 -20.25 7.56
C THR E 386 25.72 -20.20 8.40
N ALA E 387 25.80 -21.05 9.43
CA ALA E 387 26.97 -21.08 10.31
C ALA E 387 28.25 -21.26 9.52
N MET E 388 28.14 -21.92 8.36
CA MET E 388 29.30 -22.16 7.51
C MET E 388 29.27 -21.33 6.25
N PHE E 389 28.08 -20.99 5.81
CA PHE E 389 28.00 -20.19 4.62
C PHE E 389 28.65 -18.89 5.03
N ARG E 390 28.18 -18.31 6.13
CA ARG E 390 28.73 -17.07 6.59
C ARG E 390 30.23 -16.93 6.28
N ARG E 391 30.99 -18.01 6.44
CA ARG E 391 32.42 -17.95 6.18
C ARG E 391 32.80 -18.57 4.83
N LYS E 392 31.80 -18.90 4.02
CA LYS E 392 32.00 -19.48 2.69
C LYS E 392 32.87 -20.72 2.72
N ALA E 393 32.88 -21.38 3.89
CA ALA E 393 33.67 -22.57 4.15
C ALA E 393 34.18 -23.28 2.92
N PHE E 394 33.63 -24.42 2.57
CA PHE E 394 34.12 -25.12 1.40
C PHE E 394 33.32 -24.67 0.19
N LEU E 395 33.27 -23.36 -0.02
CA LEU E 395 32.51 -22.85 -1.13
C LEU E 395 33.30 -22.87 -2.43
N HIS E 396 34.62 -22.72 -2.35
CA HIS E 396 35.41 -22.71 -3.58
C HIS E 396 35.24 -23.98 -4.43
N TRP E 397 34.85 -25.08 -3.81
CA TRP E 397 34.65 -26.34 -4.51
C TRP E 397 33.35 -26.29 -5.29
N TYR E 398 32.52 -25.31 -5.00
CA TYR E 398 31.25 -25.17 -5.70
C TYR E 398 31.47 -24.15 -6.81
N THR E 399 31.73 -22.92 -6.42
CA THR E 399 31.96 -21.85 -7.39
C THR E 399 32.98 -22.28 -8.43
N GLY E 400 34.13 -22.77 -7.99
CA GLY E 400 35.17 -23.22 -8.88
C GLY E 400 34.66 -24.25 -9.88
N GLU E 401 33.42 -24.68 -9.66
CA GLU E 401 32.79 -25.65 -10.54
C GLU E 401 31.70 -24.96 -11.33
N GLY E 402 31.78 -23.64 -11.40
CA GLY E 402 30.76 -22.92 -12.13
C GLY E 402 29.48 -22.96 -11.33
N MET E 403 29.42 -22.12 -10.31
CA MET E 403 28.25 -22.01 -9.45
C MET E 403 28.03 -20.52 -9.26
N ASP E 404 27.18 -20.16 -8.32
CA ASP E 404 26.88 -18.76 -8.06
C ASP E 404 26.77 -18.49 -6.56
N GLU E 405 27.17 -17.29 -6.15
CA GLU E 405 27.11 -16.90 -4.74
C GLU E 405 25.66 -16.59 -4.39
N MET E 406 24.85 -16.45 -5.43
CA MET E 406 23.43 -16.16 -5.29
C MET E 406 22.62 -17.47 -5.32
N GLU E 407 23.26 -18.54 -5.80
CA GLU E 407 22.62 -19.85 -5.87
C GLU E 407 22.39 -20.40 -4.46
N PHE E 408 23.44 -20.35 -3.65
CA PHE E 408 23.37 -20.82 -2.29
C PHE E 408 22.39 -19.97 -1.54
N THR E 409 22.43 -18.65 -1.79
CA THR E 409 21.52 -17.75 -1.11
C THR E 409 20.11 -18.23 -1.37
N GLU E 410 19.81 -18.37 -2.65
CA GLU E 410 18.53 -18.84 -3.13
C GLU E 410 17.99 -20.02 -2.33
N ALA E 411 18.65 -21.16 -2.48
CA ALA E 411 18.26 -22.37 -1.80
C ALA E 411 17.98 -22.18 -0.33
N GLU E 412 18.97 -21.76 0.43
CA GLU E 412 18.74 -21.56 1.85
C GLU E 412 17.44 -20.86 2.09
N SER E 413 17.34 -19.64 1.57
CA SER E 413 16.13 -18.85 1.73
C SER E 413 14.93 -19.74 1.45
N ASN E 414 14.78 -20.13 0.19
CA ASN E 414 13.70 -21.02 -0.22
C ASN E 414 13.42 -22.05 0.85
N MET E 415 14.32 -23.02 0.98
CA MET E 415 14.16 -24.06 1.96
C MET E 415 13.96 -23.49 3.35
N ASN E 416 14.54 -22.31 3.59
CA ASN E 416 14.42 -21.65 4.90
C ASN E 416 12.99 -21.15 5.10
N ASP E 417 12.40 -20.61 4.04
CA ASP E 417 11.03 -20.12 4.07
C ASP E 417 10.13 -21.33 4.31
N LEU E 418 10.50 -22.42 3.63
CA LEU E 418 9.79 -23.68 3.73
C LEU E 418 9.55 -24.09 5.18
N VAL E 419 10.48 -23.69 6.05
CA VAL E 419 10.39 -23.95 7.49
C VAL E 419 9.28 -23.08 8.03
N SER E 420 9.37 -21.81 7.67
CA SER E 420 8.39 -20.83 8.07
C SER E 420 6.97 -21.37 7.90
N GLU E 421 6.59 -21.48 6.64
CA GLU E 421 5.26 -21.95 6.22
C GLU E 421 4.74 -23.08 7.11
N TYR E 422 5.51 -24.14 7.16
CA TYR E 422 5.16 -25.36 7.92
C TYR E 422 4.68 -25.04 9.34
N GLN E 423 5.12 -23.90 9.85
CA GLN E 423 4.75 -23.48 11.21
C GLN E 423 3.36 -22.83 11.20
N GLN E 424 3.02 -22.31 10.03
CA GLN E 424 1.74 -21.62 9.80
C GLN E 424 0.55 -22.52 10.11
N TYR E 425 0.84 -23.79 10.33
CA TYR E 425 -0.21 -24.79 10.59
C TYR E 425 -0.06 -25.37 12.00
N GLN E 426 1.17 -25.43 12.46
CA GLN E 426 1.46 -25.88 13.82
C GLN E 426 0.72 -24.92 14.76
N ASP E 427 0.29 -23.79 14.18
CA ASP E 427 -0.44 -22.74 14.90
C ASP E 427 -1.79 -22.45 14.23
#